data_6TEO
#
_entry.id   6TEO
#
_cell.length_a   173.110
_cell.length_b   158.590
_cell.length_c   110.700
_cell.angle_alpha   90.00
_cell.angle_beta   116.54
_cell.angle_gamma   90.00
#
_symmetry.space_group_name_H-M   'C 1 2 1'
#
loop_
_entity.id
_entity.type
_entity.pdbx_description
1 polymer 'Pre-mRNA-splicing factor SNU114'
2 polymer 'Pre-mRNA-splicing factor 8'
3 non-polymer 'SULFATE ION'
4 non-polymer "GUANOSINE-5'-TRIPHOSPHATE"
5 non-polymer 'MAGNESIUM ION'
6 water water
#
loop_
_entity_poly.entity_id
_entity_poly.type
_entity_poly.pdbx_seq_one_letter_code
_entity_poly.pdbx_strand_id
1 'polypeptide(L)'
;MKEVEVLMETKNTQSPQTPLVEPVTERTKLQEHTIFTQLKKNIPKTRYNRDYMLSMANIPERIINVGVIGPLHSGKTSLM
DLLVIDSHKRIPDMSKNVELGWKPLRYLDNLKQEIDRGLSIKLNGSTLLCTDLESKSRMINFLDAPGHVNFMDETAVALA
ASDLVLIVIDVVEGVTFVVEQLIKQSIKNNVAMCFVINKLDRLILDLKLPPMDAYLKLNHIIANINSFTKGNVFSPIDNN
IIFASTKLGFTFTIKEFVSYYYAHSIPSSKIDDFTTRLWGSVYYHKGNFRTKPFENVEKYPTFVEFILIPLYKIFSYALS
MEKDKLKNLLRSNFRVNLSQEALQYDPQPFLKHVLQLIFRQQTGLVDAITRCYQPFELFDNKTAHLSIPGKSTPEGTLWA
HVLKTVDYGGAEWSLVRIYSGLLKRGDTVRILDTSQSESRQKRQLHDISKTETSNEDEDEDDETPSCEVEEIGLLGGRYV
YPVHEAHKGQIVLIKGISSAYIKSATLYSVKSKEDMKQLKFFKPLDYITEAVFKIVLQPLLPRELPKLLDALNKISKYYP
GVIIKVEESGEHVILGNGELYMDCLLYDLRASYAKIEIKISDPLTVFSESCSNESFASIPVSNSISRLGEENLPGLSISV
AAEPMDSKMIQDLSRNTLGKGQNCLDIDGIMDNPRKLSKILRTEYGWDSLASRNVWSFYNGNVLINDTLPDEISPELLSK
YKEQIIQGFYWAVKEGPLAEEPIYGVQYKLLSISVPSDVNIDVMKSQIIPLMKKACYVGLLTAIPILLEPIYEVDITVHA
PLLPIVEELMKKRRGSRIYKTIKVAGTPLLEVRGQVPVIESAGFETDLRLSTNGLGMCQLYFWHKIWRKVPGDVLDKDAF
IPKLKPAPINSLSRDFVMKTRRRKGISTGGFMSNDGPTLEKYISAELYAQLRENGLVPWSHPQFEK
;
A,C
2 'polypeptide(L)'
;MWSHPQFEKSTPLRDEVTDKNYYYLFDKKSFFNGKALNNAIPGGPKFEPLYPREEEEDYNEFNSIDRVIFRVPIRSEYKV
AFPHLYNSRPRSVRIPWYNNPVSCIIQNDEEYDTPALFFDPSLNPIPHFIDNNSSLNVSNTKENGDFTLPEDFAPLLAEE
EELILPNTKDAMSLYHSPFPFNRTKGKMVRAQDVALAKKWFLQHPDEEYPVKVKVSYQKLLKNYVLNELHPTLPTNHNKT
KLLKSLKNTK
;
B,D
#
# COMPACT_ATOMS: atom_id res chain seq x y z
N PHE A 36 27.92 -7.62 45.29
CA PHE A 36 28.02 -8.96 45.85
C PHE A 36 27.37 -10.01 44.92
N THR A 37 27.99 -11.19 44.85
CA THR A 37 27.51 -12.23 43.96
C THR A 37 26.25 -12.91 44.49
N GLN A 38 26.25 -13.25 45.77
CA GLN A 38 25.17 -13.98 46.45
C GLN A 38 25.07 -15.37 45.82
N LEU A 39 23.88 -15.80 45.37
CA LEU A 39 23.65 -17.09 44.75
C LEU A 39 23.96 -17.12 43.25
N LYS A 40 24.49 -16.03 42.70
CA LYS A 40 24.80 -15.96 41.26
C LYS A 40 26.01 -16.81 40.88
N LYS A 41 26.76 -17.32 41.86
CA LYS A 41 27.96 -18.10 41.57
C LYS A 41 27.67 -19.36 40.77
N ASN A 42 26.41 -19.80 40.70
CA ASN A 42 26.08 -21.08 40.08
C ASN A 42 25.59 -20.95 38.64
N ILE A 43 25.10 -19.79 38.24
CA ILE A 43 24.58 -19.62 36.88
C ILE A 43 25.69 -19.84 35.86
N PRO A 44 25.43 -20.51 34.74
CA PRO A 44 26.48 -20.71 33.73
C PRO A 44 26.86 -19.41 33.04
N LYS A 45 28.14 -19.26 32.74
CA LYS A 45 28.62 -18.10 32.02
C LYS A 45 28.22 -18.17 30.55
N THR A 46 28.04 -17.00 29.95
CA THR A 46 27.69 -16.88 28.54
C THR A 46 28.94 -16.60 27.72
N ARG A 47 29.01 -17.23 26.54
CA ARG A 47 30.14 -17.00 25.64
C ARG A 47 30.38 -15.52 25.42
N TYR A 48 29.30 -14.76 25.20
CA TYR A 48 29.37 -13.32 25.17
C TYR A 48 29.29 -12.76 26.59
N ASN A 49 29.90 -11.60 26.79
CA ASN A 49 29.81 -10.94 28.09
C ASN A 49 28.41 -10.36 28.28
N ARG A 50 27.74 -10.77 29.35
CA ARG A 50 26.38 -10.29 29.61
C ARG A 50 26.31 -8.78 29.74
N ASP A 51 27.37 -8.15 30.25
CA ASP A 51 27.37 -6.69 30.34
C ASP A 51 27.27 -6.03 28.97
N TYR A 52 27.84 -6.67 27.94
CA TYR A 52 27.61 -6.22 26.57
C TYR A 52 26.13 -6.33 26.22
N MET A 53 25.50 -7.45 26.55
CA MET A 53 24.08 -7.63 26.28
C MET A 53 23.25 -6.55 26.97
N LEU A 54 23.55 -6.25 28.24
CA LEU A 54 22.82 -5.21 28.95
C LEU A 54 23.01 -3.85 28.30
N SER A 55 24.18 -3.61 27.69
CA SER A 55 24.41 -2.33 27.03
C SER A 55 23.47 -2.12 25.85
N MET A 56 22.99 -3.22 25.25
CA MET A 56 22.06 -3.12 24.12
C MET A 56 20.77 -2.43 24.54
N ALA A 57 20.32 -2.65 25.78
CA ALA A 57 19.05 -2.11 26.23
C ALA A 57 19.06 -0.59 26.34
N ASN A 58 20.24 0.03 26.34
CA ASN A 58 20.31 1.49 26.38
C ASN A 58 19.68 2.11 25.14
N ILE A 59 19.73 1.40 24.01
CA ILE A 59 19.09 1.84 22.77
C ILE A 59 17.77 1.08 22.62
N PRO A 60 16.62 1.74 22.75
CA PRO A 60 15.34 1.02 22.62
C PRO A 60 15.18 0.28 21.30
N GLU A 61 15.77 0.77 20.21
CA GLU A 61 15.64 0.08 18.93
C GLU A 61 16.44 -1.21 18.86
N ARG A 62 17.21 -1.53 19.89
CA ARG A 62 18.08 -2.70 19.88
C ARG A 62 17.53 -3.88 20.65
N ILE A 63 16.31 -3.78 21.19
CA ILE A 63 15.67 -4.88 21.90
C ILE A 63 14.51 -5.38 21.07
N ILE A 64 14.36 -6.70 21.01
CA ILE A 64 13.27 -7.35 20.29
C ILE A 64 12.63 -8.38 21.21
N ASN A 65 11.31 -8.28 21.38
CA ASN A 65 10.57 -9.20 22.24
C ASN A 65 9.91 -10.26 21.36
N VAL A 66 10.37 -11.49 21.48
CA VAL A 66 9.92 -12.59 20.65
C VAL A 66 9.31 -13.66 21.56
N GLY A 67 8.12 -14.14 21.18
CA GLY A 67 7.47 -15.21 21.90
C GLY A 67 7.31 -16.43 21.02
N VAL A 68 7.66 -17.59 21.54
CA VAL A 68 7.60 -18.84 20.79
C VAL A 68 6.31 -19.54 21.15
N ILE A 69 5.43 -19.73 20.15
CA ILE A 69 4.13 -20.34 20.36
C ILE A 69 3.91 -21.39 19.29
N GLY A 70 2.90 -22.23 19.50
CA GLY A 70 2.59 -23.31 18.58
C GLY A 70 1.70 -24.36 19.21
N PRO A 71 1.37 -25.40 18.44
CA PRO A 71 0.55 -26.50 18.98
C PRO A 71 1.31 -27.34 19.99
N LEU A 72 0.62 -28.32 20.57
CA LEU A 72 1.22 -29.20 21.56
C LEU A 72 2.36 -30.02 20.96
N HIS A 73 3.52 -29.97 21.61
CA HIS A 73 4.65 -30.83 21.30
C HIS A 73 5.14 -30.63 19.87
N SER A 74 5.27 -29.37 19.46
CA SER A 74 5.79 -29.04 18.14
C SER A 74 7.30 -28.86 18.15
N GLY A 75 7.86 -28.27 19.21
CA GLY A 75 9.30 -28.20 19.34
C GLY A 75 9.84 -26.96 20.02
N LYS A 76 8.93 -26.09 20.47
CA LYS A 76 9.35 -24.78 20.97
C LYS A 76 10.19 -24.89 22.23
N THR A 77 9.88 -25.85 23.12
CA THR A 77 10.75 -26.02 24.29
C THR A 77 12.10 -26.57 23.87
N SER A 78 12.11 -27.53 22.95
CA SER A 78 13.36 -28.03 22.38
C SER A 78 14.04 -27.03 21.46
N LEU A 79 13.28 -26.07 20.90
CA LEU A 79 13.90 -25.03 20.09
C LEU A 79 14.71 -24.07 20.96
N MET A 80 14.14 -23.65 22.09
CA MET A 80 14.86 -22.77 22.99
C MET A 80 16.11 -23.45 23.55
N ASP A 81 16.12 -24.78 23.59
CA ASP A 81 17.29 -25.52 24.02
C ASP A 81 18.51 -25.13 23.19
N LEU A 82 18.36 -25.16 21.86
CA LEU A 82 19.42 -24.76 20.95
C LEU A 82 19.96 -23.38 21.31
N LEU A 83 19.09 -22.37 21.33
CA LEU A 83 19.51 -21.02 21.62
C LEU A 83 20.16 -20.92 23.00
N VAL A 84 19.58 -21.59 24.00
CA VAL A 84 20.18 -21.59 25.34
C VAL A 84 21.55 -22.25 25.30
N ILE A 85 21.68 -23.36 24.56
CA ILE A 85 22.95 -24.06 24.48
C ILE A 85 23.97 -23.23 23.70
N ASP A 86 23.58 -22.71 22.54
CA ASP A 86 24.50 -21.92 21.72
C ASP A 86 24.96 -20.66 22.45
N SER A 87 24.17 -20.16 23.39
CA SER A 87 24.53 -18.94 24.11
C SER A 87 25.38 -19.19 25.34
N HIS A 88 25.43 -20.41 25.85
CA HIS A 88 26.08 -20.71 27.11
C HIS A 88 27.26 -21.64 26.90
N LYS A 89 28.26 -21.53 27.79
CA LYS A 89 29.54 -22.20 27.58
C LYS A 89 29.50 -23.65 28.04
N ARG A 90 28.97 -23.90 29.24
CA ARG A 90 28.76 -25.27 29.71
C ARG A 90 27.61 -25.29 30.71
N ILE A 91 26.85 -26.38 30.67
CA ILE A 91 25.66 -26.54 31.50
C ILE A 91 25.99 -27.47 32.66
N PRO A 92 25.94 -27.01 33.91
CA PRO A 92 26.15 -27.93 35.04
C PRO A 92 25.01 -28.93 35.17
N ASP A 93 25.34 -30.04 35.82
CA ASP A 93 24.40 -31.14 36.07
C ASP A 93 23.86 -31.72 34.77
N MET A 94 24.68 -31.74 33.73
CA MET A 94 24.28 -32.28 32.43
C MET A 94 25.15 -33.52 32.14
N SER A 95 25.79 -33.60 30.98
CA SER A 95 26.77 -34.63 30.64
C SER A 95 26.21 -36.04 30.69
N LYS A 96 24.90 -36.22 30.54
CA LYS A 96 24.29 -37.54 30.59
C LYS A 96 23.93 -37.96 29.16
N ASN A 97 22.70 -38.40 28.86
CA ASN A 97 22.35 -38.67 27.47
C ASN A 97 22.04 -37.39 26.70
N VAL A 98 21.82 -36.28 27.40
CA VAL A 98 21.52 -35.02 26.73
C VAL A 98 22.68 -34.58 25.86
N GLU A 99 23.91 -34.74 26.37
CA GLU A 99 25.09 -34.37 25.59
C GLU A 99 25.12 -35.13 24.27
N LEU A 100 24.74 -36.41 24.30
CA LEU A 100 24.65 -37.20 23.09
C LEU A 100 23.35 -36.97 22.33
N GLY A 101 22.38 -36.28 22.93
CA GLY A 101 21.13 -36.01 22.26
C GLY A 101 20.08 -37.09 22.39
N TRP A 102 20.26 -38.05 23.31
CA TRP A 102 19.27 -39.09 23.46
C TRP A 102 17.99 -38.57 24.13
N LYS A 103 18.13 -37.58 25.01
CA LYS A 103 16.98 -37.01 25.70
C LYS A 103 17.19 -35.50 25.76
N PRO A 104 16.15 -34.73 25.47
CA PRO A 104 16.31 -33.27 25.44
C PRO A 104 16.61 -32.67 26.81
N LEU A 105 17.28 -31.52 26.79
CA LEU A 105 17.57 -30.74 27.99
C LEU A 105 16.43 -29.75 28.17
N ARG A 106 15.39 -30.16 28.88
CA ARG A 106 14.21 -29.31 29.00
C ARG A 106 14.55 -28.13 29.89
N TYR A 107 15.40 -27.24 29.37
CA TYR A 107 15.90 -26.12 30.16
C TYR A 107 14.78 -25.17 30.57
N LEU A 108 13.79 -24.98 29.71
CA LEU A 108 12.69 -24.08 29.99
C LEU A 108 11.56 -24.72 30.76
N ASP A 109 11.42 -26.05 30.69
CA ASP A 109 10.40 -26.79 31.43
C ASP A 109 11.07 -27.39 32.67
N ASN A 110 11.05 -26.64 33.77
CA ASN A 110 11.74 -27.03 34.99
C ASN A 110 10.83 -27.46 36.13
N LEU A 111 9.56 -27.06 36.12
CA LEU A 111 8.65 -27.46 37.19
C LEU A 111 8.53 -28.99 37.23
N LYS A 112 8.50 -29.54 38.44
CA LYS A 112 8.41 -30.99 38.58
C LYS A 112 7.23 -31.56 37.80
N GLN A 113 6.08 -30.88 37.86
CA GLN A 113 4.93 -31.31 37.07
C GLN A 113 5.23 -31.22 35.58
N GLU A 114 6.03 -30.25 35.16
CA GLU A 114 6.45 -30.16 33.77
C GLU A 114 7.35 -31.32 33.37
N ILE A 115 8.18 -31.79 34.29
CA ILE A 115 9.11 -32.88 33.95
C ILE A 115 8.40 -34.21 33.86
N ASP A 116 7.44 -34.46 34.77
CA ASP A 116 6.74 -35.73 34.76
C ASP A 116 5.77 -35.84 33.59
N ARG A 117 5.14 -34.72 33.22
CA ARG A 117 4.12 -34.73 32.17
C ARG A 117 4.71 -34.62 30.76
N GLY A 118 5.91 -34.07 30.62
CA GLY A 118 6.52 -33.92 29.31
C GLY A 118 5.93 -32.84 28.43
N LEU A 119 5.60 -31.68 28.99
CA LEU A 119 5.07 -30.57 28.21
C LEU A 119 5.25 -29.27 29.00
N SER A 120 5.49 -28.17 28.28
CA SER A 120 5.44 -26.87 28.94
C SER A 120 4.07 -26.69 29.60
N ILE A 121 4.08 -26.23 30.86
CA ILE A 121 2.87 -25.98 31.62
C ILE A 121 2.67 -24.49 31.88
N LYS A 122 3.75 -23.78 32.22
CA LYS A 122 3.70 -22.36 32.49
C LYS A 122 4.73 -21.63 31.63
N LEU A 123 4.40 -20.39 31.30
CA LEU A 123 5.27 -19.58 30.46
C LEU A 123 6.63 -19.37 31.10
N ASN A 124 7.67 -19.68 30.34
CA ASN A 124 9.05 -19.46 30.75
C ASN A 124 9.75 -18.71 29.63
N GLY A 125 11.01 -18.33 29.84
CA GLY A 125 11.70 -17.55 28.84
C GLY A 125 13.18 -17.47 29.10
N SER A 126 13.84 -16.66 28.28
CA SER A 126 15.29 -16.49 28.34
C SER A 126 15.74 -15.27 27.56
N THR A 127 16.48 -14.37 28.22
CA THR A 127 16.99 -13.17 27.58
C THR A 127 18.39 -13.46 27.03
N LEU A 128 18.52 -13.36 25.71
CA LEU A 128 19.75 -13.77 25.04
C LEU A 128 20.23 -12.70 24.08
N LEU A 129 21.55 -12.58 23.96
CA LEU A 129 22.18 -11.74 22.95
C LEU A 129 22.39 -12.57 21.69
N CYS A 130 21.77 -12.14 20.59
CA CYS A 130 21.82 -12.88 19.33
C CYS A 130 22.28 -11.97 18.20
N THR A 131 22.89 -12.58 17.20
CA THR A 131 23.50 -11.86 16.08
C THR A 131 22.97 -12.41 14.77
N ASP A 132 22.62 -11.51 13.85
CA ASP A 132 22.09 -11.89 12.55
C ASP A 132 23.23 -12.16 11.57
N LEU A 133 22.86 -12.50 10.33
CA LEU A 133 23.86 -12.76 9.29
C LEU A 133 24.57 -11.49 8.83
N GLU A 134 24.09 -10.31 9.22
CA GLU A 134 24.76 -9.06 8.92
C GLU A 134 25.60 -8.57 10.08
N SER A 135 25.91 -9.45 11.04
CA SER A 135 26.83 -9.21 12.15
C SER A 135 26.32 -8.18 13.16
N LYS A 136 25.09 -7.68 13.02
CA LYS A 136 24.53 -6.75 13.99
C LYS A 136 23.81 -7.54 15.09
N SER A 137 24.09 -7.19 16.34
CA SER A 137 23.62 -7.94 17.49
C SER A 137 22.45 -7.22 18.16
N ARG A 138 21.54 -8.00 18.73
CA ARG A 138 20.41 -7.50 19.51
C ARG A 138 20.26 -8.30 20.79
N MET A 139 19.75 -7.62 21.82
CA MET A 139 19.21 -8.32 22.99
C MET A 139 17.77 -8.68 22.68
N ILE A 140 17.47 -9.97 22.62
CA ILE A 140 16.18 -10.45 22.16
C ILE A 140 15.59 -11.33 23.26
N ASN A 141 14.40 -10.94 23.74
CA ASN A 141 13.79 -11.54 24.91
C ASN A 141 12.85 -12.66 24.47
N PHE A 142 13.27 -13.90 24.66
CA PHE A 142 12.47 -15.06 24.27
C PHE A 142 11.51 -15.46 25.38
N LEU A 143 10.28 -15.80 24.99
CA LEU A 143 9.28 -16.34 25.90
C LEU A 143 8.74 -17.62 25.31
N ASP A 144 8.92 -18.73 26.01
CA ASP A 144 8.50 -20.04 25.54
C ASP A 144 7.12 -20.34 26.10
N ALA A 145 6.10 -20.38 25.21
CA ALA A 145 4.74 -20.58 25.66
C ALA A 145 4.30 -22.03 25.53
N PRO A 146 3.42 -22.49 26.42
CA PRO A 146 2.94 -23.88 26.31
C PRO A 146 2.07 -24.08 25.09
N GLY A 147 2.14 -25.29 24.54
CA GLY A 147 1.39 -25.63 23.35
C GLY A 147 0.06 -26.33 23.60
N HIS A 148 -0.11 -26.90 24.79
CA HIS A 148 -1.36 -27.57 25.09
C HIS A 148 -2.51 -26.57 25.07
N VAL A 149 -3.66 -27.03 24.57
CA VAL A 149 -4.84 -26.18 24.48
C VAL A 149 -5.24 -25.64 25.84
N ASN A 150 -5.07 -26.44 26.89
CA ASN A 150 -5.47 -26.00 28.23
C ASN A 150 -4.74 -24.74 28.66
N PHE A 151 -3.48 -24.61 28.27
CA PHE A 151 -2.65 -23.48 28.65
C PHE A 151 -2.68 -22.34 27.64
N MET A 152 -3.79 -22.16 26.92
CA MET A 152 -3.93 -21.05 26.00
C MET A 152 -3.83 -19.71 26.72
N ASP A 153 -4.28 -19.64 27.98
CA ASP A 153 -4.14 -18.42 28.76
C ASP A 153 -2.69 -17.98 28.88
N GLU A 154 -1.75 -18.92 28.77
CA GLU A 154 -0.34 -18.59 28.87
C GLU A 154 0.15 -17.89 27.61
N THR A 155 -0.13 -18.47 26.44
CA THR A 155 0.28 -17.85 25.18
C THR A 155 -0.36 -16.49 24.99
N ALA A 156 -1.55 -16.27 25.57
CA ALA A 156 -2.16 -14.95 25.53
C ALA A 156 -1.30 -13.93 26.27
N VAL A 157 -0.64 -14.36 27.35
CA VAL A 157 0.32 -13.48 28.01
C VAL A 157 1.52 -13.24 27.09
N ALA A 158 1.96 -14.28 26.38
CA ALA A 158 3.07 -14.13 25.44
C ALA A 158 2.72 -13.17 24.31
N LEU A 159 1.52 -13.34 23.73
CA LEU A 159 1.08 -12.41 22.69
C LEU A 159 1.00 -10.98 23.20
N ALA A 160 0.54 -10.80 24.44
CA ALA A 160 0.49 -9.48 25.04
C ALA A 160 1.88 -8.89 25.28
N ALA A 161 2.91 -9.74 25.37
CA ALA A 161 4.25 -9.27 25.68
C ALA A 161 5.16 -9.18 24.45
N SER A 162 4.93 -10.00 23.44
CA SER A 162 5.87 -10.14 22.35
C SER A 162 5.63 -9.10 21.27
N ASP A 163 6.71 -8.74 20.57
CA ASP A 163 6.64 -7.91 19.38
C ASP A 163 6.54 -8.77 18.13
N LEU A 164 7.24 -9.90 18.12
CA LEU A 164 7.23 -10.87 17.05
C LEU A 164 6.99 -12.24 17.68
N VAL A 165 6.23 -13.09 17.00
CA VAL A 165 5.96 -14.44 17.50
C VAL A 165 6.54 -15.45 16.51
N LEU A 166 7.22 -16.45 17.05
CA LEU A 166 7.75 -17.57 16.27
C LEU A 166 6.77 -18.72 16.40
N ILE A 167 6.06 -19.03 15.32
CA ILE A 167 5.06 -20.09 15.33
C ILE A 167 5.75 -21.38 14.90
N VAL A 168 5.87 -22.32 15.82
CA VAL A 168 6.49 -23.62 15.56
C VAL A 168 5.37 -24.61 15.25
N ILE A 169 5.49 -25.30 14.10
CA ILE A 169 4.49 -26.27 13.68
C ILE A 169 5.18 -27.57 13.28
N ASP A 170 4.49 -28.68 13.52
CA ASP A 170 4.98 -30.00 13.14
C ASP A 170 4.65 -30.22 11.67
N VAL A 171 5.68 -30.50 10.86
CA VAL A 171 5.49 -30.73 9.43
C VAL A 171 4.36 -31.73 9.18
N VAL A 172 4.34 -32.82 9.95
CA VAL A 172 3.41 -33.92 9.68
C VAL A 172 1.97 -33.45 9.81
N GLU A 173 1.61 -32.89 10.97
CA GLU A 173 0.26 -32.39 11.14
C GLU A 173 -0.01 -31.18 10.24
N GLY A 174 0.99 -30.34 10.03
CA GLY A 174 0.80 -29.20 9.16
C GLY A 174 0.00 -28.10 9.83
N VAL A 175 -0.82 -27.41 9.02
CA VAL A 175 -1.60 -26.26 9.48
C VAL A 175 -2.93 -26.82 10.00
N THR A 176 -2.94 -27.22 11.27
CA THR A 176 -4.12 -27.71 11.97
C THR A 176 -4.90 -26.54 12.58
N PHE A 177 -5.99 -26.87 13.29
CA PHE A 177 -6.86 -25.84 13.87
C PHE A 177 -6.14 -25.01 14.92
N VAL A 178 -5.27 -25.64 15.70
CA VAL A 178 -4.60 -24.91 16.78
C VAL A 178 -3.67 -23.84 16.22
N VAL A 179 -2.87 -24.20 15.21
CA VAL A 179 -2.03 -23.18 14.57
C VAL A 179 -2.89 -22.22 13.76
N GLU A 180 -4.00 -22.71 13.19
CA GLU A 180 -4.90 -21.82 12.46
C GLU A 180 -5.39 -20.69 13.35
N GLN A 181 -5.80 -21.01 14.58
CA GLN A 181 -6.22 -19.96 15.49
C GLN A 181 -5.05 -19.16 16.05
N LEU A 182 -3.85 -19.75 16.09
CA LEU A 182 -2.69 -19.00 16.53
C LEU A 182 -2.29 -17.95 15.49
N ILE A 183 -2.38 -18.31 14.20
CA ILE A 183 -2.14 -17.33 13.15
C ILE A 183 -3.14 -16.19 13.25
N LYS A 184 -4.43 -16.55 13.30
CA LYS A 184 -5.48 -15.54 13.43
C LYS A 184 -5.29 -14.70 14.69
N GLN A 185 -4.95 -15.35 15.81
CA GLN A 185 -4.83 -14.62 17.06
C GLN A 185 -3.62 -13.69 17.06
N SER A 186 -2.55 -14.06 16.36
CA SER A 186 -1.40 -13.17 16.25
C SER A 186 -1.75 -11.95 15.40
N ILE A 187 -2.31 -12.18 14.21
CA ILE A 187 -2.87 -11.09 13.40
C ILE A 187 -3.91 -10.31 14.19
N LYS A 188 -4.69 -11.02 15.03
CA LYS A 188 -5.72 -10.34 15.83
C LYS A 188 -5.08 -9.35 16.80
N ASN A 189 -3.99 -9.75 17.46
CA ASN A 189 -3.15 -8.81 18.19
C ASN A 189 -2.26 -8.10 17.18
N ASN A 190 -1.29 -7.33 17.65
CA ASN A 190 -0.42 -6.62 16.71
C ASN A 190 1.02 -7.06 16.85
N VAL A 191 1.28 -8.33 16.56
CA VAL A 191 2.60 -8.93 16.68
C VAL A 191 3.05 -9.39 15.31
N ALA A 192 4.32 -9.09 14.98
CA ALA A 192 4.89 -9.60 13.75
C ALA A 192 5.02 -11.11 13.82
N MET A 193 5.15 -11.75 12.66
CA MET A 193 5.17 -13.20 12.60
C MET A 193 6.24 -13.72 11.65
N CYS A 194 7.01 -14.70 12.12
N CYS A 194 7.00 -14.69 12.14
CA CYS A 194 7.84 -15.52 11.24
CA CYS A 194 7.87 -15.54 11.34
C CYS A 194 7.70 -16.97 11.65
C CYS A 194 7.55 -16.98 11.67
N PHE A 195 7.53 -17.84 10.66
CA PHE A 195 7.17 -19.23 10.84
C PHE A 195 8.39 -20.13 10.82
N VAL A 196 8.53 -20.97 11.85
CA VAL A 196 9.48 -22.07 11.86
C VAL A 196 8.70 -23.38 11.73
N ILE A 197 9.07 -24.17 10.73
CA ILE A 197 8.33 -25.36 10.33
C ILE A 197 9.18 -26.56 10.72
N ASN A 198 8.88 -27.14 11.89
CA ASN A 198 9.81 -27.98 12.63
C ASN A 198 9.61 -29.48 12.31
N LYS A 199 10.49 -30.30 12.90
CA LYS A 199 10.43 -31.76 12.81
C LYS A 199 10.64 -32.25 11.38
N LEU A 200 11.54 -31.58 10.64
CA LEU A 200 11.83 -31.99 9.28
C LEU A 200 12.40 -33.40 9.20
N ASP A 201 12.93 -33.92 10.31
CA ASP A 201 13.44 -35.29 10.33
C ASP A 201 12.35 -36.31 10.07
N ARG A 202 11.10 -35.97 10.41
CA ARG A 202 9.99 -36.92 10.24
C ARG A 202 9.81 -37.31 8.78
N LEU A 203 9.94 -36.35 7.86
CA LEU A 203 9.74 -36.65 6.45
C LEU A 203 10.82 -37.59 5.93
N ILE A 204 12.08 -37.38 6.34
CA ILE A 204 13.17 -38.19 5.81
C ILE A 204 13.15 -39.59 6.41
N LEU A 205 12.89 -39.70 7.71
CA LEU A 205 13.05 -40.96 8.43
C LEU A 205 11.72 -41.67 8.71
N ASP A 206 10.73 -40.96 9.24
CA ASP A 206 9.44 -41.59 9.52
C ASP A 206 8.67 -41.87 8.23
N LEU A 207 8.27 -40.81 7.52
CA LEU A 207 7.46 -40.99 6.32
C LEU A 207 8.27 -41.49 5.13
N LYS A 208 9.60 -41.29 5.15
CA LYS A 208 10.49 -41.73 4.07
C LYS A 208 10.04 -41.20 2.72
N LEU A 209 9.55 -39.97 2.71
CA LEU A 209 9.12 -39.34 1.48
C LEU A 209 10.35 -39.02 0.61
N PRO A 210 10.23 -39.12 -0.70
CA PRO A 210 11.32 -38.67 -1.59
C PRO A 210 11.39 -37.15 -1.60
N PRO A 211 12.57 -36.58 -1.93
CA PRO A 211 12.73 -35.12 -1.84
C PRO A 211 11.70 -34.34 -2.64
N MET A 212 11.33 -34.82 -3.83
CA MET A 212 10.36 -34.10 -4.64
C MET A 212 9.01 -34.05 -3.95
N ASP A 213 8.54 -35.20 -3.45
CA ASP A 213 7.28 -35.22 -2.73
C ASP A 213 7.40 -34.48 -1.39
N ALA A 214 8.57 -34.53 -0.76
CA ALA A 214 8.80 -33.78 0.47
C ALA A 214 8.62 -32.27 0.24
N TYR A 215 9.26 -31.74 -0.81
CA TYR A 215 9.11 -30.32 -1.13
C TYR A 215 7.65 -29.95 -1.37
N LEU A 216 6.90 -30.84 -2.04
CA LEU A 216 5.49 -30.60 -2.25
C LEU A 216 4.75 -30.44 -0.92
N LYS A 217 5.10 -31.27 0.07
CA LYS A 217 4.51 -31.11 1.40
C LYS A 217 4.87 -29.76 2.00
N LEU A 218 6.14 -29.40 1.98
CA LEU A 218 6.57 -28.10 2.50
C LEU A 218 5.85 -26.96 1.81
N ASN A 219 5.57 -27.09 0.51
CA ASN A 219 4.89 -26.02 -0.21
C ASN A 219 3.41 -25.97 0.14
N HIS A 220 2.78 -27.13 0.33
CA HIS A 220 1.37 -27.13 0.74
C HIS A 220 1.20 -26.50 2.11
N ILE A 221 2.12 -26.78 3.03
CA ILE A 221 2.08 -26.15 4.35
C ILE A 221 2.13 -24.63 4.21
N ILE A 222 3.11 -24.13 3.46
CA ILE A 222 3.24 -22.69 3.25
C ILE A 222 2.03 -22.15 2.50
N ALA A 223 1.50 -22.92 1.55
CA ALA A 223 0.27 -22.54 0.86
C ALA A 223 -0.84 -22.23 1.85
N ASN A 224 -1.08 -23.15 2.79
CA ASN A 224 -2.15 -22.96 3.77
C ASN A 224 -1.86 -21.77 4.68
N ILE A 225 -0.60 -21.54 5.03
CA ILE A 225 -0.22 -20.42 5.88
C ILE A 225 -0.72 -19.12 5.27
N ASN A 226 -0.48 -18.92 3.98
CA ASN A 226 -0.81 -17.64 3.35
C ASN A 226 -2.31 -17.41 3.27
N SER A 227 -3.09 -18.49 3.21
CA SER A 227 -4.55 -18.36 3.18
C SER A 227 -5.10 -17.68 4.44
N PHE A 228 -4.35 -17.71 5.54
CA PHE A 228 -4.78 -17.10 6.78
C PHE A 228 -4.07 -15.80 7.12
N THR A 229 -2.93 -15.51 6.49
CA THR A 229 -2.14 -14.33 6.80
C THR A 229 -2.60 -13.09 6.04
N LYS A 230 -3.79 -13.13 5.44
CA LYS A 230 -4.42 -11.97 4.81
C LYS A 230 -3.48 -11.42 3.74
N GLY A 231 -3.05 -10.15 3.81
CA GLY A 231 -2.20 -9.60 2.78
C GLY A 231 -0.78 -10.13 2.83
N ASN A 232 -0.20 -10.22 4.03
CA ASN A 232 1.20 -10.57 4.19
C ASN A 232 1.50 -11.92 3.56
N VAL A 233 2.57 -11.96 2.76
CA VAL A 233 2.99 -13.15 2.04
C VAL A 233 4.17 -13.76 2.78
N PHE A 234 4.04 -15.03 3.17
CA PHE A 234 5.10 -15.76 3.83
C PHE A 234 5.73 -16.74 2.85
N SER A 235 7.05 -16.72 2.78
CA SER A 235 7.80 -17.50 1.81
C SER A 235 9.21 -17.69 2.33
N PRO A 236 9.89 -18.77 1.98
CA PRO A 236 11.30 -18.92 2.39
C PRO A 236 12.20 -17.81 1.89
N ILE A 237 11.98 -17.33 0.65
CA ILE A 237 12.85 -16.31 0.08
C ILE A 237 12.64 -14.92 0.66
N ASP A 238 11.62 -14.73 1.50
CA ASP A 238 11.39 -13.46 2.16
C ASP A 238 11.90 -13.42 3.59
N ASN A 239 12.70 -14.42 3.99
CA ASN A 239 13.16 -14.57 5.37
C ASN A 239 11.98 -14.59 6.35
N ASN A 240 10.83 -15.07 5.86
CA ASN A 240 9.65 -15.25 6.69
C ASN A 240 9.55 -16.62 7.32
N ILE A 241 10.20 -17.62 6.74
CA ILE A 241 9.95 -19.02 7.08
C ILE A 241 11.27 -19.71 7.38
N ILE A 242 11.33 -20.39 8.53
CA ILE A 242 12.52 -21.08 9.00
C ILE A 242 12.25 -22.58 8.99
N PHE A 243 13.22 -23.35 8.50
CA PHE A 243 13.15 -24.80 8.57
C PHE A 243 13.96 -25.29 9.77
N ALA A 244 13.57 -26.43 10.31
CA ALA A 244 14.17 -26.89 11.56
C ALA A 244 13.90 -28.36 11.78
N SER A 245 14.75 -28.97 12.60
CA SER A 245 14.61 -30.31 13.17
C SER A 245 15.23 -30.24 14.57
N THR A 246 14.51 -29.57 15.47
CA THR A 246 15.06 -29.22 16.78
C THR A 246 15.60 -30.44 17.54
N LYS A 247 15.04 -31.62 17.27
CA LYS A 247 15.55 -32.83 17.90
C LYS A 247 16.99 -33.10 17.48
N LEU A 248 17.29 -32.95 16.19
CA LEU A 248 18.63 -33.16 15.68
C LEU A 248 19.46 -31.89 15.65
N GLY A 249 18.99 -30.83 16.31
CA GLY A 249 19.84 -29.70 16.64
C GLY A 249 20.10 -28.66 15.57
N PHE A 250 19.24 -28.54 14.57
CA PHE A 250 19.49 -27.54 13.53
C PHE A 250 18.21 -26.82 13.15
N THR A 251 18.35 -25.52 12.89
CA THR A 251 17.32 -24.67 12.29
C THR A 251 18.01 -23.80 11.26
N PHE A 252 17.50 -23.77 10.02
CA PHE A 252 18.15 -23.00 8.98
C PHE A 252 17.13 -22.24 8.15
N THR A 253 17.64 -21.30 7.37
CA THR A 253 16.88 -20.59 6.34
C THR A 253 17.69 -20.60 5.06
N ILE A 254 17.01 -20.36 3.94
CA ILE A 254 17.68 -20.37 2.63
C ILE A 254 18.81 -19.35 2.61
N LYS A 255 18.57 -18.14 3.12
CA LYS A 255 19.62 -17.13 3.22
C LYS A 255 20.83 -17.66 3.98
N GLU A 256 20.59 -18.28 5.14
CA GLU A 256 21.68 -18.85 5.92
C GLU A 256 22.43 -19.91 5.14
N PHE A 257 21.71 -20.79 4.45
CA PHE A 257 22.33 -21.90 3.73
C PHE A 257 23.29 -21.39 2.65
N VAL A 258 22.82 -20.48 1.79
CA VAL A 258 23.68 -19.95 0.73
C VAL A 258 24.86 -19.21 1.33
N SER A 259 24.66 -18.53 2.46
CA SER A 259 25.75 -17.80 3.10
C SER A 259 26.87 -18.74 3.53
N TYR A 260 26.55 -20.01 3.80
CA TYR A 260 27.54 -20.94 4.32
C TYR A 260 28.32 -21.66 3.22
N TYR A 261 27.61 -22.23 2.22
CA TYR A 261 28.25 -23.14 1.29
C TYR A 261 28.07 -22.80 -0.18
N TYR A 262 27.39 -21.70 -0.51
CA TYR A 262 27.23 -21.27 -1.89
C TYR A 262 27.71 -19.85 -2.15
N ALA A 263 27.79 -19.00 -1.14
CA ALA A 263 28.12 -17.60 -1.34
C ALA A 263 29.54 -17.43 -1.88
N HIS A 264 30.48 -18.24 -1.40
CA HIS A 264 31.86 -18.14 -1.82
C HIS A 264 32.14 -18.86 -3.14
N SER A 265 31.09 -19.27 -3.85
CA SER A 265 31.22 -19.90 -5.16
C SER A 265 30.63 -19.06 -6.27
N ILE A 266 30.10 -17.88 -5.97
CA ILE A 266 29.44 -17.04 -6.97
C ILE A 266 29.82 -15.58 -6.72
N PRO A 267 29.69 -14.75 -7.75
CA PRO A 267 30.02 -13.32 -7.58
C PRO A 267 29.18 -12.65 -6.51
N SER A 268 29.84 -11.80 -5.71
CA SER A 268 29.20 -11.17 -4.56
C SER A 268 27.91 -10.44 -4.92
N SER A 269 27.81 -9.89 -6.13
CA SER A 269 26.60 -9.17 -6.51
C SER A 269 25.44 -10.12 -6.79
N LYS A 270 25.72 -11.29 -7.37
CA LYS A 270 24.70 -12.25 -7.77
C LYS A 270 24.11 -13.04 -6.59
N ILE A 271 24.64 -12.89 -5.38
CA ILE A 271 24.18 -13.73 -4.28
C ILE A 271 22.72 -13.46 -3.95
N ASP A 272 22.31 -12.19 -3.94
CA ASP A 272 20.93 -11.86 -3.58
C ASP A 272 19.95 -12.39 -4.62
N ASP A 273 20.28 -12.26 -5.91
CA ASP A 273 19.42 -12.79 -6.95
C ASP A 273 19.38 -14.32 -6.92
N PHE A 274 20.44 -14.96 -6.43
CA PHE A 274 20.49 -16.42 -6.47
C PHE A 274 19.55 -17.05 -5.45
N THR A 275 19.51 -16.52 -4.22
CA THR A 275 18.64 -17.08 -3.20
C THR A 275 17.18 -17.04 -3.63
N THR A 276 16.74 -15.88 -4.12
CA THR A 276 15.36 -15.70 -4.54
C THR A 276 14.93 -16.68 -5.63
N ARG A 277 15.87 -17.36 -6.27
CA ARG A 277 15.57 -18.36 -7.28
C ARG A 277 15.63 -19.77 -6.71
N LEU A 278 15.78 -19.91 -5.40
CA LEU A 278 15.86 -21.21 -4.75
C LEU A 278 14.50 -21.69 -4.23
N TRP A 279 13.41 -21.06 -4.66
CA TRP A 279 12.07 -21.49 -4.29
C TRP A 279 11.14 -21.31 -5.48
N GLY A 280 10.11 -22.14 -5.54
CA GLY A 280 9.14 -22.05 -6.61
C GLY A 280 9.51 -22.90 -7.82
N SER A 281 8.75 -22.68 -8.89
CA SER A 281 8.97 -23.39 -10.15
C SER A 281 10.16 -22.76 -10.87
N VAL A 282 11.35 -23.06 -10.36
CA VAL A 282 12.60 -22.58 -10.92
C VAL A 282 13.55 -23.77 -11.01
N TYR A 283 14.07 -24.03 -12.20
CA TYR A 283 14.94 -25.17 -12.43
C TYR A 283 16.30 -24.68 -12.92
N TYR A 284 17.34 -25.45 -12.58
CA TYR A 284 18.71 -25.06 -12.89
C TYR A 284 19.39 -26.18 -13.67
N HIS A 285 20.19 -25.79 -14.67
CA HIS A 285 20.98 -26.75 -15.44
C HIS A 285 22.17 -26.02 -16.04
N LYS A 286 23.38 -26.47 -15.68
CA LYS A 286 24.62 -25.98 -16.31
C LYS A 286 24.67 -24.47 -16.41
N GLY A 287 24.15 -23.78 -15.39
CA GLY A 287 24.33 -22.35 -15.28
C GLY A 287 23.14 -21.50 -15.63
N ASN A 288 22.02 -22.09 -16.07
CA ASN A 288 20.84 -21.33 -16.45
C ASN A 288 19.66 -21.65 -15.53
N PHE A 289 18.69 -20.73 -15.55
CA PHE A 289 17.48 -20.83 -14.75
C PHE A 289 16.29 -20.63 -15.67
N ARG A 290 15.41 -21.63 -15.75
CA ARG A 290 14.20 -21.52 -16.56
C ARG A 290 13.01 -22.00 -15.73
N THR A 291 11.85 -21.38 -15.98
CA THR A 291 10.69 -21.63 -15.14
C THR A 291 10.19 -23.06 -15.28
N LYS A 292 10.13 -23.56 -16.51
CA LYS A 292 9.72 -24.94 -16.74
C LYS A 292 10.92 -25.87 -16.76
N PRO A 293 10.72 -27.16 -16.53
CA PRO A 293 11.86 -28.07 -16.42
C PRO A 293 12.61 -28.26 -17.73
N PHE A 294 13.92 -28.44 -17.60
CA PHE A 294 14.76 -28.84 -18.73
C PHE A 294 14.35 -30.23 -19.22
N GLU A 295 14.33 -30.38 -20.55
CA GLU A 295 13.66 -31.52 -21.18
C GLU A 295 14.27 -32.86 -20.77
N ASN A 296 15.60 -32.97 -20.75
CA ASN A 296 16.25 -34.26 -20.65
C ASN A 296 16.97 -34.49 -19.33
N VAL A 297 16.92 -33.54 -18.40
CA VAL A 297 17.47 -33.71 -17.07
C VAL A 297 16.33 -33.94 -16.10
N GLU A 298 16.67 -34.45 -14.92
CA GLU A 298 15.68 -34.70 -13.88
C GLU A 298 14.97 -33.40 -13.52
N LYS A 299 13.64 -33.42 -13.56
CA LYS A 299 12.84 -32.20 -13.43
C LYS A 299 12.68 -31.86 -11.94
N TYR A 300 13.81 -31.45 -11.35
CA TYR A 300 13.86 -31.11 -9.94
C TYR A 300 13.97 -29.60 -9.78
N PRO A 301 13.01 -28.93 -9.11
CA PRO A 301 13.18 -27.49 -8.81
C PRO A 301 14.47 -27.17 -8.09
N THR A 302 14.76 -25.86 -7.96
CA THR A 302 16.00 -25.44 -7.33
C THR A 302 16.06 -25.84 -5.85
N PHE A 303 14.95 -25.65 -5.12
CA PHE A 303 14.96 -25.95 -3.70
C PHE A 303 15.32 -27.40 -3.43
N VAL A 304 14.71 -28.33 -4.17
CA VAL A 304 15.02 -29.74 -3.95
C VAL A 304 16.44 -30.06 -4.40
N GLU A 305 16.93 -29.35 -5.41
CA GLU A 305 18.24 -29.69 -5.99
C GLU A 305 19.38 -29.12 -5.15
N PHE A 306 19.21 -27.90 -4.63
CA PHE A 306 20.28 -27.22 -3.92
C PHE A 306 20.17 -27.33 -2.41
N ILE A 307 19.01 -27.71 -1.88
CA ILE A 307 18.80 -27.73 -0.43
C ILE A 307 18.36 -29.12 0.03
N LEU A 308 17.22 -29.58 -0.48
CA LEU A 308 16.60 -30.80 0.05
C LEU A 308 17.47 -32.03 -0.18
N ILE A 309 17.88 -32.28 -1.42
CA ILE A 309 18.65 -33.48 -1.74
C ILE A 309 20.01 -33.44 -1.03
N PRO A 310 20.64 -32.27 -0.88
CA PRO A 310 21.75 -32.21 0.09
C PRO A 310 21.38 -32.67 1.49
N LEU A 311 20.25 -32.19 2.02
CA LEU A 311 19.78 -32.64 3.32
C LEU A 311 19.51 -34.15 3.33
N TYR A 312 18.69 -34.61 2.40
CA TYR A 312 18.35 -36.04 2.32
C TYR A 312 19.59 -36.92 2.32
N LYS A 313 20.65 -36.48 1.67
CA LYS A 313 21.82 -37.34 1.53
C LYS A 313 22.93 -37.02 2.53
N ILE A 314 22.80 -35.98 3.35
CA ILE A 314 23.61 -35.92 4.57
C ILE A 314 22.91 -36.67 5.68
N PHE A 315 21.59 -36.81 5.62
CA PHE A 315 20.89 -37.77 6.48
C PHE A 315 21.28 -39.20 6.12
N SER A 316 21.11 -39.57 4.85
CA SER A 316 21.33 -40.94 4.42
C SER A 316 22.78 -41.37 4.64
N TYR A 317 23.74 -40.51 4.28
CA TYR A 317 25.13 -40.92 4.35
C TYR A 317 25.60 -41.04 5.80
N ALA A 318 25.13 -40.15 6.68
CA ALA A 318 25.51 -40.22 8.08
C ALA A 318 25.06 -41.54 8.71
N LEU A 319 23.82 -41.96 8.42
CA LEU A 319 23.31 -43.21 8.97
C LEU A 319 23.89 -44.43 8.26
N SER A 320 24.29 -44.30 6.99
CA SER A 320 24.52 -45.47 6.14
C SER A 320 25.85 -45.53 5.42
N MET A 321 26.72 -44.53 5.52
CA MET A 321 27.97 -44.53 4.78
C MET A 321 29.17 -44.75 5.69
N GLU A 322 30.21 -45.35 5.13
CA GLU A 322 31.44 -45.59 5.88
C GLU A 322 32.04 -44.27 6.34
N LYS A 323 32.60 -44.28 7.55
CA LYS A 323 33.12 -43.05 8.13
C LYS A 323 34.31 -42.51 7.35
N ASP A 324 35.06 -43.38 6.69
CA ASP A 324 36.21 -42.93 5.90
C ASP A 324 35.75 -42.03 4.75
N LYS A 325 34.93 -42.57 3.84
CA LYS A 325 34.42 -41.78 2.73
C LYS A 325 33.60 -40.58 3.21
N LEU A 326 32.87 -40.75 4.31
CA LEU A 326 32.01 -39.67 4.81
C LEU A 326 32.85 -38.49 5.29
N LYS A 327 33.86 -38.76 6.12
CA LYS A 327 34.71 -37.69 6.66
C LYS A 327 35.30 -36.83 5.55
N ASN A 328 35.60 -37.43 4.40
CA ASN A 328 36.15 -36.67 3.28
C ASN A 328 35.10 -35.74 2.68
N LEU A 329 33.89 -36.26 2.47
CA LEU A 329 32.83 -35.45 1.88
C LEU A 329 32.50 -34.24 2.75
N LEU A 330 32.40 -34.44 4.07
CA LEU A 330 32.15 -33.31 4.97
C LEU A 330 33.26 -32.28 4.91
N ARG A 331 34.50 -32.73 4.72
CA ARG A 331 35.63 -31.81 4.64
C ARG A 331 35.69 -31.12 3.28
N SER A 332 35.34 -31.84 2.21
CA SER A 332 35.42 -31.26 0.87
C SER A 332 34.25 -30.34 0.57
N ASN A 333 33.04 -30.71 1.01
CA ASN A 333 31.85 -29.95 0.65
C ASN A 333 31.41 -28.95 1.72
N PHE A 334 31.60 -29.25 3.00
CA PHE A 334 31.09 -28.40 4.07
C PHE A 334 32.17 -27.76 4.93
N ARG A 335 33.46 -28.00 4.64
CA ARG A 335 34.55 -27.49 5.48
C ARG A 335 34.33 -27.90 6.94
N VAL A 336 33.95 -29.15 7.14
CA VAL A 336 33.59 -29.69 8.45
C VAL A 336 34.62 -30.76 8.78
N ASN A 337 35.31 -30.57 9.90
CA ASN A 337 36.29 -31.55 10.38
C ASN A 337 35.62 -32.42 11.44
N LEU A 338 35.77 -33.74 11.27
CA LEU A 338 35.16 -34.70 12.19
C LEU A 338 36.22 -35.13 13.21
N SER A 339 35.94 -34.90 14.48
CA SER A 339 36.86 -35.35 15.52
C SER A 339 36.89 -36.86 15.57
N GLN A 340 37.96 -37.39 16.18
CA GLN A 340 38.13 -38.85 16.22
C GLN A 340 37.09 -39.50 17.10
N GLU A 341 36.77 -38.88 18.24
CA GLU A 341 35.73 -39.42 19.12
C GLU A 341 34.39 -39.50 18.40
N ALA A 342 34.14 -38.61 17.44
CA ALA A 342 32.85 -38.57 16.76
C ALA A 342 32.57 -39.86 16.00
N LEU A 343 33.60 -40.46 15.41
CA LEU A 343 33.42 -41.70 14.65
C LEU A 343 32.94 -42.87 15.51
N GLN A 344 33.04 -42.76 16.84
CA GLN A 344 32.55 -43.79 17.74
C GLN A 344 31.08 -43.61 18.12
N TYR A 345 30.51 -42.43 17.83
CA TYR A 345 29.18 -42.09 18.28
C TYR A 345 28.14 -43.08 17.76
N ASP A 346 27.11 -43.30 18.57
CA ASP A 346 25.93 -44.02 18.11
C ASP A 346 25.26 -43.23 16.99
N PRO A 347 24.49 -43.91 16.12
CA PRO A 347 23.94 -43.24 14.93
C PRO A 347 23.23 -41.93 15.19
N GLN A 348 22.18 -41.93 16.03
CA GLN A 348 21.44 -40.70 16.29
C GLN A 348 22.32 -39.60 16.89
N PRO A 349 23.16 -39.86 17.90
CA PRO A 349 24.09 -38.80 18.34
C PRO A 349 25.03 -38.36 17.24
N PHE A 350 25.52 -39.30 16.43
CA PHE A 350 26.33 -38.95 15.27
C PHE A 350 25.58 -38.01 14.34
N LEU A 351 24.31 -38.30 14.08
CA LEU A 351 23.51 -37.47 13.17
C LEU A 351 23.34 -36.06 13.72
N LYS A 352 22.92 -35.93 14.98
CA LYS A 352 22.78 -34.61 15.57
C LYS A 352 24.12 -33.88 15.66
N HIS A 353 25.23 -34.61 15.68
CA HIS A 353 26.55 -33.98 15.74
C HIS A 353 26.91 -33.36 14.39
N VAL A 354 26.89 -34.16 13.33
CA VAL A 354 27.29 -33.66 12.01
C VAL A 354 26.36 -32.53 11.57
N LEU A 355 25.07 -32.68 11.80
CA LEU A 355 24.11 -31.63 11.43
C LEU A 355 24.40 -30.35 12.19
N GLN A 356 24.77 -30.45 13.46
CA GLN A 356 25.11 -29.27 14.24
C GLN A 356 26.40 -28.62 13.75
N LEU A 357 27.33 -29.43 13.23
CA LEU A 357 28.55 -28.87 12.64
C LEU A 357 28.25 -28.10 11.36
N ILE A 358 27.21 -28.51 10.63
CA ILE A 358 26.92 -27.90 9.33
C ILE A 358 26.13 -26.60 9.49
N PHE A 359 25.11 -26.59 10.35
CA PHE A 359 24.14 -25.51 10.35
C PHE A 359 24.38 -24.42 11.37
N ARG A 360 25.29 -24.64 12.32
CA ARG A 360 25.95 -23.58 13.10
C ARG A 360 25.05 -22.48 13.67
N GLN A 361 24.58 -22.68 14.91
CA GLN A 361 24.13 -21.58 15.79
C GLN A 361 22.95 -20.79 15.26
N GLN A 362 22.09 -21.41 14.44
CA GLN A 362 20.75 -20.89 14.14
C GLN A 362 20.75 -19.46 13.62
N THR A 363 21.87 -18.96 13.09
CA THR A 363 21.96 -17.54 12.78
C THR A 363 20.95 -17.11 11.73
N GLY A 364 20.58 -17.99 10.80
CA GLY A 364 19.51 -17.69 9.88
C GLY A 364 18.19 -17.45 10.56
N LEU A 365 17.96 -18.09 11.71
CA LEU A 365 16.75 -17.86 12.47
C LEU A 365 16.71 -16.43 13.02
N VAL A 366 17.82 -16.00 13.65
CA VAL A 366 17.87 -14.65 14.19
C VAL A 366 17.81 -13.59 13.10
N ASP A 367 18.29 -13.92 11.90
CA ASP A 367 18.12 -13.00 10.77
C ASP A 367 16.65 -12.82 10.43
N ALA A 368 15.90 -13.92 10.35
CA ALA A 368 14.49 -13.84 10.04
C ALA A 368 13.74 -12.99 11.06
N ILE A 369 14.13 -13.08 12.33
CA ILE A 369 13.47 -12.29 13.37
C ILE A 369 13.73 -10.79 13.18
N THR A 370 15.01 -10.41 13.07
CA THR A 370 15.32 -8.99 12.98
C THR A 370 14.84 -8.39 11.66
N ARG A 371 14.89 -9.15 10.57
CA ARG A 371 14.44 -8.62 9.29
C ARG A 371 12.93 -8.44 9.25
N CYS A 372 12.17 -9.40 9.79
CA CYS A 372 10.71 -9.41 9.67
C CYS A 372 10.02 -8.75 10.86
N TYR A 373 10.38 -7.48 11.11
CA TYR A 373 9.73 -6.77 12.21
C TYR A 373 9.13 -5.44 11.78
N GLN A 374 9.98 -4.45 11.52
CA GLN A 374 9.59 -3.07 11.22
C GLN A 374 8.69 -2.51 12.31
N PRO A 375 9.28 -2.02 13.41
CA PRO A 375 8.47 -1.66 14.60
C PRO A 375 7.52 -0.49 14.38
N PHE A 376 7.85 0.44 13.48
CA PHE A 376 7.13 1.71 13.38
C PHE A 376 5.62 1.49 13.30
N GLU A 377 5.18 0.64 12.38
CA GLU A 377 3.76 0.40 12.17
C GLU A 377 3.11 -0.29 13.37
N LEU A 378 3.80 -1.28 13.94
CA LEU A 378 3.15 -2.20 14.88
C LEU A 378 3.09 -1.63 16.30
N PHE A 379 4.19 -1.09 16.82
CA PHE A 379 4.27 -0.72 18.23
C PHE A 379 3.16 0.26 18.60
N ASP A 380 3.00 1.32 17.81
CA ASP A 380 1.92 2.27 18.06
C ASP A 380 0.56 1.58 18.03
N ASN A 381 0.39 0.62 17.12
CA ASN A 381 -0.87 -0.12 17.04
C ASN A 381 -1.03 -1.06 18.23
N LYS A 382 0.04 -1.80 18.57
CA LYS A 382 -0.05 -2.76 19.66
C LYS A 382 -0.38 -2.07 20.99
N THR A 383 0.30 -0.97 21.29
CA THR A 383 0.04 -0.26 22.55
C THR A 383 -1.40 0.22 22.62
N ALA A 384 -1.97 0.63 21.49
CA ALA A 384 -3.36 1.09 21.48
C ALA A 384 -4.33 -0.04 21.80
N HIS A 385 -4.05 -1.24 21.31
CA HIS A 385 -4.96 -2.36 21.55
C HIS A 385 -4.83 -2.87 22.99
N LEU A 386 -3.59 -2.93 23.50
CA LEU A 386 -3.39 -3.36 24.88
C LEU A 386 -3.89 -2.34 25.88
N SER A 387 -4.12 -1.10 25.45
CA SER A 387 -4.69 -0.07 26.31
C SER A 387 -5.74 0.74 25.56
N ILE A 388 -5.54 2.05 25.48
CA ILE A 388 -6.42 2.92 24.71
C ILE A 388 -5.59 3.69 23.69
N PRO A 389 -6.15 4.07 22.55
CA PRO A 389 -5.39 4.93 21.61
C PRO A 389 -5.14 6.30 22.23
N GLY A 390 -3.94 6.82 21.99
CA GLY A 390 -3.60 8.13 22.54
C GLY A 390 -2.17 8.49 22.22
N LYS A 391 -1.78 9.65 22.74
CA LYS A 391 -0.43 10.17 22.54
C LYS A 391 0.58 9.39 23.36
N SER A 392 1.81 9.33 22.86
CA SER A 392 2.89 8.68 23.57
C SER A 392 3.07 9.27 24.97
N THR A 393 3.43 8.43 25.92
CA THR A 393 3.61 8.86 27.29
C THR A 393 4.87 9.71 27.40
N PRO A 394 4.90 10.66 28.33
CA PRO A 394 6.12 11.47 28.53
C PRO A 394 7.32 10.60 28.85
N GLU A 395 8.47 10.97 28.27
CA GLU A 395 9.67 10.16 28.38
C GLU A 395 10.19 10.08 29.81
N GLY A 396 9.78 10.99 30.68
CA GLY A 396 10.16 10.91 32.08
C GLY A 396 9.30 9.97 32.89
N THR A 397 8.01 9.88 32.53
CA THR A 397 7.08 9.04 33.28
C THR A 397 7.36 7.57 33.01
N LEU A 398 7.39 6.77 34.07
CA LEU A 398 7.60 5.34 33.96
C LEU A 398 6.26 4.67 33.70
N TRP A 399 6.25 3.69 32.81
CA TRP A 399 5.02 3.03 32.40
C TRP A 399 5.37 1.61 31.98
N ALA A 400 4.68 0.63 32.54
CA ALA A 400 5.03 -0.76 32.31
C ALA A 400 3.79 -1.63 32.32
N HIS A 401 3.89 -2.77 31.64
CA HIS A 401 2.83 -3.76 31.56
C HIS A 401 3.26 -4.98 32.36
N VAL A 402 2.73 -5.11 33.56
CA VAL A 402 2.95 -6.29 34.38
C VAL A 402 1.92 -7.34 33.95
N LEU A 403 2.40 -8.38 33.27
CA LEU A 403 1.56 -9.28 32.50
C LEU A 403 1.04 -10.45 33.32
N LYS A 404 1.87 -11.00 34.19
CA LYS A 404 1.59 -12.29 34.80
C LYS A 404 2.25 -12.35 36.18
N THR A 405 1.63 -13.09 37.08
CA THR A 405 2.22 -13.40 38.37
C THR A 405 2.73 -14.85 38.34
N VAL A 406 3.99 -15.03 38.68
CA VAL A 406 4.60 -16.36 38.71
C VAL A 406 5.51 -16.42 39.93
N ASP A 407 5.64 -17.61 40.50
CA ASP A 407 6.41 -17.83 41.71
C ASP A 407 7.69 -18.59 41.37
N TYR A 408 8.82 -18.01 41.74
CA TYR A 408 10.14 -18.60 41.55
C TYR A 408 10.87 -18.65 42.88
N GLY A 409 11.50 -19.78 43.16
CA GLY A 409 12.09 -19.98 44.48
C GLY A 409 11.12 -19.73 45.61
N GLY A 410 9.87 -20.14 45.43
CA GLY A 410 8.82 -19.87 46.41
C GLY A 410 8.22 -18.48 46.35
N ALA A 411 9.05 -17.44 46.30
CA ALA A 411 8.56 -16.08 46.34
C ALA A 411 7.84 -15.71 45.05
N GLU A 412 6.94 -14.74 45.15
CA GLU A 412 6.16 -14.30 44.00
C GLU A 412 6.96 -13.31 43.16
N TRP A 413 6.87 -13.46 41.85
CA TRP A 413 7.48 -12.53 40.90
C TRP A 413 6.40 -11.98 39.98
N SER A 414 6.81 -11.10 39.07
CA SER A 414 5.89 -10.46 38.14
C SER A 414 6.60 -10.23 36.82
N LEU A 415 6.05 -10.78 35.74
CA LEU A 415 6.58 -10.58 34.40
C LEU A 415 6.14 -9.21 33.90
N VAL A 416 7.09 -8.30 33.72
CA VAL A 416 6.81 -6.91 33.43
C VAL A 416 7.59 -6.48 32.20
N ARG A 417 6.93 -5.80 31.27
CA ARG A 417 7.57 -5.22 30.11
C ARG A 417 7.44 -3.70 30.18
N ILE A 418 8.55 -3.00 30.01
CA ILE A 418 8.59 -1.55 30.17
C ILE A 418 8.25 -0.87 28.85
N TYR A 419 7.45 0.19 28.93
CA TYR A 419 7.08 1.00 27.78
C TYR A 419 7.63 2.41 27.83
N SER A 420 7.89 2.94 29.01
CA SER A 420 8.40 4.30 29.15
C SER A 420 9.17 4.41 30.47
N GLY A 421 9.99 5.45 30.56
CA GLY A 421 10.74 5.69 31.77
C GLY A 421 11.85 4.67 32.00
N LEU A 422 12.48 4.80 33.15
CA LEU A 422 13.57 3.93 33.56
C LEU A 422 13.23 3.33 34.91
N LEU A 423 13.29 2.00 34.99
CA LEU A 423 12.96 1.29 36.22
C LEU A 423 14.23 1.12 37.05
N LYS A 424 14.31 1.82 38.17
CA LYS A 424 15.41 1.67 39.11
C LYS A 424 14.95 0.78 40.26
N ARG A 425 15.88 -0.03 40.77
CA ARG A 425 15.58 -0.85 41.93
C ARG A 425 15.31 0.01 43.15
N GLY A 426 14.26 -0.34 43.89
CA GLY A 426 13.83 0.45 45.03
C GLY A 426 12.96 1.64 44.72
N ASP A 427 12.69 1.92 43.44
CA ASP A 427 11.77 2.99 43.08
C ASP A 427 10.34 2.61 43.46
N THR A 428 9.79 3.27 44.46
CA THR A 428 8.40 2.98 44.80
C THR A 428 7.54 3.33 43.59
N VAL A 429 6.67 2.40 43.21
CA VAL A 429 5.91 2.51 41.97
C VAL A 429 4.45 2.20 42.26
N ARG A 430 3.58 2.74 41.43
CA ARG A 430 2.14 2.69 41.67
C ARG A 430 1.56 1.61 40.77
N ILE A 431 0.95 0.59 41.37
CA ILE A 431 0.43 -0.56 40.65
C ILE A 431 -1.10 -0.51 40.70
N LEU A 432 -1.73 -0.74 39.55
CA LEU A 432 -3.18 -0.71 39.43
C LEU A 432 -3.66 -1.97 38.73
N ASP A 433 -4.34 -2.84 39.48
CA ASP A 433 -4.94 -4.04 38.92
C ASP A 433 -5.73 -3.70 37.66
N THR A 434 -5.53 -4.51 36.60
CA THR A 434 -6.16 -4.23 35.32
C THR A 434 -7.69 -4.31 35.38
N SER A 435 -8.26 -4.79 36.49
CA SER A 435 -9.70 -4.74 36.64
C SER A 435 -10.18 -3.30 36.77
N GLN A 436 -9.52 -2.51 37.62
CA GLN A 436 -9.90 -1.12 37.82
C GLN A 436 -9.55 -0.23 36.64
N SER A 437 -8.82 -0.74 35.65
CA SER A 437 -8.39 0.10 34.52
C SER A 437 -9.58 0.71 33.80
N GLU A 438 -10.66 -0.05 33.61
CA GLU A 438 -11.84 0.49 32.95
C GLU A 438 -12.44 1.62 33.76
N SER A 439 -12.54 1.47 35.08
CA SER A 439 -13.10 2.52 35.92
C SER A 439 -12.18 3.72 36.01
N ARG A 440 -10.87 3.48 36.18
CA ARG A 440 -9.93 4.58 36.35
C ARG A 440 -9.75 5.42 35.09
N GLN A 441 -9.95 4.82 33.92
CA GLN A 441 -9.74 5.58 32.68
C GLN A 441 -10.87 6.57 32.44
N LYS A 442 -12.11 6.16 32.69
CA LYS A 442 -13.23 7.09 32.57
C LYS A 442 -13.17 8.16 33.65
N ARG A 443 -12.82 7.77 34.87
CA ARG A 443 -12.61 8.76 35.94
C ARG A 443 -11.50 9.72 35.58
N GLN A 444 -10.51 9.28 34.81
CA GLN A 444 -9.45 10.18 34.35
C GLN A 444 -10.00 11.21 33.37
N LEU A 445 -10.81 10.76 32.41
CA LEU A 445 -11.43 11.68 31.46
C LEU A 445 -12.43 12.60 32.16
N HIS A 446 -13.09 12.11 33.21
CA HIS A 446 -13.97 12.97 34.00
C HIS A 446 -13.20 14.12 34.63
N ASP A 447 -12.00 13.84 35.15
CA ASP A 447 -11.18 14.86 35.79
C ASP A 447 -10.64 15.89 34.80
N ILE A 448 -10.71 15.61 33.50
CA ILE A 448 -10.27 16.57 32.50
C ILE A 448 -11.38 17.55 32.14
N SER A 449 -12.63 17.08 32.11
CA SER A 449 -13.77 17.93 31.82
C SER A 449 -14.01 18.92 32.95
N ASP A 462 -4.28 11.99 44.87
CA ASP A 462 -3.21 11.01 45.02
C ASP A 462 -3.72 9.64 44.64
N GLU A 463 -2.83 8.82 44.07
CA GLU A 463 -3.17 7.45 43.71
C GLU A 463 -3.38 6.61 44.96
N THR A 464 -4.29 5.65 44.86
CA THR A 464 -4.72 4.89 46.03
C THR A 464 -3.86 3.66 46.30
N PRO A 465 -3.28 2.99 45.27
CA PRO A 465 -2.32 1.92 45.58
C PRO A 465 -0.91 2.23 45.12
N SER A 466 0.07 1.84 45.95
CA SER A 466 1.48 2.01 45.59
C SER A 466 2.31 1.04 46.43
N CYS A 467 3.48 0.71 45.91
CA CYS A 467 4.40 -0.19 46.61
C CYS A 467 5.82 0.05 46.08
N GLU A 468 6.76 -0.73 46.57
CA GLU A 468 8.17 -0.59 46.26
C GLU A 468 8.68 -1.84 45.55
N VAL A 469 9.38 -1.65 44.43
CA VAL A 469 10.00 -2.75 43.70
C VAL A 469 11.31 -3.14 44.38
N GLU A 470 11.41 -4.39 44.82
CA GLU A 470 12.60 -4.84 45.54
C GLU A 470 13.67 -5.39 44.61
N GLU A 471 13.33 -6.30 43.71
CA GLU A 471 14.33 -6.96 42.89
C GLU A 471 13.93 -6.94 41.41
N ILE A 472 14.95 -6.92 40.55
CA ILE A 472 14.80 -6.95 39.10
C ILE A 472 15.64 -8.09 38.55
N GLY A 473 15.03 -8.96 37.77
CA GLY A 473 15.71 -10.12 37.23
C GLY A 473 15.43 -10.33 35.76
N LEU A 474 16.40 -10.92 35.08
CA LEU A 474 16.23 -11.41 33.72
C LEU A 474 15.95 -12.90 33.72
N LEU A 475 15.20 -13.35 32.72
CA LEU A 475 14.91 -14.77 32.56
C LEU A 475 16.09 -15.47 31.93
N GLY A 476 16.41 -16.65 32.44
CA GLY A 476 17.45 -17.48 31.88
C GLY A 476 16.98 -18.90 31.71
N GLY A 477 15.69 -19.12 31.98
CA GLY A 477 15.12 -20.45 31.92
C GLY A 477 15.27 -21.18 33.23
N ARG A 478 16.45 -21.77 33.44
CA ARG A 478 16.75 -22.47 34.69
C ARG A 478 17.26 -21.55 35.78
N TYR A 479 17.63 -20.32 35.45
CA TYR A 479 18.11 -19.35 36.42
C TYR A 479 17.46 -18.00 36.16
N VAL A 480 17.68 -17.07 37.09
CA VAL A 480 17.32 -15.68 36.91
C VAL A 480 18.55 -14.83 37.19
N TYR A 481 18.91 -13.96 36.25
CA TYR A 481 20.09 -13.14 36.39
C TYR A 481 19.74 -11.81 37.05
N PRO A 482 20.32 -11.48 38.20
CA PRO A 482 19.97 -10.22 38.86
C PRO A 482 20.45 -9.02 38.07
N VAL A 483 19.60 -7.99 38.01
CA VAL A 483 19.86 -6.79 37.23
C VAL A 483 19.45 -5.58 38.06
N HIS A 484 20.21 -4.49 37.90
CA HIS A 484 19.96 -3.30 38.71
C HIS A 484 18.86 -2.42 38.14
N GLU A 485 18.72 -2.35 36.81
CA GLU A 485 17.75 -1.45 36.22
C GLU A 485 17.16 -2.09 34.97
N ALA A 486 15.92 -1.70 34.66
CA ALA A 486 15.22 -2.17 33.47
C ALA A 486 14.92 -0.97 32.58
N HIS A 487 15.32 -1.07 31.31
CA HIS A 487 15.13 0.02 30.36
C HIS A 487 13.85 -0.18 29.56
N LYS A 488 13.46 0.88 28.84
CA LYS A 488 12.30 0.82 27.96
C LYS A 488 12.45 -0.30 26.95
N GLY A 489 11.45 -1.18 26.89
CA GLY A 489 11.46 -2.31 25.99
C GLY A 489 11.98 -3.59 26.59
N GLN A 490 12.50 -3.55 27.81
CA GLN A 490 12.88 -4.76 28.52
C GLN A 490 11.64 -5.44 29.09
N ILE A 491 11.68 -6.77 29.12
CA ILE A 491 10.75 -7.57 29.90
C ILE A 491 11.56 -8.30 30.96
N VAL A 492 11.15 -8.17 32.22
CA VAL A 492 11.96 -8.55 33.38
C VAL A 492 11.06 -9.20 34.41
N LEU A 493 11.68 -9.69 35.48
CA LEU A 493 10.96 -10.20 36.65
C LEU A 493 11.05 -9.18 37.78
N ILE A 494 9.91 -8.95 38.43
CA ILE A 494 9.77 -7.98 39.51
C ILE A 494 9.18 -8.72 40.69
N LYS A 495 9.59 -8.32 41.90
CA LYS A 495 9.23 -9.02 43.12
C LYS A 495 8.29 -8.26 44.04
N GLY A 496 8.54 -6.97 44.27
CA GLY A 496 7.75 -6.20 45.22
C GLY A 496 6.31 -5.95 44.84
N ILE A 497 5.96 -6.06 43.56
CA ILE A 497 4.67 -5.57 43.09
C ILE A 497 3.56 -6.61 43.08
N SER A 498 3.86 -7.87 43.41
CA SER A 498 2.81 -8.90 43.30
C SER A 498 1.75 -8.83 44.42
N SER A 499 1.64 -7.79 45.25
CA SER A 499 0.64 -7.75 46.32
C SER A 499 -0.42 -6.69 46.10
N ALA A 500 -0.50 -6.08 44.92
CA ALA A 500 -1.47 -5.04 44.64
C ALA A 500 -2.35 -5.36 43.43
N TYR A 501 -2.22 -6.56 42.87
CA TYR A 501 -3.05 -6.99 41.76
C TYR A 501 -3.22 -8.50 41.83
N ILE A 502 -4.23 -9.00 41.12
CA ILE A 502 -4.53 -10.42 41.15
C ILE A 502 -3.98 -11.12 39.90
N LYS A 503 -4.45 -10.72 38.73
CA LYS A 503 -4.10 -11.40 37.48
C LYS A 503 -3.15 -10.60 36.60
N SER A 504 -3.35 -9.30 36.50
CA SER A 504 -2.47 -8.41 35.75
C SER A 504 -2.78 -6.99 36.18
N ALA A 505 -1.81 -6.10 35.96
CA ALA A 505 -1.95 -4.71 36.40
C ALA A 505 -1.24 -3.79 35.43
N THR A 506 -1.23 -2.51 35.77
CA THR A 506 -0.52 -1.48 35.01
C THR A 506 0.45 -0.78 35.96
N LEU A 507 1.74 -0.89 35.67
CA LEU A 507 2.76 -0.25 36.49
C LEU A 507 3.06 1.13 35.94
N TYR A 508 3.31 2.08 36.84
CA TYR A 508 3.75 3.41 36.42
C TYR A 508 4.26 4.17 37.64
N SER A 509 4.95 5.27 37.38
CA SER A 509 5.41 6.22 38.39
C SER A 509 4.87 7.60 38.05
N VAL A 510 4.47 8.34 39.10
CA VAL A 510 3.75 9.60 38.91
C VAL A 510 4.60 10.59 38.11
N LYS A 511 5.86 10.78 38.51
CA LYS A 511 6.76 11.79 37.95
C LYS A 511 6.11 13.14 38.19
N SER A 512 5.71 13.89 37.17
CA SER A 512 5.13 15.21 37.36
C SER A 512 3.64 15.11 37.68
N LYS A 513 3.09 16.21 38.20
CA LYS A 513 1.66 16.26 38.48
C LYS A 513 0.84 16.35 37.20
N GLU A 514 1.34 17.06 36.20
CA GLU A 514 0.57 17.29 34.98
C GLU A 514 0.68 16.13 34.00
N ASP A 515 1.79 15.38 34.03
CA ASP A 515 1.89 14.17 33.22
C ASP A 515 0.90 13.09 33.68
N MET A 516 0.41 13.18 34.92
CA MET A 516 -0.54 12.20 35.43
C MET A 516 -1.89 12.29 34.74
N LYS A 517 -2.19 13.39 34.07
CA LYS A 517 -3.41 13.50 33.27
C LYS A 517 -3.27 12.89 31.89
N GLN A 518 -2.09 12.39 31.53
CA GLN A 518 -1.79 11.89 30.20
C GLN A 518 -1.81 10.37 30.10
N LEU A 519 -1.43 9.66 31.15
CA LEU A 519 -1.13 8.24 31.05
C LEU A 519 -2.39 7.41 30.76
N LYS A 520 -2.16 6.20 30.25
CA LYS A 520 -3.20 5.26 29.90
C LYS A 520 -3.02 3.98 30.71
N PHE A 521 -4.10 3.25 30.89
CA PHE A 521 -4.11 2.03 31.69
C PHE A 521 -4.27 0.82 30.79
N PHE A 522 -3.52 -0.24 31.10
CA PHE A 522 -3.55 -1.44 30.28
C PHE A 522 -4.88 -2.18 30.47
N LYS A 523 -5.53 -2.52 29.37
CA LYS A 523 -6.74 -3.32 29.46
C LYS A 523 -6.39 -4.74 29.93
N PRO A 524 -7.22 -5.36 30.75
CA PRO A 524 -6.93 -6.73 31.20
C PRO A 524 -6.86 -7.68 30.02
N LEU A 525 -5.96 -8.65 30.11
CA LEU A 525 -5.66 -9.51 28.97
C LEU A 525 -6.90 -10.28 28.54
N ASP A 526 -6.89 -10.70 27.28
CA ASP A 526 -7.97 -11.47 26.67
C ASP A 526 -7.45 -12.89 26.52
N TYR A 527 -7.61 -13.68 27.58
CA TYR A 527 -7.25 -15.09 27.51
C TYR A 527 -8.13 -15.80 26.50
N ILE A 528 -7.48 -16.49 25.56
CA ILE A 528 -8.14 -16.85 24.30
C ILE A 528 -9.38 -17.70 24.55
N THR A 529 -9.34 -18.57 25.54
CA THR A 529 -10.43 -19.48 25.83
C THR A 529 -11.13 -19.07 27.12
N GLU A 530 -12.44 -19.32 27.16
CA GLU A 530 -13.24 -19.11 28.36
C GLU A 530 -13.21 -20.36 29.24
N ALA A 531 -13.28 -20.15 30.54
CA ALA A 531 -13.24 -21.24 31.51
C ALA A 531 -14.62 -21.88 31.58
N VAL A 532 -14.70 -23.14 31.16
CA VAL A 532 -15.95 -23.87 31.08
C VAL A 532 -15.97 -25.13 31.94
N PHE A 533 -14.80 -25.64 32.34
CA PHE A 533 -14.72 -26.82 33.18
C PHE A 533 -14.93 -26.41 34.63
N LYS A 534 -16.02 -26.90 35.24
CA LYS A 534 -16.40 -26.49 36.59
C LYS A 534 -16.19 -27.65 37.55
N ILE A 535 -15.37 -27.42 38.58
CA ILE A 535 -15.14 -28.37 39.66
C ILE A 535 -15.39 -27.61 40.95
N VAL A 536 -16.19 -28.19 41.85
CA VAL A 536 -16.45 -27.62 43.16
C VAL A 536 -15.73 -28.47 44.19
N LEU A 537 -15.12 -27.80 45.18
CA LEU A 537 -14.32 -28.49 46.17
C LEU A 537 -14.51 -27.83 47.53
N GLN A 538 -14.27 -28.64 48.56
CA GLN A 538 -14.33 -28.25 49.96
C GLN A 538 -13.20 -28.96 50.69
N PRO A 539 -12.64 -28.36 51.74
CA PRO A 539 -11.61 -29.08 52.49
C PRO A 539 -12.20 -30.24 53.26
N LEU A 540 -11.37 -31.26 53.49
CA LEU A 540 -11.84 -32.43 54.24
C LEU A 540 -12.18 -32.03 55.67
N LEU A 541 -11.29 -31.27 56.32
CA LEU A 541 -11.58 -30.75 57.65
C LEU A 541 -12.00 -29.31 57.53
N PRO A 542 -13.20 -28.94 57.96
CA PRO A 542 -13.67 -27.55 57.79
C PRO A 542 -12.84 -26.51 58.52
N ARG A 543 -12.08 -26.90 59.55
CA ARG A 543 -11.30 -25.91 60.28
C ARG A 543 -10.18 -25.34 59.43
N GLU A 544 -9.63 -26.13 58.51
CA GLU A 544 -8.53 -25.72 57.67
C GLU A 544 -8.99 -25.00 56.40
N LEU A 545 -10.25 -24.64 56.31
CA LEU A 545 -10.74 -23.90 55.14
C LEU A 545 -9.98 -22.60 54.89
N PRO A 546 -9.61 -21.80 55.90
CA PRO A 546 -8.79 -20.61 55.60
C PRO A 546 -7.49 -20.94 54.89
N LYS A 547 -6.88 -22.08 55.24
CA LYS A 547 -5.68 -22.52 54.52
C LYS A 547 -5.97 -22.78 53.06
N LEU A 548 -7.14 -23.38 52.76
CA LEU A 548 -7.56 -23.54 51.37
C LEU A 548 -7.84 -22.19 50.73
N LEU A 549 -8.42 -21.26 51.48
CA LEU A 549 -8.75 -19.94 50.94
C LEU A 549 -7.49 -19.19 50.50
N ASP A 550 -6.45 -19.21 51.34
CA ASP A 550 -5.20 -18.56 50.97
C ASP A 550 -4.53 -19.24 49.79
N ALA A 551 -4.66 -20.57 49.69
CA ALA A 551 -4.10 -21.29 48.55
C ALA A 551 -4.90 -21.05 47.28
N LEU A 552 -6.22 -20.89 47.40
CA LEU A 552 -7.04 -20.58 46.23
C LEU A 552 -6.69 -19.21 45.66
N ASN A 553 -6.37 -18.25 46.54
CA ASN A 553 -5.92 -16.94 46.06
C ASN A 553 -4.62 -17.04 45.28
N LYS A 554 -3.71 -17.92 45.72
CA LYS A 554 -2.45 -18.09 45.01
C LYS A 554 -2.67 -18.68 43.61
N ILE A 555 -3.60 -19.63 43.49
CA ILE A 555 -3.88 -20.19 42.16
C ILE A 555 -4.56 -19.15 41.28
N SER A 556 -5.42 -18.31 41.86
CA SER A 556 -6.05 -17.25 41.08
C SER A 556 -5.00 -16.28 40.52
N LYS A 557 -3.86 -16.14 41.20
CA LYS A 557 -2.75 -15.36 40.67
C LYS A 557 -1.91 -16.17 39.70
N TYR A 558 -1.62 -17.43 40.04
CA TYR A 558 -0.68 -18.25 39.26
C TYR A 558 -1.31 -18.81 38.00
N TYR A 559 -2.58 -19.17 38.04
CA TYR A 559 -3.27 -19.67 36.86
C TYR A 559 -4.19 -18.58 36.32
N PRO A 560 -3.72 -17.78 35.36
CA PRO A 560 -4.56 -16.66 34.88
C PRO A 560 -5.85 -17.09 34.20
N GLY A 561 -5.86 -18.26 33.56
CA GLY A 561 -7.07 -18.73 32.91
C GLY A 561 -8.18 -19.12 33.88
N VAL A 562 -7.80 -19.53 35.09
CA VAL A 562 -8.78 -20.01 36.06
C VAL A 562 -9.69 -18.87 36.51
N ILE A 563 -10.95 -19.20 36.75
CA ILE A 563 -11.90 -18.30 37.38
C ILE A 563 -12.39 -19.01 38.63
N ILE A 564 -12.03 -18.47 39.80
CA ILE A 564 -12.40 -19.07 41.07
C ILE A 564 -13.31 -18.11 41.81
N LYS A 565 -14.49 -18.59 42.19
CA LYS A 565 -15.42 -17.79 42.95
C LYS A 565 -16.13 -18.69 43.95
N VAL A 566 -16.64 -18.09 45.01
CA VAL A 566 -17.37 -18.79 46.05
C VAL A 566 -18.84 -18.39 45.93
N GLU A 567 -19.72 -19.37 45.86
CA GLU A 567 -21.12 -19.02 45.78
C GLU A 567 -21.60 -18.58 47.14
N GLU A 568 -22.58 -17.67 47.14
CA GLU A 568 -23.06 -17.11 48.40
C GLU A 568 -23.62 -18.19 49.32
N SER A 569 -24.12 -19.28 48.72
CA SER A 569 -24.64 -20.39 49.53
C SER A 569 -23.54 -21.11 50.31
N GLY A 570 -22.39 -21.35 49.69
CA GLY A 570 -21.42 -22.17 50.40
C GLY A 570 -20.07 -22.52 49.77
N GLU A 571 -20.02 -23.57 48.94
CA GLU A 571 -18.76 -24.11 48.47
C GLU A 571 -18.11 -23.23 47.40
N HIS A 572 -16.86 -23.58 47.09
CA HIS A 572 -16.01 -22.85 46.15
C HIS A 572 -15.94 -23.59 44.82
N VAL A 573 -16.00 -22.84 43.72
CA VAL A 573 -15.98 -23.41 42.38
C VAL A 573 -14.66 -23.05 41.71
N ILE A 574 -14.17 -23.97 40.88
CA ILE A 574 -12.95 -23.77 40.11
C ILE A 574 -13.34 -23.84 38.63
N LEU A 575 -13.06 -22.79 37.88
CA LEU A 575 -13.38 -22.74 36.46
C LEU A 575 -12.09 -22.78 35.65
N GLY A 576 -11.86 -23.90 34.97
CA GLY A 576 -10.74 -24.05 34.07
C GLY A 576 -11.23 -24.43 32.68
N ASN A 577 -10.27 -24.66 31.80
CA ASN A 577 -10.55 -25.06 30.42
C ASN A 577 -9.84 -26.39 30.14
N GLY A 578 -10.49 -27.49 30.50
CA GLY A 578 -10.01 -28.81 30.18
C GLY A 578 -9.60 -29.59 31.43
N GLU A 579 -9.43 -30.90 31.23
CA GLU A 579 -9.02 -31.79 32.30
C GLU A 579 -7.60 -31.46 32.77
N LEU A 580 -6.66 -31.35 31.83
CA LEU A 580 -5.27 -31.13 32.19
C LEU A 580 -5.10 -29.86 33.03
N TYR A 581 -5.81 -28.80 32.68
CA TYR A 581 -5.76 -27.57 33.47
C TYR A 581 -6.16 -27.83 34.91
N MET A 582 -7.26 -28.55 35.12
CA MET A 582 -7.74 -28.82 36.47
C MET A 582 -6.79 -29.73 37.23
N ASP A 583 -6.43 -30.88 36.64
CA ASP A 583 -5.54 -31.82 37.31
C ASP A 583 -4.22 -31.17 37.69
N CYS A 584 -3.76 -30.18 36.92
CA CYS A 584 -2.50 -29.52 37.22
C CYS A 584 -2.63 -28.55 38.40
N LEU A 585 -3.71 -27.76 38.43
CA LEU A 585 -3.87 -26.80 39.51
C LEU A 585 -4.16 -27.49 40.84
N LEU A 586 -4.86 -28.63 40.79
CA LEU A 586 -5.17 -29.36 42.02
C LEU A 586 -3.90 -29.85 42.70
N TYR A 587 -3.00 -30.47 41.93
CA TYR A 587 -1.69 -30.85 42.46
C TYR A 587 -0.99 -29.67 43.11
N ASP A 588 -0.92 -28.54 42.40
CA ASP A 588 -0.36 -27.33 42.99
C ASP A 588 -1.12 -26.96 44.26
N LEU A 589 -2.44 -27.03 44.23
CA LEU A 589 -3.24 -26.73 45.41
C LEU A 589 -3.02 -27.77 46.51
N ARG A 590 -2.87 -29.03 46.14
CA ARG A 590 -2.79 -30.12 47.12
C ARG A 590 -1.37 -30.37 47.61
N ALA A 591 -0.39 -30.39 46.72
CA ALA A 591 0.97 -30.81 47.06
C ALA A 591 1.91 -29.64 47.30
N SER A 592 1.41 -28.41 47.34
CA SER A 592 2.29 -27.26 47.49
C SER A 592 1.68 -26.14 48.33
N TYR A 593 0.59 -25.54 47.83
CA TYR A 593 0.10 -24.29 48.40
C TYR A 593 -0.75 -24.51 49.64
N ALA A 594 -1.42 -25.65 49.75
CA ALA A 594 -2.23 -25.93 50.93
C ALA A 594 -1.73 -27.12 51.74
N LYS A 595 -1.33 -28.21 51.07
CA LYS A 595 -0.81 -29.40 51.73
C LYS A 595 -1.82 -29.96 52.73
N ILE A 596 -3.05 -30.17 52.27
CA ILE A 596 -4.13 -30.70 53.08
C ILE A 596 -4.92 -31.69 52.23
N GLU A 597 -5.73 -32.51 52.91
CA GLU A 597 -6.68 -33.36 52.22
C GLU A 597 -7.84 -32.52 51.68
N ILE A 598 -8.13 -32.70 50.39
CA ILE A 598 -9.15 -31.92 49.69
C ILE A 598 -10.17 -32.89 49.10
N LYS A 599 -11.44 -32.48 49.08
CA LYS A 599 -12.50 -33.26 48.46
C LYS A 599 -13.16 -32.46 47.34
N ILE A 600 -13.26 -33.07 46.16
CA ILE A 600 -13.73 -32.41 44.97
C ILE A 600 -14.84 -33.24 44.34
N SER A 601 -15.57 -32.63 43.41
CA SER A 601 -16.71 -33.24 42.76
C SER A 601 -16.33 -33.86 41.42
N ASP A 602 -17.32 -34.43 40.75
CA ASP A 602 -17.18 -34.86 39.37
C ASP A 602 -17.14 -33.63 38.46
N PRO A 603 -16.62 -33.78 37.24
CA PRO A 603 -16.59 -32.64 36.31
C PRO A 603 -17.98 -32.06 36.06
N LEU A 604 -18.05 -30.73 36.03
CA LEU A 604 -19.29 -30.00 35.84
C LEU A 604 -19.04 -28.87 34.84
N THR A 605 -20.00 -27.97 34.73
CA THR A 605 -19.90 -26.84 33.80
C THR A 605 -20.65 -25.63 34.36
N VAL A 606 -20.34 -24.47 33.80
CA VAL A 606 -21.17 -23.28 33.94
C VAL A 606 -22.17 -23.24 32.80
N PHE A 607 -23.45 -23.14 33.15
CA PHE A 607 -24.51 -23.05 32.16
C PHE A 607 -24.85 -21.59 31.85
N SER A 608 -25.56 -21.40 30.75
CA SER A 608 -26.13 -20.11 30.38
C SER A 608 -27.60 -20.32 30.08
N GLU A 609 -28.44 -19.42 30.57
CA GLU A 609 -29.88 -19.56 30.42
C GLU A 609 -30.43 -18.45 29.53
N SER A 610 -31.38 -18.82 28.67
CA SER A 610 -31.93 -17.92 27.67
C SER A 610 -33.33 -18.38 27.31
N CYS A 611 -33.94 -17.67 26.37
CA CYS A 611 -35.29 -17.95 25.90
C CYS A 611 -35.26 -18.40 24.45
N SER A 612 -36.34 -19.05 24.04
CA SER A 612 -36.51 -19.52 22.67
C SER A 612 -37.79 -19.00 22.03
N ASN A 613 -38.43 -18.00 22.62
CA ASN A 613 -39.65 -17.42 22.07
C ASN A 613 -39.77 -15.98 22.53
N GLU A 614 -40.79 -15.29 22.00
CA GLU A 614 -40.93 -13.85 22.20
C GLU A 614 -41.60 -13.48 23.50
N SER A 615 -42.49 -14.33 24.02
CA SER A 615 -43.19 -14.15 25.29
C SER A 615 -44.34 -13.17 25.20
N PHE A 616 -45.08 -13.04 26.30
CA PHE A 616 -46.19 -12.11 26.43
C PHE A 616 -45.72 -10.82 27.08
N ALA A 617 -46.52 -9.77 26.89
CA ALA A 617 -46.17 -8.46 27.42
C ALA A 617 -46.02 -8.48 28.94
N SER A 618 -47.08 -8.84 29.65
CA SER A 618 -47.06 -8.86 31.11
C SER A 618 -46.69 -7.48 31.64
N ILE A 619 -46.37 -7.38 32.93
CA ILE A 619 -46.02 -6.08 33.49
C ILE A 619 -44.69 -6.15 34.25
N GLY A 635 -47.12 0.96 44.65
CA GLY A 635 -45.82 1.26 44.09
C GLY A 635 -45.84 1.46 42.59
N LEU A 636 -44.75 1.06 41.92
CA LEU A 636 -44.64 1.15 40.48
C LEU A 636 -44.15 -0.18 39.93
N SER A 637 -44.36 -0.37 38.62
CA SER A 637 -43.88 -1.56 37.96
C SER A 637 -43.57 -1.24 36.50
N ILE A 638 -42.70 -2.05 35.90
CA ILE A 638 -42.24 -1.84 34.54
C ILE A 638 -42.36 -3.17 33.79
N SER A 639 -42.44 -3.07 32.46
CA SER A 639 -42.69 -4.23 31.61
C SER A 639 -41.63 -4.34 30.54
N VAL A 640 -41.03 -5.53 30.41
CA VAL A 640 -40.10 -5.85 29.33
C VAL A 640 -40.41 -7.24 28.81
N ALA A 641 -40.19 -7.43 27.51
CA ALA A 641 -40.32 -8.73 26.87
C ALA A 641 -38.99 -9.14 26.26
N ALA A 642 -38.71 -10.45 26.30
CA ALA A 642 -37.45 -11.01 25.84
C ALA A 642 -37.68 -12.00 24.71
N GLU A 643 -36.81 -11.97 23.71
CA GLU A 643 -36.85 -12.88 22.58
C GLU A 643 -35.42 -13.28 22.23
N PRO A 644 -35.25 -14.44 21.58
CA PRO A 644 -33.90 -14.87 21.19
C PRO A 644 -33.24 -13.89 20.22
N MET A 645 -31.97 -13.58 20.49
CA MET A 645 -31.16 -12.76 19.61
C MET A 645 -30.94 -13.45 18.27
N ASP A 646 -30.61 -12.65 17.25
CA ASP A 646 -30.37 -13.17 15.92
C ASP A 646 -29.17 -14.11 15.92
N SER A 647 -29.29 -15.21 15.17
CA SER A 647 -28.25 -16.24 15.18
C SER A 647 -26.92 -15.68 14.71
N LYS A 648 -26.94 -14.95 13.60
CA LYS A 648 -25.71 -14.34 13.10
C LYS A 648 -25.16 -13.31 14.07
N MET A 649 -26.03 -12.54 14.70
CA MET A 649 -25.58 -11.51 15.65
C MET A 649 -24.95 -12.13 16.89
N ILE A 650 -25.44 -13.30 17.32
CA ILE A 650 -24.85 -13.95 18.49
C ILE A 650 -23.39 -14.33 18.20
N GLN A 651 -23.13 -14.88 17.01
CA GLN A 651 -21.77 -15.23 16.65
C GLN A 651 -20.87 -13.99 16.61
N ASP A 652 -21.32 -12.94 15.93
CA ASP A 652 -20.50 -11.73 15.79
C ASP A 652 -20.11 -11.17 17.15
N LEU A 653 -21.05 -11.10 18.09
CA LEU A 653 -20.72 -10.60 19.41
C LEU A 653 -19.79 -11.55 20.15
N SER A 654 -19.86 -12.85 19.85
CA SER A 654 -18.91 -13.81 20.41
C SER A 654 -17.51 -13.54 19.88
N ARG A 655 -17.39 -12.95 18.69
CA ARG A 655 -16.12 -12.58 18.10
C ARG A 655 -15.72 -11.15 18.43
N ASN A 656 -16.47 -10.49 19.31
CA ASN A 656 -16.17 -9.13 19.78
C ASN A 656 -16.23 -8.10 18.65
N THR A 657 -16.99 -8.39 17.60
CA THR A 657 -17.16 -7.47 16.49
C THR A 657 -18.64 -7.44 16.09
N LEU A 658 -19.13 -6.27 15.70
CA LEU A 658 -20.53 -6.11 15.33
C LEU A 658 -20.55 -5.65 13.88
N GLY A 659 -21.19 -6.43 13.02
CA GLY A 659 -21.19 -6.18 11.60
C GLY A 659 -20.13 -7.00 10.91
N LYS A 660 -19.94 -6.74 9.61
CA LYS A 660 -19.01 -7.53 8.84
C LYS A 660 -18.56 -6.75 7.61
N GLY A 661 -17.50 -7.24 6.98
CA GLY A 661 -17.04 -6.72 5.70
C GLY A 661 -16.46 -5.32 5.75
N GLN A 662 -15.48 -5.10 6.63
CA GLN A 662 -14.86 -3.79 6.86
C GLN A 662 -15.88 -2.71 7.22
N ASN A 663 -17.10 -3.10 7.58
CA ASN A 663 -18.08 -2.15 8.09
C ASN A 663 -18.51 -2.71 9.45
N CYS A 664 -17.64 -2.53 10.44
CA CYS A 664 -17.87 -3.08 11.78
C CYS A 664 -17.25 -2.14 12.82
N LEU A 665 -17.74 -2.25 14.05
CA LEU A 665 -17.25 -1.45 15.17
C LEU A 665 -16.83 -2.38 16.29
N ASP A 666 -15.63 -2.16 16.83
CA ASP A 666 -15.19 -2.94 17.99
C ASP A 666 -16.08 -2.63 19.18
N ILE A 667 -16.44 -3.69 19.92
CA ILE A 667 -17.41 -3.60 21.01
C ILE A 667 -16.98 -2.60 22.08
N ASP A 668 -15.67 -2.42 22.28
CA ASP A 668 -15.19 -1.56 23.35
C ASP A 668 -15.70 -0.13 23.20
N GLY A 669 -15.74 0.38 21.98
CA GLY A 669 -16.22 1.72 21.70
C GLY A 669 -17.57 1.78 21.01
N ILE A 670 -18.39 0.73 21.18
CA ILE A 670 -19.64 0.64 20.44
C ILE A 670 -20.61 1.76 20.84
N MET A 671 -20.73 2.05 22.14
CA MET A 671 -21.59 3.16 22.56
C MET A 671 -20.97 4.49 22.20
N ASP A 672 -19.64 4.55 22.06
CA ASP A 672 -18.93 5.80 21.84
C ASP A 672 -19.17 6.36 20.44
N ASN A 673 -19.54 5.51 19.48
CA ASN A 673 -19.75 5.92 18.09
C ASN A 673 -21.21 5.67 17.76
N PRO A 674 -22.11 6.61 18.07
CA PRO A 674 -23.54 6.35 17.88
C PRO A 674 -23.96 6.34 16.42
N ARG A 675 -23.40 7.23 15.60
CA ARG A 675 -23.83 7.33 14.20
C ARG A 675 -23.60 6.02 13.46
N LYS A 676 -22.39 5.49 13.52
CA LYS A 676 -22.09 4.24 12.82
C LYS A 676 -22.83 3.07 13.43
N LEU A 677 -23.05 3.07 14.75
CA LEU A 677 -23.81 2.00 15.37
C LEU A 677 -25.20 1.89 14.75
N SER A 678 -25.91 3.02 14.65
CA SER A 678 -27.23 3.02 14.05
C SER A 678 -27.17 2.57 12.59
N LYS A 679 -26.14 3.01 11.85
CA LYS A 679 -26.02 2.65 10.45
C LYS A 679 -25.78 1.15 10.28
N ILE A 680 -24.84 0.59 11.03
CA ILE A 680 -24.52 -0.83 10.90
C ILE A 680 -25.69 -1.70 11.32
N LEU A 681 -26.40 -1.29 12.37
CA LEU A 681 -27.51 -2.09 12.88
C LEU A 681 -28.63 -2.18 11.85
N ARG A 682 -28.93 -1.07 11.19
CA ARG A 682 -29.99 -1.03 10.19
C ARG A 682 -29.57 -1.70 8.88
N THR A 683 -28.31 -1.52 8.47
CA THR A 683 -27.86 -2.01 7.17
C THR A 683 -27.43 -3.47 7.23
N GLU A 684 -26.60 -3.83 8.20
CA GLU A 684 -26.00 -5.16 8.22
C GLU A 684 -26.94 -6.21 8.83
N TYR A 685 -27.76 -5.84 9.80
CA TYR A 685 -28.62 -6.79 10.50
C TYR A 685 -30.10 -6.64 10.17
N GLY A 686 -30.50 -5.56 9.51
CA GLY A 686 -31.87 -5.43 9.07
C GLY A 686 -32.82 -4.87 10.10
N TRP A 687 -32.31 -4.17 11.10
CA TRP A 687 -33.17 -3.54 12.08
C TRP A 687 -33.93 -2.39 11.44
N ASP A 688 -35.15 -2.16 11.91
CA ASP A 688 -35.91 -1.02 11.40
C ASP A 688 -35.31 0.29 11.92
N SER A 689 -35.83 1.40 11.39
CA SER A 689 -35.21 2.70 11.64
C SER A 689 -35.26 3.07 13.13
N LEU A 690 -36.44 2.96 13.75
CA LEU A 690 -36.58 3.43 15.13
C LEU A 690 -35.75 2.61 16.10
N ALA A 691 -35.68 1.29 15.92
CA ALA A 691 -34.98 0.44 16.88
C ALA A 691 -33.47 0.67 16.85
N SER A 692 -32.92 0.95 15.66
CA SER A 692 -31.48 1.08 15.52
C SER A 692 -30.92 2.18 16.42
N ARG A 693 -31.59 3.33 16.46
CA ARG A 693 -31.14 4.43 17.29
C ARG A 693 -31.34 4.16 18.78
N ASN A 694 -32.36 3.38 19.13
CA ASN A 694 -32.80 3.24 20.52
C ASN A 694 -31.99 2.25 21.34
N VAL A 695 -30.96 1.61 20.77
CA VAL A 695 -30.18 0.66 21.54
C VAL A 695 -29.52 1.36 22.72
N TRP A 696 -29.55 0.70 23.88
CA TRP A 696 -29.03 1.27 25.12
C TRP A 696 -27.74 0.62 25.58
N SER A 697 -27.65 -0.72 25.58
CA SER A 697 -26.47 -1.36 26.12
C SER A 697 -26.28 -2.74 25.50
N PHE A 698 -25.06 -3.25 25.63
CA PHE A 698 -24.68 -4.59 25.22
C PHE A 698 -23.94 -5.23 26.38
N TYR A 699 -24.21 -6.51 26.62
CA TYR A 699 -23.55 -7.20 27.73
C TYR A 699 -23.63 -8.70 27.50
N ASN A 700 -22.47 -9.33 27.26
CA ASN A 700 -22.33 -10.78 27.20
C ASN A 700 -23.34 -11.40 26.23
N GLY A 701 -23.36 -10.88 25.01
CA GLY A 701 -24.22 -11.43 23.98
C GLY A 701 -25.69 -11.06 24.10
N ASN A 702 -26.03 -10.08 24.92
CA ASN A 702 -27.41 -9.63 25.06
C ASN A 702 -27.48 -8.12 24.87
N VAL A 703 -28.58 -7.67 24.27
CA VAL A 703 -28.80 -6.26 23.99
C VAL A 703 -30.07 -5.81 24.70
N LEU A 704 -30.07 -4.58 25.21
CA LEU A 704 -31.23 -3.97 25.84
C LEU A 704 -31.62 -2.79 24.95
N ILE A 705 -32.68 -2.97 24.16
CA ILE A 705 -33.18 -1.91 23.30
C ILE A 705 -34.30 -1.17 24.00
N ASN A 706 -34.59 0.03 23.53
CA ASN A 706 -35.59 0.91 24.13
C ASN A 706 -36.79 0.95 23.19
N ASP A 707 -37.85 0.20 23.54
CA ASP A 707 -39.06 0.13 22.74
C ASP A 707 -40.24 0.78 23.44
N THR A 708 -39.98 1.85 24.20
CA THR A 708 -41.05 2.62 24.80
C THR A 708 -41.58 3.67 23.82
N LEU A 709 -42.82 4.08 24.06
CA LEU A 709 -43.48 5.07 23.22
C LEU A 709 -43.22 6.46 23.77
N PRO A 710 -43.00 7.46 22.90
CA PRO A 710 -42.60 8.79 23.40
C PRO A 710 -43.72 9.57 24.06
N ASP A 711 -44.98 9.16 23.88
CA ASP A 711 -46.12 9.84 24.49
C ASP A 711 -46.79 8.96 25.55
N GLU A 712 -45.97 8.23 26.28
CA GLU A 712 -46.32 7.54 27.51
C GLU A 712 -45.34 7.89 28.62
N ILE A 713 -44.05 7.95 28.30
CA ILE A 713 -43.01 8.43 29.21
C ILE A 713 -42.13 9.37 28.42
N SER A 714 -41.94 10.59 28.92
CA SER A 714 -41.15 11.57 28.20
C SER A 714 -39.71 11.08 28.07
N PRO A 715 -39.12 11.11 26.87
CA PRO A 715 -37.69 10.75 26.76
C PRO A 715 -36.79 11.56 27.66
N GLU A 716 -37.21 12.76 28.08
CA GLU A 716 -36.44 13.53 29.04
C GLU A 716 -36.42 12.84 30.40
N LEU A 717 -37.59 12.41 30.88
CA LEU A 717 -37.67 11.67 32.14
C LEU A 717 -36.95 10.34 32.03
N LEU A 718 -37.03 9.69 30.86
CA LEU A 718 -36.39 8.38 30.71
C LEU A 718 -34.88 8.48 30.71
N SER A 719 -34.33 9.62 30.27
CA SER A 719 -32.88 9.78 30.20
C SER A 719 -32.25 9.72 31.59
N LYS A 720 -32.87 10.41 32.57
CA LYS A 720 -32.30 10.46 33.91
C LYS A 720 -32.31 9.09 34.57
N TYR A 721 -33.32 8.29 34.30
CA TYR A 721 -33.44 6.95 34.86
C TYR A 721 -32.79 5.89 33.99
N LYS A 722 -32.27 6.28 32.82
CA LYS A 722 -31.74 5.29 31.87
C LYS A 722 -30.52 4.57 32.42
N GLU A 723 -29.63 5.29 33.12
CA GLU A 723 -28.43 4.66 33.64
C GLU A 723 -28.77 3.59 34.68
N GLN A 724 -29.80 3.83 35.49
CA GLN A 724 -30.23 2.82 36.45
C GLN A 724 -30.92 1.65 35.77
N ILE A 725 -31.66 1.94 34.68
CA ILE A 725 -32.27 0.87 33.89
C ILE A 725 -31.21 -0.06 33.33
N ILE A 726 -30.09 0.51 32.86
CA ILE A 726 -28.98 -0.32 32.38
C ILE A 726 -28.41 -1.15 33.52
N GLN A 727 -28.25 -0.54 34.69
CA GLN A 727 -27.67 -1.25 35.83
C GLN A 727 -28.53 -2.43 36.26
N GLY A 728 -29.85 -2.27 36.17
CA GLY A 728 -30.73 -3.39 36.45
C GLY A 728 -30.67 -4.46 35.37
N PHE A 729 -30.59 -4.04 34.12
CA PHE A 729 -30.36 -4.99 33.02
C PHE A 729 -29.06 -5.76 33.24
N TYR A 730 -28.05 -5.12 33.84
CA TYR A 730 -26.79 -5.78 34.10
C TYR A 730 -26.93 -6.85 35.17
N TRP A 731 -27.65 -6.56 36.25
CA TRP A 731 -27.79 -7.54 37.32
C TRP A 731 -28.55 -8.77 36.86
N ALA A 732 -29.56 -8.58 36.00
CA ALA A 732 -30.33 -9.71 35.51
C ALA A 732 -29.50 -10.62 34.63
N VAL A 733 -28.71 -10.04 33.71
CA VAL A 733 -27.93 -10.87 32.79
C VAL A 733 -26.82 -11.61 33.52
N LYS A 734 -26.32 -11.05 34.63
CA LYS A 734 -25.28 -11.74 35.40
C LYS A 734 -25.81 -13.03 36.02
N GLU A 735 -27.00 -12.96 36.62
CA GLU A 735 -27.60 -14.11 37.31
C GLU A 735 -29.05 -14.27 36.85
N GLY A 736 -29.28 -15.22 35.93
CA GLY A 736 -30.57 -15.45 35.36
C GLY A 736 -31.57 -15.99 36.36
N PRO A 737 -32.84 -16.19 35.92
CA PRO A 737 -33.85 -16.68 36.86
C PRO A 737 -33.62 -18.14 37.22
N LEU A 738 -33.78 -19.02 36.24
CA LEU A 738 -33.66 -20.46 36.47
C LEU A 738 -32.20 -20.80 36.75
N ALA A 739 -31.89 -21.01 38.03
CA ALA A 739 -30.59 -21.46 38.55
C ALA A 739 -29.49 -20.40 38.52
N GLU A 740 -29.84 -19.11 38.43
CA GLU A 740 -28.88 -18.01 38.62
C GLU A 740 -27.65 -18.13 37.71
N GLU A 741 -27.87 -18.48 36.45
CA GLU A 741 -26.73 -18.54 35.54
C GLU A 741 -26.74 -17.34 34.61
N PRO A 742 -25.59 -16.95 34.05
CA PRO A 742 -25.54 -15.76 33.19
C PRO A 742 -26.42 -15.95 31.95
N ILE A 743 -27.05 -14.85 31.54
CA ILE A 743 -27.96 -14.87 30.40
C ILE A 743 -27.17 -14.62 29.13
N TYR A 744 -27.52 -15.35 28.06
CA TYR A 744 -26.77 -15.34 26.82
C TYR A 744 -27.73 -15.34 25.64
N GLY A 745 -27.49 -14.46 24.68
CA GLY A 745 -28.25 -14.48 23.44
C GLY A 745 -29.72 -14.11 23.55
N VAL A 746 -30.04 -13.07 24.31
CA VAL A 746 -31.41 -12.65 24.54
C VAL A 746 -31.52 -11.17 24.19
N GLN A 747 -32.62 -10.80 23.54
CA GLN A 747 -32.89 -9.42 23.15
C GLN A 747 -33.99 -8.86 24.03
N TYR A 748 -33.62 -8.01 24.99
CA TYR A 748 -34.56 -7.45 25.95
C TYR A 748 -35.14 -6.14 25.40
N LYS A 749 -36.42 -6.15 25.07
CA LYS A 749 -37.14 -4.95 24.67
C LYS A 749 -37.73 -4.29 25.91
N LEU A 750 -37.38 -3.03 26.15
CA LEU A 750 -38.00 -2.26 27.23
C LEU A 750 -39.31 -1.68 26.71
N LEU A 751 -40.44 -2.27 27.12
CA LEU A 751 -41.73 -1.88 26.58
C LEU A 751 -42.22 -0.57 27.19
N SER A 752 -42.35 -0.52 28.51
CA SER A 752 -42.82 0.69 29.18
C SER A 752 -42.42 0.66 30.64
N ILE A 753 -42.43 1.85 31.26
CA ILE A 753 -42.11 2.02 32.66
C ILE A 753 -43.11 3.01 33.26
N SER A 754 -43.19 3.03 34.59
CA SER A 754 -44.06 3.96 35.30
C SER A 754 -43.26 5.11 35.87
N VAL A 755 -43.82 6.31 35.79
CA VAL A 755 -43.17 7.52 36.28
C VAL A 755 -43.99 8.17 37.39
N PRO A 756 -44.07 7.59 38.58
CA PRO A 756 -44.81 8.24 39.67
C PRO A 756 -44.01 9.42 40.20
N SER A 757 -44.66 10.58 40.23
CA SER A 757 -44.04 11.78 40.78
C SER A 757 -44.13 11.81 42.29
N ASP A 758 -44.04 13.01 42.88
CA ASP A 758 -44.25 13.23 44.31
C ASP A 758 -43.26 12.41 45.16
N VAL A 759 -42.08 12.11 44.61
CA VAL A 759 -41.02 11.42 45.34
C VAL A 759 -39.69 12.10 45.01
N ASN A 760 -38.69 11.77 45.82
CA ASN A 760 -37.33 12.23 45.56
C ASN A 760 -36.66 11.29 44.57
N ILE A 761 -35.83 11.87 43.69
CA ILE A 761 -35.30 11.09 42.58
C ILE A 761 -34.26 10.09 43.06
N ASP A 762 -33.52 10.44 44.11
CA ASP A 762 -32.42 9.58 44.54
C ASP A 762 -32.92 8.26 45.11
N VAL A 763 -34.09 8.26 45.74
CA VAL A 763 -34.69 7.01 46.21
C VAL A 763 -35.42 6.32 45.07
N MET A 764 -36.09 7.09 44.21
CA MET A 764 -36.70 6.53 43.00
C MET A 764 -35.66 5.83 42.13
N LYS A 765 -34.51 6.45 41.93
CA LYS A 765 -33.45 5.83 41.15
C LYS A 765 -32.95 4.54 41.78
N SER A 766 -33.08 4.41 43.10
CA SER A 766 -32.67 3.19 43.77
C SER A 766 -33.65 2.03 43.53
N GLN A 767 -34.94 2.33 43.31
CA GLN A 767 -35.92 1.27 43.11
C GLN A 767 -35.91 0.71 41.69
N ILE A 768 -35.54 1.51 40.69
CA ILE A 768 -35.64 1.07 39.31
C ILE A 768 -34.71 -0.12 39.03
N ILE A 769 -33.51 -0.12 39.61
CA ILE A 769 -32.53 -1.17 39.35
C ILE A 769 -33.07 -2.53 39.81
N PRO A 770 -33.49 -2.71 41.08
CA PRO A 770 -34.02 -4.03 41.46
C PRO A 770 -35.27 -4.40 40.70
N LEU A 771 -36.15 -3.44 40.43
CA LEU A 771 -37.38 -3.74 39.70
C LEU A 771 -37.07 -4.12 38.25
N MET A 772 -36.15 -3.40 37.61
CA MET A 772 -35.74 -3.78 36.26
C MET A 772 -35.08 -5.15 36.23
N LYS A 773 -34.35 -5.49 37.29
CA LYS A 773 -33.83 -6.84 37.39
C LYS A 773 -34.97 -7.85 37.37
N LYS A 774 -35.92 -7.71 38.30
CA LYS A 774 -37.06 -8.61 38.35
C LYS A 774 -37.89 -8.56 37.07
N ALA A 775 -38.01 -7.37 36.47
CA ALA A 775 -38.76 -7.23 35.23
C ALA A 775 -38.17 -8.08 34.11
N CYS A 776 -36.85 -8.11 34.01
CA CYS A 776 -36.22 -8.95 32.98
C CYS A 776 -36.48 -10.42 33.21
N TYR A 777 -36.62 -10.84 34.47
CA TYR A 777 -36.81 -12.26 34.75
C TYR A 777 -38.16 -12.75 34.25
N VAL A 778 -39.22 -11.94 34.39
CA VAL A 778 -40.51 -12.37 33.89
C VAL A 778 -40.50 -12.40 32.36
N GLY A 779 -39.78 -11.47 31.73
CA GLY A 779 -39.71 -11.46 30.28
C GLY A 779 -39.10 -12.74 29.71
N LEU A 780 -38.07 -13.26 30.38
CA LEU A 780 -37.46 -14.51 29.95
C LEU A 780 -38.31 -15.71 30.34
N LEU A 781 -39.03 -15.63 31.45
CA LEU A 781 -39.87 -16.74 31.89
C LEU A 781 -41.19 -16.80 31.13
N THR A 782 -41.75 -15.64 30.75
CA THR A 782 -42.94 -15.63 29.92
C THR A 782 -42.68 -16.21 28.53
N ALA A 783 -41.42 -16.29 28.11
CA ALA A 783 -41.08 -16.90 26.83
C ALA A 783 -41.05 -18.41 26.96
N ILE A 784 -40.18 -19.06 26.19
CA ILE A 784 -39.90 -20.47 26.40
C ILE A 784 -38.48 -20.54 26.94
N PRO A 785 -38.27 -20.36 28.24
CA PRO A 785 -36.92 -20.33 28.78
C PRO A 785 -36.23 -21.69 28.64
N ILE A 786 -34.97 -21.63 28.18
CA ILE A 786 -34.16 -22.81 27.95
C ILE A 786 -32.87 -22.68 28.73
N LEU A 787 -32.15 -23.78 28.82
CA LEU A 787 -30.81 -23.82 29.41
C LEU A 787 -29.80 -24.12 28.33
N LEU A 788 -28.73 -23.34 28.28
CA LEU A 788 -27.69 -23.48 27.27
C LEU A 788 -26.42 -23.99 27.93
N GLU A 789 -25.78 -24.97 27.30
CA GLU A 789 -24.55 -25.55 27.77
C GLU A 789 -23.43 -25.30 26.77
N PRO A 790 -22.20 -25.09 27.24
CA PRO A 790 -21.09 -24.92 26.31
C PRO A 790 -20.78 -26.21 25.58
N ILE A 791 -20.19 -26.07 24.39
CA ILE A 791 -19.80 -27.20 23.58
C ILE A 791 -18.30 -27.09 23.31
N TYR A 792 -17.55 -28.09 23.76
CA TYR A 792 -16.15 -28.20 23.38
C TYR A 792 -16.03 -28.58 21.91
N GLU A 793 -15.07 -27.95 21.23
CA GLU A 793 -14.66 -28.42 19.91
C GLU A 793 -13.46 -29.35 20.08
N VAL A 794 -13.36 -30.34 19.21
CA VAL A 794 -12.33 -31.37 19.34
C VAL A 794 -11.60 -31.51 18.01
N ASP A 795 -10.27 -31.53 18.08
CA ASP A 795 -9.40 -31.67 16.92
C ASP A 795 -8.72 -33.03 17.02
N ILE A 796 -9.21 -34.00 16.27
CA ILE A 796 -8.71 -35.37 16.31
C ILE A 796 -7.76 -35.58 15.14
N THR A 797 -6.52 -35.96 15.45
CA THR A 797 -5.59 -36.47 14.46
C THR A 797 -5.41 -37.96 14.72
N VAL A 798 -5.83 -38.78 13.76
CA VAL A 798 -5.85 -40.23 13.92
C VAL A 798 -5.55 -40.84 12.56
N HIS A 799 -4.85 -41.97 12.56
CA HIS A 799 -4.58 -42.70 11.33
C HIS A 799 -5.87 -42.97 10.57
N ALA A 800 -5.78 -43.02 9.24
CA ALA A 800 -6.98 -43.07 8.41
C ALA A 800 -7.81 -44.32 8.63
N PRO A 801 -7.27 -45.55 8.51
CA PRO A 801 -8.12 -46.74 8.69
C PRO A 801 -8.66 -46.89 10.10
N LEU A 802 -8.16 -46.11 11.06
CA LEU A 802 -8.61 -46.14 12.44
C LEU A 802 -9.76 -45.16 12.68
N LEU A 803 -10.36 -44.64 11.62
CA LEU A 803 -11.49 -43.73 11.78
C LEU A 803 -12.71 -44.39 12.43
N PRO A 804 -13.06 -45.66 12.14
CA PRO A 804 -14.21 -46.28 12.82
C PRO A 804 -14.24 -46.14 14.33
N ILE A 805 -13.14 -46.44 15.03
CA ILE A 805 -13.14 -46.35 16.49
C ILE A 805 -13.40 -44.91 16.95
N VAL A 806 -13.03 -43.93 16.13
CA VAL A 806 -13.36 -42.55 16.44
C VAL A 806 -14.88 -42.35 16.40
N GLU A 807 -15.53 -42.88 15.36
CA GLU A 807 -16.97 -42.67 15.18
C GLU A 807 -17.78 -43.36 16.28
N GLU A 808 -17.42 -44.59 16.64
CA GLU A 808 -18.15 -45.30 17.69
C GLU A 808 -18.00 -44.59 19.03
N LEU A 809 -16.76 -44.27 19.41
CA LEU A 809 -16.53 -43.46 20.60
C LEU A 809 -17.30 -42.15 20.55
N MET A 810 -17.48 -41.58 19.35
CA MET A 810 -18.22 -40.34 19.22
C MET A 810 -19.70 -40.55 19.49
N LYS A 811 -20.26 -41.66 19.03
CA LYS A 811 -21.67 -41.93 19.26
C LYS A 811 -21.97 -42.16 20.74
N LYS A 812 -21.06 -42.83 21.44
CA LYS A 812 -21.27 -43.11 22.87
C LYS A 812 -21.40 -41.83 23.67
N ARG A 813 -20.71 -40.76 23.26
CA ARG A 813 -20.90 -39.46 23.89
C ARG A 813 -22.11 -38.78 23.29
N ARG A 814 -22.98 -38.25 24.14
CA ARG A 814 -24.21 -37.64 23.67
C ARG A 814 -23.93 -36.31 22.98
N GLY A 815 -24.77 -35.97 22.01
CA GLY A 815 -24.69 -34.69 21.34
C GLY A 815 -23.33 -34.39 20.73
N SER A 816 -22.64 -35.42 20.26
CA SER A 816 -21.29 -35.29 19.71
C SER A 816 -21.29 -35.80 18.30
N ARG A 817 -20.92 -34.95 17.35
CA ARG A 817 -20.93 -35.30 15.95
C ARG A 817 -19.65 -34.83 15.27
N ILE A 818 -19.32 -35.48 14.17
CA ILE A 818 -18.14 -35.17 13.38
C ILE A 818 -18.53 -34.18 12.29
N TYR A 819 -17.74 -33.11 12.16
CA TYR A 819 -18.01 -32.11 11.13
C TYR A 819 -17.07 -32.30 9.95
N LYS A 820 -16.18 -31.33 9.72
CA LYS A 820 -15.24 -31.43 8.60
C LYS A 820 -14.22 -32.54 8.87
N THR A 821 -13.87 -33.26 7.80
CA THR A 821 -12.86 -34.32 7.87
C THR A 821 -11.86 -34.10 6.75
N ILE A 822 -10.66 -33.63 7.11
CA ILE A 822 -9.62 -33.28 6.15
C ILE A 822 -8.53 -34.34 6.13
N LYS A 823 -8.12 -34.72 4.92
CA LYS A 823 -7.01 -35.66 4.74
C LYS A 823 -5.70 -34.91 4.87
N VAL A 824 -4.85 -35.34 5.80
CA VAL A 824 -3.56 -34.67 5.95
C VAL A 824 -2.66 -35.11 4.80
N ALA A 825 -2.16 -34.13 4.05
CA ALA A 825 -1.43 -34.44 2.82
C ALA A 825 -0.08 -35.05 3.15
N GLY A 826 0.26 -36.13 2.47
CA GLY A 826 1.55 -36.77 2.61
C GLY A 826 1.72 -37.64 3.84
N THR A 827 0.65 -37.86 4.60
CA THR A 827 0.70 -38.66 5.82
C THR A 827 -0.48 -39.63 5.81
N PRO A 828 -0.37 -40.74 6.55
CA PRO A 828 -1.50 -41.68 6.63
C PRO A 828 -2.57 -41.24 7.59
N LEU A 829 -2.30 -40.27 8.45
CA LEU A 829 -3.23 -39.86 9.48
C LEU A 829 -4.21 -38.82 8.94
N LEU A 830 -5.43 -38.88 9.45
CA LEU A 830 -6.49 -37.97 9.05
C LEU A 830 -6.70 -36.95 10.16
N GLU A 831 -7.16 -35.75 9.78
CA GLU A 831 -7.46 -34.70 10.74
C GLU A 831 -8.96 -34.44 10.71
N VAL A 832 -9.63 -34.65 11.84
CA VAL A 832 -11.07 -34.52 11.94
C VAL A 832 -11.41 -33.47 12.98
N ARG A 833 -12.25 -32.52 12.60
CA ARG A 833 -12.73 -31.49 13.50
C ARG A 833 -14.14 -31.83 13.94
N GLY A 834 -14.40 -31.70 15.23
CA GLY A 834 -15.70 -32.05 15.78
C GLY A 834 -15.99 -31.23 17.02
N GLN A 835 -17.20 -31.39 17.52
CA GLN A 835 -17.59 -30.75 18.77
C GLN A 835 -18.24 -31.77 19.71
N VAL A 836 -17.92 -31.65 21.00
CA VAL A 836 -18.47 -32.53 22.03
C VAL A 836 -18.98 -31.67 23.20
N PRO A 837 -20.11 -32.01 23.79
CA PRO A 837 -20.56 -31.26 24.97
C PRO A 837 -19.58 -31.40 26.11
N VAL A 838 -19.36 -30.30 26.83
CA VAL A 838 -18.35 -30.25 27.88
C VAL A 838 -18.70 -31.19 29.02
N ILE A 839 -19.98 -31.30 29.37
CA ILE A 839 -20.37 -32.18 30.47
C ILE A 839 -20.14 -33.64 30.12
N GLU A 840 -20.22 -33.99 28.83
CA GLU A 840 -20.00 -35.34 28.38
C GLU A 840 -18.58 -35.57 27.88
N SER A 841 -17.69 -34.61 28.11
CA SER A 841 -16.32 -34.70 27.62
C SER A 841 -15.38 -35.40 28.59
N ALA A 842 -15.84 -35.73 29.80
CA ALA A 842 -14.97 -36.31 30.80
C ALA A 842 -14.37 -37.62 30.31
N GLY A 843 -13.05 -37.72 30.41
CA GLY A 843 -12.34 -38.92 30.01
C GLY A 843 -12.44 -39.29 28.55
N PHE A 844 -12.84 -38.36 27.69
CA PHE A 844 -12.93 -38.68 26.27
C PHE A 844 -11.55 -38.75 25.63
N GLU A 845 -10.68 -37.80 25.94
CA GLU A 845 -9.31 -37.85 25.44
C GLU A 845 -8.62 -39.14 25.86
N THR A 846 -8.83 -39.57 27.10
CA THR A 846 -8.18 -40.79 27.59
C THR A 846 -8.83 -42.03 27.00
N ASP A 847 -10.13 -41.99 26.71
CA ASP A 847 -10.76 -43.07 25.95
C ASP A 847 -10.11 -43.21 24.59
N LEU A 848 -9.99 -42.10 23.85
CA LEU A 848 -9.52 -42.17 22.47
C LEU A 848 -8.08 -42.65 22.38
N ARG A 849 -7.22 -42.22 23.30
CA ARG A 849 -5.82 -42.63 23.24
C ARG A 849 -5.67 -44.13 23.45
N LEU A 850 -6.33 -44.67 24.47
CA LEU A 850 -6.20 -46.10 24.76
C LEU A 850 -6.95 -46.93 23.72
N SER A 851 -8.11 -46.45 23.27
CA SER A 851 -8.84 -47.16 22.22
C SER A 851 -8.01 -47.27 20.95
N THR A 852 -7.12 -46.31 20.69
CA THR A 852 -6.32 -46.27 19.49
C THR A 852 -4.86 -46.63 19.71
N ASN A 853 -4.47 -46.97 20.95
CA ASN A 853 -3.10 -47.35 21.28
C ASN A 853 -2.10 -46.24 20.94
N GLY A 854 -2.56 -44.98 20.98
CA GLY A 854 -1.71 -43.86 20.66
C GLY A 854 -1.78 -43.39 19.22
N LEU A 855 -2.22 -44.25 18.29
CA LEU A 855 -2.38 -43.84 16.91
C LEU A 855 -3.52 -42.84 16.71
N GLY A 856 -4.28 -42.54 17.76
CA GLY A 856 -5.25 -41.46 17.72
C GLY A 856 -4.96 -40.46 18.82
N MET A 857 -5.45 -39.23 18.66
CA MET A 857 -5.21 -38.17 19.64
C MET A 857 -6.17 -37.03 19.37
N CYS A 858 -6.65 -36.40 20.44
CA CYS A 858 -7.55 -35.27 20.32
C CYS A 858 -7.25 -34.25 21.40
N GLN A 859 -7.69 -33.01 21.16
CA GLN A 859 -7.65 -31.96 22.16
C GLN A 859 -8.96 -31.16 22.07
N LEU A 860 -9.41 -30.66 23.22
CA LEU A 860 -10.69 -29.98 23.34
C LEU A 860 -10.45 -28.53 23.71
N TYR A 861 -11.03 -27.61 22.93
CA TYR A 861 -10.88 -26.18 23.17
C TYR A 861 -12.25 -25.51 23.23
N PHE A 862 -12.23 -24.26 23.72
CA PHE A 862 -13.42 -23.42 23.81
C PHE A 862 -12.99 -21.96 23.67
N TRP A 863 -12.45 -21.61 22.50
CA TRP A 863 -12.21 -20.21 22.17
C TRP A 863 -13.22 -19.66 21.19
N HIS A 864 -14.18 -20.48 20.75
CA HIS A 864 -15.20 -20.06 19.81
C HIS A 864 -16.53 -19.69 20.47
N LYS A 865 -16.75 -20.10 21.71
CA LYS A 865 -17.97 -19.80 22.46
C LYS A 865 -19.20 -20.35 21.78
N ILE A 866 -19.41 -21.66 21.88
CA ILE A 866 -20.59 -22.33 21.35
C ILE A 866 -21.50 -22.70 22.51
N TRP A 867 -22.75 -22.23 22.46
CA TRP A 867 -23.76 -22.55 23.45
C TRP A 867 -24.96 -23.17 22.76
N ARG A 868 -25.18 -24.46 23.01
CA ARG A 868 -26.35 -25.18 22.51
C ARG A 868 -27.43 -25.27 23.56
N LYS A 869 -28.64 -25.61 23.11
CA LYS A 869 -29.75 -25.84 24.02
C LYS A 869 -29.62 -27.20 24.69
N VAL A 870 -29.77 -27.23 26.01
CA VAL A 870 -29.81 -28.51 26.71
C VAL A 870 -31.13 -29.21 26.39
N PRO A 871 -31.11 -30.46 25.92
CA PRO A 871 -32.33 -31.08 25.41
C PRO A 871 -33.43 -31.16 26.46
N GLY A 872 -34.68 -31.11 25.99
CA GLY A 872 -35.83 -31.21 26.85
C GLY A 872 -36.30 -29.87 27.38
N ASP A 873 -37.52 -29.88 27.91
CA ASP A 873 -38.07 -28.71 28.57
C ASP A 873 -37.45 -28.56 29.95
N VAL A 874 -37.34 -27.32 30.41
CA VAL A 874 -36.71 -27.03 31.69
C VAL A 874 -37.71 -26.62 32.76
N LEU A 875 -38.90 -26.14 32.40
CA LEU A 875 -39.96 -25.89 33.37
C LEU A 875 -40.78 -27.13 33.68
N ASP A 876 -40.56 -28.22 32.94
CA ASP A 876 -41.34 -29.44 33.07
C ASP A 876 -41.03 -30.12 34.40
N LYS A 877 -41.95 -30.01 35.36
CA LYS A 877 -41.71 -30.56 36.68
C LYS A 877 -41.75 -32.09 36.66
N ASP A 878 -42.62 -32.66 35.84
CA ASP A 878 -42.80 -34.12 35.78
C ASP A 878 -41.73 -34.74 34.88
N ALA A 879 -40.49 -34.65 35.35
CA ALA A 879 -39.32 -35.14 34.61
C ALA A 879 -38.70 -36.30 35.39
N PHE A 880 -38.74 -37.49 34.80
CA PHE A 880 -38.17 -38.68 35.42
C PHE A 880 -36.65 -38.54 35.44
N ILE A 881 -36.07 -38.36 36.62
CA ILE A 881 -34.63 -38.25 36.81
C ILE A 881 -34.18 -39.37 37.73
N PRO A 882 -33.56 -40.42 37.18
CA PRO A 882 -33.06 -41.52 38.01
C PRO A 882 -32.10 -41.04 39.09
N LYS A 883 -32.17 -41.69 40.24
CA LYS A 883 -31.36 -41.33 41.40
C LYS A 883 -29.98 -41.99 41.41
N LEU A 884 -29.74 -42.99 40.55
CA LEU A 884 -28.49 -43.73 40.56
C LEU A 884 -27.82 -43.85 39.20
N LYS A 885 -28.50 -43.51 38.12
CA LYS A 885 -28.00 -43.65 36.76
C LYS A 885 -28.24 -42.34 36.02
N PRO A 886 -27.54 -42.09 34.91
CA PRO A 886 -27.64 -40.77 34.29
C PRO A 886 -29.03 -40.50 33.74
N ALA A 887 -29.46 -39.24 33.87
CA ALA A 887 -30.82 -38.87 33.53
C ALA A 887 -31.08 -39.06 32.04
N PRO A 888 -32.30 -39.41 31.66
CA PRO A 888 -32.63 -39.52 30.24
C PRO A 888 -32.70 -38.15 29.57
N ILE A 889 -32.50 -38.18 28.26
CA ILE A 889 -32.34 -37.03 27.39
C ILE A 889 -33.34 -35.92 27.68
N ASN A 890 -34.64 -36.25 27.66
CA ASN A 890 -35.69 -35.26 27.81
C ASN A 890 -35.69 -34.61 29.18
N SER A 891 -34.92 -35.13 30.14
CA SER A 891 -34.87 -34.59 31.49
C SER A 891 -33.60 -33.80 31.77
N LEU A 892 -32.70 -33.68 30.80
CA LEU A 892 -31.40 -33.07 31.06
C LEU A 892 -31.54 -31.60 31.48
N SER A 893 -32.41 -30.86 30.81
CA SER A 893 -32.63 -29.46 31.18
C SER A 893 -33.12 -29.34 32.62
N ARG A 894 -34.16 -30.10 32.97
CA ARG A 894 -34.70 -30.03 34.33
C ARG A 894 -33.68 -30.54 35.35
N ASP A 895 -33.02 -31.65 35.04
CA ASP A 895 -32.01 -32.19 35.94
C ASP A 895 -30.91 -31.17 36.19
N PHE A 896 -30.36 -30.60 35.11
CA PHE A 896 -29.21 -29.71 35.23
C PHE A 896 -29.54 -28.43 35.97
N VAL A 897 -30.75 -27.90 35.78
CA VAL A 897 -31.11 -26.64 36.44
C VAL A 897 -31.41 -26.87 37.92
N MET A 898 -32.15 -27.94 38.24
CA MET A 898 -32.46 -28.20 39.64
C MET A 898 -31.19 -28.53 40.42
N LYS A 899 -30.34 -29.40 39.88
CA LYS A 899 -29.10 -29.75 40.57
C LYS A 899 -28.18 -28.56 40.72
N THR A 900 -28.04 -27.75 39.66
CA THR A 900 -27.24 -26.53 39.76
C THR A 900 -27.84 -25.59 40.81
N ARG A 901 -29.18 -25.55 40.89
CA ARG A 901 -29.83 -24.72 41.87
C ARG A 901 -29.58 -25.20 43.29
N ARG A 902 -29.53 -26.53 43.48
CA ARG A 902 -29.32 -27.07 44.82
C ARG A 902 -27.99 -26.62 45.41
N ARG A 903 -26.95 -26.56 44.58
CA ARG A 903 -25.67 -26.03 45.04
C ARG A 903 -25.78 -24.55 45.38
N LYS A 904 -26.50 -23.78 44.56
CA LYS A 904 -26.73 -22.37 44.85
C LYS A 904 -27.76 -22.17 45.96
N GLY A 905 -28.68 -23.13 46.14
CA GLY A 905 -29.69 -22.98 47.17
C GLY A 905 -31.11 -23.08 46.65
N ILE A 906 -31.98 -23.69 47.47
CA ILE A 906 -33.37 -23.95 47.11
C ILE A 906 -33.44 -24.71 45.79
N GLY A 916 -39.82 -25.81 42.23
CA GLY A 916 -38.91 -25.45 41.15
C GLY A 916 -38.98 -23.99 40.76
N PRO A 917 -38.35 -23.63 39.65
CA PRO A 917 -38.36 -22.23 39.20
C PRO A 917 -39.63 -21.93 38.41
N THR A 918 -40.30 -20.84 38.76
CA THR A 918 -41.56 -20.52 38.12
C THR A 918 -41.77 -19.02 38.05
N LEU A 919 -42.79 -18.63 37.27
CA LEU A 919 -43.19 -17.25 37.12
C LEU A 919 -44.04 -16.78 38.28
N GLU A 920 -44.58 -17.72 39.07
CA GLU A 920 -45.54 -17.37 40.12
C GLU A 920 -44.93 -16.44 41.15
N LYS A 921 -43.67 -16.67 41.52
CA LYS A 921 -43.04 -15.85 42.56
C LYS A 921 -42.87 -14.40 42.15
N TYR A 922 -42.85 -14.11 40.85
CA TYR A 922 -42.56 -12.76 40.37
C TYR A 922 -43.80 -11.99 39.97
N ILE A 923 -44.93 -12.64 39.76
CA ILE A 923 -46.18 -11.99 39.39
C ILE A 923 -47.17 -12.17 40.54
N SER A 924 -47.92 -11.11 40.82
CA SER A 924 -48.96 -11.18 41.85
C SER A 924 -49.93 -12.31 41.53
N ALA A 925 -50.44 -12.96 42.59
CA ALA A 925 -51.29 -14.12 42.41
C ALA A 925 -52.53 -13.81 41.59
N GLU A 926 -53.07 -12.59 41.73
CA GLU A 926 -54.25 -12.22 40.97
C GLU A 926 -53.92 -12.08 39.48
N LEU A 927 -52.84 -11.34 39.17
CA LEU A 927 -52.44 -11.20 37.77
C LEU A 927 -52.01 -12.54 37.19
N TYR A 928 -51.31 -13.36 37.99
CA TYR A 928 -50.95 -14.70 37.55
C TYR A 928 -52.19 -15.54 37.26
N ALA A 929 -53.27 -15.33 38.01
CA ALA A 929 -54.50 -16.07 37.76
C ALA A 929 -55.18 -15.59 36.49
N GLN A 930 -55.22 -14.27 36.28
CA GLN A 930 -55.86 -13.73 35.07
C GLN A 930 -55.16 -14.21 33.80
N LEU A 931 -53.83 -14.38 33.85
CA LEU A 931 -53.10 -14.88 32.69
C LEU A 931 -53.35 -16.36 32.46
N ARG A 932 -53.50 -17.14 33.53
CA ARG A 932 -53.77 -18.56 33.39
C ARG A 932 -55.10 -18.81 32.69
N GLU A 933 -56.11 -17.98 32.97
CA GLU A 933 -57.39 -18.14 32.29
C GLU A 933 -57.32 -17.73 30.83
N ASN A 934 -56.68 -16.59 30.55
CA ASN A 934 -56.46 -16.15 29.17
C ASN A 934 -55.31 -16.91 28.51
N PHE B 62 -22.41 -33.09 53.57
CA PHE B 62 -21.77 -33.70 52.40
C PHE B 62 -22.57 -33.40 51.13
N ASN B 63 -21.87 -33.32 50.00
CA ASN B 63 -22.55 -33.17 48.72
C ASN B 63 -23.41 -34.41 48.45
N SER B 64 -24.73 -34.25 48.58
CA SER B 64 -25.64 -35.37 48.52
C SER B 64 -25.85 -35.80 47.07
N ILE B 65 -26.52 -36.95 46.91
CA ILE B 65 -26.95 -37.39 45.59
C ILE B 65 -27.88 -36.38 44.97
N ASP B 66 -28.51 -35.54 45.78
CA ASP B 66 -29.39 -34.48 45.28
C ASP B 66 -28.61 -33.35 44.62
N ARG B 67 -27.30 -33.28 44.82
CA ARG B 67 -26.48 -32.21 44.27
C ARG B 67 -25.67 -32.63 43.05
N VAL B 68 -25.22 -33.88 42.98
CA VAL B 68 -24.26 -34.29 41.96
C VAL B 68 -24.98 -34.58 40.65
N ILE B 69 -24.36 -34.19 39.54
CA ILE B 69 -24.86 -34.47 38.19
C ILE B 69 -24.07 -35.64 37.64
N PHE B 70 -24.73 -36.78 37.43
CA PHE B 70 -24.10 -37.97 36.90
C PHE B 70 -24.34 -38.04 35.39
N ARG B 71 -23.25 -38.13 34.61
CA ARG B 71 -23.38 -38.12 33.16
C ARG B 71 -22.52 -39.19 32.50
N VAL B 72 -21.29 -39.38 32.97
CA VAL B 72 -20.42 -40.41 32.41
C VAL B 72 -19.67 -41.09 33.57
N PRO B 73 -19.49 -42.40 33.52
CA PRO B 73 -18.72 -43.08 34.57
C PRO B 73 -17.23 -42.85 34.38
N ILE B 74 -16.54 -42.49 35.47
CA ILE B 74 -15.11 -42.26 35.45
C ILE B 74 -14.37 -43.59 35.47
N ARG B 75 -14.01 -44.09 34.28
CA ARG B 75 -13.27 -45.34 34.13
C ARG B 75 -12.02 -45.37 34.99
N SER B 76 -11.50 -46.58 35.24
CA SER B 76 -10.30 -46.72 36.06
C SER B 76 -9.07 -46.13 35.35
N GLU B 77 -9.06 -46.12 34.02
CA GLU B 77 -7.94 -45.56 33.30
C GLU B 77 -7.88 -44.04 33.43
N TYR B 78 -9.03 -43.40 33.67
CA TYR B 78 -9.01 -41.96 33.88
C TYR B 78 -8.34 -41.56 35.19
N LYS B 79 -8.10 -42.51 36.09
CA LYS B 79 -7.46 -42.21 37.35
C LYS B 79 -5.94 -42.35 37.27
N VAL B 80 -5.44 -43.25 36.42
CA VAL B 80 -4.00 -43.31 36.17
C VAL B 80 -3.55 -42.23 35.20
N ALA B 81 -4.47 -41.55 34.53
CA ALA B 81 -4.15 -40.47 33.60
C ALA B 81 -4.24 -39.10 34.27
N PHE B 82 -5.33 -38.85 35.00
CA PHE B 82 -5.56 -37.59 35.71
C PHE B 82 -5.76 -37.91 37.18
N PRO B 83 -4.68 -38.15 37.93
CA PRO B 83 -4.82 -38.57 39.33
C PRO B 83 -5.55 -37.56 40.20
N HIS B 84 -5.05 -36.32 40.25
CA HIS B 84 -5.57 -35.36 41.22
C HIS B 84 -6.98 -34.90 40.87
N LEU B 85 -7.35 -34.93 39.59
CA LEU B 85 -8.68 -34.46 39.19
C LEU B 85 -9.74 -35.54 39.37
N TYR B 86 -9.39 -36.81 39.16
CA TYR B 86 -10.37 -37.89 39.15
C TYR B 86 -10.37 -38.70 40.44
N ASN B 87 -10.27 -38.01 41.58
CA ASN B 87 -10.55 -38.59 42.90
C ASN B 87 -9.68 -39.81 43.17
N SER B 88 -8.42 -39.75 42.71
CA SER B 88 -7.46 -40.82 43.04
C SER B 88 -7.18 -40.87 44.53
N ARG B 89 -7.04 -39.70 45.17
CA ARG B 89 -6.90 -39.45 46.61
C ARG B 89 -5.47 -39.69 47.12
N PRO B 90 -4.98 -40.98 47.41
CA PRO B 90 -3.58 -41.13 47.84
C PRO B 90 -2.60 -40.13 47.26
N ARG B 91 -1.83 -39.50 48.14
CA ARG B 91 -0.83 -38.52 47.71
C ARG B 91 0.27 -39.17 46.89
N SER B 92 0.58 -40.44 47.16
CA SER B 92 1.69 -41.11 46.49
C SER B 92 1.18 -41.85 45.25
N VAL B 93 0.80 -41.05 44.25
CA VAL B 93 0.48 -41.55 42.92
C VAL B 93 1.27 -40.73 41.91
N ARG B 94 1.94 -41.42 41.00
CA ARG B 94 2.78 -40.74 40.01
C ARG B 94 1.92 -40.02 38.97
N ILE B 95 2.27 -38.76 38.71
CA ILE B 95 1.66 -38.03 37.60
C ILE B 95 2.36 -38.44 36.31
N PRO B 96 1.62 -38.93 35.31
CA PRO B 96 2.24 -39.59 34.17
C PRO B 96 2.50 -38.68 32.98
N TRP B 97 3.36 -39.18 32.09
CA TRP B 97 3.57 -38.58 30.78
C TRP B 97 2.25 -38.43 30.06
N TYR B 98 1.92 -37.18 29.68
CA TYR B 98 0.62 -36.89 29.09
C TYR B 98 0.39 -37.71 27.82
N ASN B 99 1.19 -37.48 26.79
CA ASN B 99 1.15 -38.29 25.58
C ASN B 99 2.38 -37.99 24.75
N ASN B 100 2.45 -38.63 23.58
CA ASN B 100 3.48 -38.38 22.58
C ASN B 100 2.79 -38.09 21.25
N PRO B 101 3.34 -37.20 20.44
CA PRO B 101 2.75 -36.92 19.12
C PRO B 101 2.53 -38.21 18.35
N VAL B 102 1.37 -38.29 17.68
CA VAL B 102 1.00 -39.48 16.91
C VAL B 102 2.11 -39.79 15.92
N SER B 103 2.79 -40.91 16.12
CA SER B 103 3.92 -41.28 15.29
C SER B 103 3.42 -42.03 14.07
N CYS B 104 4.03 -41.75 12.92
CA CYS B 104 3.71 -42.40 11.67
C CYS B 104 5.03 -42.80 11.04
N ILE B 105 5.53 -43.97 11.44
CA ILE B 105 6.79 -44.48 10.94
C ILE B 105 6.44 -45.54 9.90
N ILE B 106 6.85 -45.30 8.66
CA ILE B 106 6.53 -46.20 7.56
C ILE B 106 7.74 -47.07 7.30
N GLN B 107 7.56 -48.37 7.50
CA GLN B 107 8.57 -49.35 7.13
C GLN B 107 8.05 -50.06 5.89
N ASN B 108 8.02 -49.32 4.79
CA ASN B 108 7.57 -49.90 3.55
C ASN B 108 8.68 -50.80 3.06
N ASP B 109 8.28 -51.92 2.48
CA ASP B 109 9.04 -53.13 2.62
C ASP B 109 9.45 -53.73 1.29
N GLU B 110 9.13 -53.08 0.17
CA GLU B 110 9.60 -53.50 -1.14
C GLU B 110 11.11 -53.36 -1.24
N PRO B 115 17.41 -49.40 -4.13
CA PRO B 115 16.02 -48.95 -4.21
C PRO B 115 15.82 -47.63 -3.46
N ALA B 116 15.25 -46.64 -4.14
CA ALA B 116 15.13 -45.31 -3.59
C ALA B 116 13.90 -45.19 -2.68
N LEU B 117 13.80 -44.06 -2.00
CA LEU B 117 12.61 -43.73 -1.24
C LEU B 117 11.42 -43.58 -2.18
N PHE B 118 10.22 -43.86 -1.66
CA PHE B 118 9.04 -43.81 -2.51
C PHE B 118 7.84 -43.36 -1.70
N PHE B 119 6.89 -42.74 -2.41
CA PHE B 119 5.63 -42.31 -1.82
C PHE B 119 4.78 -43.53 -1.49
N ASP B 120 4.49 -43.72 -0.21
CA ASP B 120 3.75 -44.90 0.21
C ASP B 120 2.28 -44.74 -0.16
N PRO B 121 1.65 -45.75 -0.77
CA PRO B 121 0.25 -45.62 -1.17
C PRO B 121 -0.70 -45.43 0.00
N SER B 122 -0.27 -45.72 1.23
CA SER B 122 -1.10 -45.48 2.40
C SER B 122 -1.31 -43.99 2.65
N LEU B 123 -0.46 -43.13 2.10
CA LEU B 123 -0.48 -41.70 2.41
C LEU B 123 -1.41 -40.95 1.48
N ASN B 124 -2.13 -39.98 2.05
CA ASN B 124 -2.96 -39.11 1.26
C ASN B 124 -2.13 -38.43 0.19
N PRO B 125 -2.73 -38.00 -0.91
CA PRO B 125 -1.96 -37.30 -1.94
C PRO B 125 -1.68 -35.87 -1.54
N ILE B 126 -0.73 -35.27 -2.23
CA ILE B 126 -0.33 -33.88 -2.01
C ILE B 126 -0.90 -33.06 -3.16
N PRO B 127 -1.61 -31.95 -2.87
CA PRO B 127 -2.47 -31.31 -3.89
C PRO B 127 -1.79 -31.03 -5.24
N HIS B 128 -0.72 -30.26 -5.22
CA HIS B 128 -0.12 -29.76 -6.46
C HIS B 128 0.87 -30.77 -7.02
N PHE B 129 0.76 -31.04 -8.32
CA PHE B 129 1.71 -31.87 -9.07
C PHE B 129 2.07 -33.18 -8.37
N GLY B 145 15.95 -16.88 -19.48
CA GLY B 145 17.11 -17.05 -18.62
C GLY B 145 18.04 -15.86 -18.63
N ASP B 146 17.56 -14.73 -18.13
CA ASP B 146 18.36 -13.51 -18.14
C ASP B 146 19.51 -13.57 -17.12
N PHE B 147 19.32 -14.31 -16.04
CA PHE B 147 20.29 -14.42 -14.96
C PHE B 147 20.99 -15.77 -15.04
N THR B 148 22.33 -15.75 -14.98
CA THR B 148 23.12 -16.96 -15.21
C THR B 148 24.29 -17.03 -14.23
N LEU B 149 24.73 -18.25 -13.95
CA LEU B 149 25.88 -18.58 -13.13
C LEU B 149 26.87 -19.44 -13.92
N PRO B 150 28.13 -19.54 -13.43
CA PRO B 150 29.11 -20.45 -14.05
C PRO B 150 28.55 -21.81 -14.44
N GLU B 151 29.04 -22.34 -15.57
CA GLU B 151 28.52 -23.61 -16.09
C GLU B 151 28.89 -24.80 -15.21
N ASP B 152 29.92 -24.68 -14.39
CA ASP B 152 30.34 -25.79 -13.53
C ASP B 152 29.70 -25.76 -12.15
N PHE B 153 28.97 -24.69 -11.83
CA PHE B 153 28.31 -24.59 -10.52
C PHE B 153 27.37 -25.76 -10.31
N ALA B 154 27.39 -26.32 -9.11
CA ALA B 154 26.65 -27.54 -8.83
C ALA B 154 26.17 -27.50 -7.39
N PRO B 155 25.11 -28.24 -7.06
CA PRO B 155 24.65 -28.33 -5.67
C PRO B 155 25.71 -28.95 -4.77
N LEU B 156 25.41 -28.92 -3.46
CA LEU B 156 26.44 -29.19 -2.46
C LEU B 156 27.01 -30.61 -2.57
N LEU B 157 26.18 -31.59 -2.90
CA LEU B 157 26.65 -32.96 -2.95
C LEU B 157 26.30 -33.62 -4.28
N ALA B 158 26.40 -32.85 -5.37
CA ALA B 158 26.16 -33.40 -6.70
C ALA B 158 27.20 -34.44 -7.09
N GLU B 159 28.40 -34.38 -6.51
CA GLU B 159 29.44 -35.35 -6.85
C GLU B 159 29.00 -36.76 -6.51
N GLU B 160 28.34 -36.94 -5.37
CA GLU B 160 27.84 -38.25 -4.98
C GLU B 160 26.47 -38.45 -5.61
N GLU B 161 26.35 -39.46 -6.47
CA GLU B 161 25.17 -39.59 -7.31
C GLU B 161 23.98 -40.16 -6.56
N GLU B 162 24.20 -41.15 -5.71
CA GLU B 162 23.11 -41.93 -5.13
C GLU B 162 22.70 -41.33 -3.79
N LEU B 163 21.43 -40.91 -3.69
CA LEU B 163 20.90 -40.48 -2.41
C LEU B 163 20.86 -41.65 -1.44
N ILE B 164 20.59 -42.84 -1.94
CA ILE B 164 20.36 -44.03 -1.13
C ILE B 164 21.47 -45.03 -1.38
N LEU B 165 22.24 -45.32 -0.34
CA LEU B 165 23.22 -46.39 -0.34
C LEU B 165 22.50 -47.72 -0.15
N PRO B 166 23.18 -48.84 -0.39
CA PRO B 166 22.49 -50.14 -0.27
C PRO B 166 21.92 -50.43 1.11
N ASN B 167 22.53 -49.92 2.18
CA ASN B 167 22.12 -50.25 3.54
C ASN B 167 21.37 -49.12 4.24
N THR B 168 20.82 -48.15 3.49
CA THR B 168 20.10 -47.06 4.13
C THR B 168 18.81 -47.54 4.77
N LYS B 169 18.04 -48.37 4.05
CA LYS B 169 16.77 -48.85 4.59
C LYS B 169 16.98 -49.56 5.91
N ASP B 170 17.99 -50.43 5.98
CA ASP B 170 18.28 -51.15 7.21
C ASP B 170 18.72 -50.19 8.30
N ALA B 171 19.57 -49.22 7.96
CA ALA B 171 20.03 -48.25 8.95
C ALA B 171 18.88 -47.41 9.49
N MET B 172 17.90 -47.10 8.65
CA MET B 172 16.73 -46.36 9.12
C MET B 172 15.85 -47.22 10.01
N SER B 173 15.59 -48.46 9.59
CA SER B 173 14.87 -49.39 10.46
C SER B 173 15.58 -49.57 11.80
N LEU B 174 16.91 -49.71 11.76
CA LEU B 174 17.68 -49.78 13.00
C LEU B 174 17.57 -48.48 13.81
N TYR B 175 17.41 -47.35 13.13
CA TYR B 175 17.31 -46.07 13.82
C TYR B 175 16.04 -45.98 14.67
N HIS B 176 14.96 -46.61 14.22
CA HIS B 176 13.69 -46.57 14.95
C HIS B 176 13.56 -47.69 15.98
N SER B 177 14.60 -48.50 16.15
CA SER B 177 14.57 -49.62 17.08
C SER B 177 14.81 -49.14 18.50
N PRO B 178 14.53 -50.00 19.50
CA PRO B 178 14.70 -49.58 20.90
C PRO B 178 16.15 -49.60 21.39
N PHE B 179 16.32 -49.37 22.69
CA PHE B 179 17.62 -49.14 23.31
C PHE B 179 18.71 -50.13 22.92
N PRO B 180 18.50 -51.45 22.92
CA PRO B 180 19.60 -52.36 22.59
C PRO B 180 20.06 -52.31 21.14
N PHE B 181 19.13 -52.41 20.20
CA PHE B 181 19.50 -52.62 18.80
C PHE B 181 19.81 -51.34 18.05
N ASN B 182 19.39 -50.18 18.56
CA ASN B 182 19.57 -48.94 17.83
C ASN B 182 20.99 -48.39 17.93
N ARG B 183 21.83 -48.92 18.81
CA ARG B 183 23.16 -48.38 19.05
C ARG B 183 24.25 -49.23 18.42
N THR B 184 25.20 -48.57 17.77
CA THR B 184 26.43 -49.17 17.29
C THR B 184 27.57 -48.23 17.62
N LYS B 185 28.70 -48.78 18.08
CA LYS B 185 29.83 -47.97 18.50
C LYS B 185 30.54 -47.30 17.32
N GLY B 186 29.77 -46.89 16.31
CA GLY B 186 30.29 -46.30 15.11
C GLY B 186 30.41 -47.25 13.94
N LYS B 187 30.37 -48.56 14.21
CA LYS B 187 30.51 -49.56 13.16
C LYS B 187 29.34 -49.49 12.18
N MET B 188 29.60 -49.96 10.96
CA MET B 188 28.61 -49.92 9.90
C MET B 188 27.50 -50.93 10.16
N VAL B 189 26.26 -50.54 9.84
CA VAL B 189 25.14 -51.45 9.97
C VAL B 189 25.24 -52.53 8.90
N ARG B 190 24.81 -53.74 9.24
CA ARG B 190 24.82 -54.86 8.32
C ARG B 190 23.42 -55.46 8.23
N ALA B 191 23.11 -56.03 7.07
CA ALA B 191 21.80 -56.63 6.86
C ALA B 191 21.55 -57.79 7.81
N GLN B 192 22.62 -58.44 8.28
CA GLN B 192 22.46 -59.48 9.29
C GLN B 192 22.05 -58.90 10.64
N ASP B 193 22.61 -57.73 11.00
CA ASP B 193 22.32 -57.13 12.29
C ASP B 193 20.84 -56.79 12.43
N VAL B 194 20.22 -56.29 11.36
CA VAL B 194 18.79 -56.01 11.42
C VAL B 194 17.98 -57.29 11.34
N ALA B 195 18.49 -58.31 10.64
CA ALA B 195 17.77 -59.57 10.52
C ALA B 195 17.56 -60.22 11.89
N LEU B 196 18.61 -60.27 12.70
CA LEU B 196 18.48 -60.81 14.05
C LEU B 196 17.54 -59.95 14.88
N ALA B 197 17.65 -58.63 14.76
CA ALA B 197 16.77 -57.72 15.48
C ALA B 197 15.32 -57.93 15.07
N LYS B 198 15.05 -57.96 13.76
CA LYS B 198 13.68 -58.11 13.28
C LYS B 198 13.08 -59.43 13.75
N LYS B 199 13.88 -60.50 13.73
CA LYS B 199 13.41 -61.77 14.29
C LYS B 199 13.15 -61.66 15.79
N TRP B 200 13.93 -60.84 16.50
CA TRP B 200 13.84 -60.83 17.96
C TRP B 200 12.51 -60.29 18.44
N PHE B 201 12.15 -59.06 18.04
CA PHE B 201 10.90 -58.51 18.55
C PHE B 201 9.69 -59.12 17.87
N LEU B 202 9.88 -59.79 16.74
CA LEU B 202 8.81 -60.59 16.15
C LEU B 202 8.48 -61.79 17.04
N GLN B 203 9.47 -62.32 17.74
CA GLN B 203 9.27 -63.43 18.67
C GLN B 203 8.76 -62.98 20.05
N HIS B 204 8.70 -61.68 20.34
CA HIS B 204 8.22 -61.24 21.66
C HIS B 204 6.99 -60.33 21.67
N PRO B 205 6.01 -60.44 20.72
CA PRO B 205 4.99 -59.39 20.53
C PRO B 205 4.35 -58.75 21.77
N ASP B 206 5.14 -58.31 22.75
CA ASP B 206 4.60 -57.62 23.91
C ASP B 206 4.97 -56.15 23.96
N GLU B 207 5.99 -55.74 23.21
CA GLU B 207 6.57 -54.40 23.24
C GLU B 207 7.24 -54.15 21.90
N GLU B 208 8.04 -53.08 21.84
CA GLU B 208 8.82 -52.70 20.67
C GLU B 208 7.96 -52.26 19.49
N TYR B 209 8.16 -52.88 18.33
CA TYR B 209 7.61 -52.39 17.07
C TYR B 209 6.84 -53.44 16.26
N PRO B 210 6.66 -54.69 16.71
CA PRO B 210 5.82 -55.59 15.91
C PRO B 210 4.33 -55.23 15.90
N VAL B 211 3.82 -54.55 16.92
CA VAL B 211 2.42 -54.15 16.89
C VAL B 211 2.19 -53.08 15.82
N LYS B 212 3.21 -52.27 15.53
CA LYS B 212 3.08 -51.12 14.66
C LYS B 212 2.73 -51.49 13.21
N VAL B 213 2.04 -50.54 12.55
CA VAL B 213 1.52 -50.60 11.18
C VAL B 213 0.32 -51.52 11.11
N LYS B 214 0.33 -52.48 10.18
CA LYS B 214 -0.85 -53.28 9.90
C LYS B 214 -1.27 -54.12 11.10
N VAL B 215 -0.29 -54.57 11.90
CA VAL B 215 -0.61 -55.41 13.05
C VAL B 215 -1.52 -54.68 14.02
N SER B 216 -1.21 -53.40 14.31
CA SER B 216 -2.06 -52.63 15.23
C SER B 216 -3.47 -52.49 14.69
N TYR B 217 -3.62 -52.23 13.39
CA TYR B 217 -4.96 -52.11 12.80
C TYR B 217 -5.77 -53.38 13.02
N GLN B 218 -5.17 -54.54 12.73
CA GLN B 218 -5.88 -55.81 12.93
C GLN B 218 -6.23 -56.01 14.40
N LYS B 219 -5.31 -55.68 15.30
CA LYS B 219 -5.57 -55.88 16.71
C LYS B 219 -6.61 -54.89 17.21
N LEU B 220 -6.45 -53.61 16.86
CA LEU B 220 -7.32 -52.58 17.42
C LEU B 220 -8.72 -52.59 16.81
N LEU B 221 -8.84 -52.90 15.51
CA LEU B 221 -10.16 -52.92 14.88
C LEU B 221 -11.03 -54.03 15.46
N LYS B 222 -10.45 -55.19 15.72
CA LYS B 222 -11.20 -56.28 16.33
C LYS B 222 -11.39 -56.07 17.83
N ASN B 223 -10.31 -55.72 18.54
CA ASN B 223 -10.37 -55.62 20.00
C ASN B 223 -11.40 -54.61 20.49
N TYR B 224 -11.81 -53.66 19.66
CA TYR B 224 -12.86 -52.74 20.09
C TYR B 224 -14.23 -53.39 19.98
N VAL B 225 -14.47 -54.14 18.91
CA VAL B 225 -15.76 -54.83 18.74
C VAL B 225 -15.90 -55.91 19.81
N LEU B 226 -14.80 -56.57 20.17
CA LEU B 226 -14.87 -57.63 21.16
C LEU B 226 -15.18 -57.09 22.55
N ASN B 227 -14.62 -55.92 22.88
CA ASN B 227 -14.86 -55.34 24.21
C ASN B 227 -16.28 -54.84 24.35
N GLU B 228 -16.81 -54.18 23.32
CA GLU B 228 -18.17 -53.65 23.37
C GLU B 228 -19.18 -54.65 22.83
N HIS C 33 22.24 -9.15 -26.79
CA HIS C 33 22.39 -9.86 -25.53
C HIS C 33 23.56 -9.29 -24.72
N THR C 34 24.45 -8.55 -25.39
CA THR C 34 25.62 -7.95 -24.77
C THR C 34 25.29 -6.62 -24.10
N ILE C 35 24.74 -5.68 -24.86
CA ILE C 35 24.30 -4.40 -24.28
C ILE C 35 23.23 -4.63 -23.22
N PHE C 36 22.50 -5.75 -23.30
CA PHE C 36 21.54 -6.12 -22.27
C PHE C 36 22.21 -6.26 -20.91
N THR C 37 23.21 -7.14 -20.84
CA THR C 37 23.85 -7.43 -19.55
C THR C 37 24.73 -6.27 -19.09
N GLN C 38 25.52 -5.70 -20.01
CA GLN C 38 26.40 -4.61 -19.62
C GLN C 38 25.64 -3.46 -18.99
N LEU C 39 24.39 -3.24 -19.40
CA LEU C 39 23.61 -2.20 -18.74
C LEU C 39 22.93 -2.71 -17.48
N LYS C 40 22.95 -4.02 -17.22
CA LYS C 40 22.34 -4.56 -16.00
C LYS C 40 23.27 -4.52 -14.80
N LYS C 41 24.58 -4.65 -15.02
CA LYS C 41 25.51 -4.68 -13.89
C LYS C 41 25.68 -3.30 -13.25
N ASN C 42 25.31 -2.24 -13.94
CA ASN C 42 25.49 -0.88 -13.46
C ASN C 42 24.22 -0.26 -12.90
N ILE C 43 23.04 -0.78 -13.24
CA ILE C 43 21.81 -0.18 -12.74
C ILE C 43 21.78 -0.28 -11.22
N PRO C 44 21.30 0.73 -10.51
CA PRO C 44 21.20 0.61 -9.06
C PRO C 44 20.16 -0.44 -8.71
N LYS C 45 20.43 -1.20 -7.66
CA LYS C 45 19.48 -2.20 -7.24
C LYS C 45 18.27 -1.53 -6.61
N THR C 46 17.11 -2.15 -6.78
CA THR C 46 15.87 -1.66 -6.20
C THR C 46 15.57 -2.42 -4.92
N ARG C 47 15.13 -1.69 -3.90
CA ARG C 47 14.76 -2.31 -2.63
C ARG C 47 13.77 -3.45 -2.83
N TYR C 48 12.78 -3.23 -3.69
CA TYR C 48 11.88 -4.29 -4.11
C TYR C 48 12.51 -5.12 -5.23
N ASN C 49 12.12 -6.38 -5.30
CA ASN C 49 12.59 -7.24 -6.38
C ASN C 49 11.94 -6.83 -7.70
N ARG C 50 12.76 -6.49 -8.69
CA ARG C 50 12.23 -6.08 -9.99
C ARG C 50 11.37 -7.17 -10.61
N ASP C 51 11.71 -8.44 -10.39
CA ASP C 51 10.91 -9.54 -10.90
C ASP C 51 9.52 -9.54 -10.29
N TYR C 52 9.39 -9.13 -9.03
CA TYR C 52 8.07 -8.92 -8.44
C TYR C 52 7.31 -7.83 -9.19
N MET C 53 7.98 -6.71 -9.46
CA MET C 53 7.33 -5.63 -10.20
C MET C 53 6.85 -6.11 -11.57
N LEU C 54 7.68 -6.88 -12.27
CA LEU C 54 7.29 -7.42 -13.57
C LEU C 54 6.09 -8.34 -13.45
N SER C 55 5.96 -9.05 -12.33
CA SER C 55 4.83 -9.96 -12.15
C SER C 55 3.49 -9.23 -12.12
N MET C 56 3.50 -7.95 -11.73
CA MET C 56 2.26 -7.18 -11.68
C MET C 56 1.60 -7.07 -13.05
N ALA C 57 2.40 -7.00 -14.12
CA ALA C 57 1.88 -6.76 -15.45
C ALA C 57 1.02 -7.92 -15.98
N ASN C 58 1.07 -9.09 -15.35
CA ASN C 58 0.21 -10.19 -15.78
C ASN C 58 -1.26 -9.86 -15.62
N ILE C 59 -1.59 -9.03 -14.64
CA ILE C 59 -2.96 -8.55 -14.43
C ILE C 59 -3.04 -7.13 -14.99
N PRO C 60 -3.76 -6.90 -16.09
CA PRO C 60 -3.86 -5.54 -16.63
C PRO C 60 -4.36 -4.51 -15.63
N GLU C 61 -5.20 -4.92 -14.68
CA GLU C 61 -5.70 -3.99 -13.67
C GLU C 61 -4.64 -3.60 -12.65
N ARG C 62 -3.43 -4.16 -12.74
CA ARG C 62 -2.37 -3.90 -11.78
C ARG C 62 -1.34 -2.89 -12.29
N ILE C 63 -1.51 -2.36 -13.49
CA ILE C 63 -0.61 -1.35 -14.04
C ILE C 63 -1.36 -0.03 -14.15
N ILE C 64 -0.68 1.05 -13.79
CA ILE C 64 -1.23 2.39 -13.89
C ILE C 64 -0.22 3.26 -14.64
N ASN C 65 -0.65 3.88 -15.72
CA ASN C 65 0.23 4.71 -16.54
C ASN C 65 -0.06 6.18 -16.23
N VAL C 66 0.90 6.85 -15.57
CA VAL C 66 0.72 8.23 -15.17
C VAL C 66 1.83 9.09 -15.78
N GLY C 67 1.43 10.25 -16.28
CA GLY C 67 2.37 11.20 -16.81
C GLY C 67 2.36 12.47 -15.99
N VAL C 68 3.53 12.98 -15.63
CA VAL C 68 3.65 14.15 -14.78
C VAL C 68 3.82 15.36 -15.70
N ILE C 69 2.88 16.30 -15.61
CA ILE C 69 2.86 17.47 -16.46
C ILE C 69 2.65 18.71 -15.60
N GLY C 70 2.92 19.88 -16.19
CA GLY C 70 2.80 21.13 -15.48
C GLY C 70 3.53 22.25 -16.18
N PRO C 71 3.49 23.45 -15.60
CA PRO C 71 4.21 24.59 -16.20
C PRO C 71 5.72 24.46 -16.05
N LEU C 72 6.44 25.43 -16.61
CA LEU C 72 7.90 25.42 -16.55
C LEU C 72 8.38 25.50 -15.10
N HIS C 73 9.26 24.56 -14.73
CA HIS C 73 9.98 24.59 -13.46
C HIS C 73 9.04 24.55 -12.27
N SER C 74 8.04 23.66 -12.35
CA SER C 74 7.12 23.48 -11.24
C SER C 74 7.59 22.42 -10.25
N GLY C 75 8.19 21.32 -10.73
CA GLY C 75 8.77 20.35 -9.83
C GLY C 75 8.70 18.91 -10.28
N LYS C 76 8.17 18.67 -11.48
CA LYS C 76 7.89 17.31 -11.92
C LYS C 76 9.15 16.46 -12.04
N THR C 77 10.25 17.05 -12.52
CA THR C 77 11.50 16.29 -12.57
C THR C 77 12.08 16.10 -11.17
N SER C 78 12.02 17.15 -10.34
CA SER C 78 12.44 17.00 -8.95
C SER C 78 11.47 16.13 -8.17
N LEU C 79 10.22 16.00 -8.61
CA LEU C 79 9.29 15.09 -7.98
C LEU C 79 9.68 13.64 -8.28
N MET C 80 10.02 13.35 -9.52
CA MET C 80 10.45 11.99 -9.88
C MET C 80 11.73 11.60 -9.14
N ASP C 81 12.53 12.58 -8.75
CA ASP C 81 13.72 12.30 -7.94
C ASP C 81 13.36 11.51 -6.69
N LEU C 82 12.39 12.01 -5.93
CA LEU C 82 11.92 11.34 -4.73
C LEU C 82 11.57 9.89 -5.01
N LEU C 83 10.64 9.67 -5.95
CA LEU C 83 10.21 8.31 -6.29
C LEU C 83 11.38 7.46 -6.75
N VAL C 84 12.24 8.02 -7.61
CA VAL C 84 13.42 7.29 -8.07
C VAL C 84 14.34 6.97 -6.89
N ILE C 85 14.50 7.93 -5.97
CA ILE C 85 15.37 7.70 -4.82
C ILE C 85 14.78 6.65 -3.89
N ASP C 86 13.50 6.78 -3.55
CA ASP C 86 12.86 5.82 -2.65
C ASP C 86 12.85 4.41 -3.21
N SER C 87 12.86 4.27 -4.53
CA SER C 87 12.78 2.95 -5.16
C SER C 87 14.13 2.26 -5.32
N HIS C 88 15.23 2.99 -5.23
CA HIS C 88 16.54 2.45 -5.52
C HIS C 88 17.41 2.46 -4.27
N LYS C 89 18.34 1.50 -4.20
CA LYS C 89 19.05 1.22 -2.97
C LYS C 89 20.19 2.20 -2.76
N ARG C 90 21.00 2.43 -3.79
CA ARG C 90 22.00 3.48 -3.76
C ARG C 90 22.27 3.90 -5.20
N ILE C 91 22.48 5.20 -5.40
CA ILE C 91 22.68 5.77 -6.73
C ILE C 91 24.17 6.05 -6.90
N PRO C 92 24.85 5.39 -7.83
CA PRO C 92 26.27 5.70 -8.06
C PRO C 92 26.42 7.09 -8.65
N ASP C 93 27.61 7.67 -8.43
CA ASP C 93 27.95 9.00 -8.96
C ASP C 93 26.98 10.05 -8.42
N MET C 94 26.65 9.95 -7.15
CA MET C 94 25.73 10.89 -6.50
C MET C 94 26.54 11.81 -5.60
N SER C 95 26.18 11.97 -4.33
CA SER C 95 26.93 12.71 -3.32
C SER C 95 27.09 14.16 -3.78
N LYS C 96 28.30 14.73 -3.73
CA LYS C 96 28.53 16.14 -3.98
C LYS C 96 27.56 16.87 -3.05
N ASN C 97 26.80 17.84 -3.55
CA ASN C 97 25.74 18.47 -2.80
C ASN C 97 24.41 17.71 -2.90
N VAL C 98 24.29 16.78 -3.85
CA VAL C 98 23.03 16.07 -4.08
C VAL C 98 22.62 15.27 -2.85
N GLU C 99 23.55 14.58 -2.21
CA GLU C 99 23.23 13.81 -1.02
C GLU C 99 22.65 14.69 0.07
N LEU C 100 23.20 15.89 0.25
CA LEU C 100 22.71 16.84 1.23
C LEU C 100 21.49 17.61 0.77
N GLY C 101 21.12 17.52 -0.51
CA GLY C 101 19.97 18.23 -1.02
C GLY C 101 20.22 19.64 -1.48
N TRP C 102 21.49 20.05 -1.61
CA TRP C 102 21.78 21.39 -2.11
C TRP C 102 21.52 21.49 -3.61
N LYS C 103 21.66 20.38 -4.34
CA LYS C 103 21.51 20.35 -5.79
C LYS C 103 20.67 19.15 -6.18
N PRO C 104 19.68 19.31 -7.05
CA PRO C 104 18.82 18.18 -7.42
C PRO C 104 19.58 17.14 -8.23
N LEU C 105 19.14 15.89 -8.08
CA LEU C 105 19.65 14.78 -8.89
C LEU C 105 18.73 14.60 -10.08
N ARG C 106 19.04 15.29 -11.17
CA ARG C 106 18.14 15.25 -12.32
C ARG C 106 18.22 13.91 -13.02
N TYR C 107 17.71 12.86 -12.37
CA TYR C 107 17.80 11.51 -12.92
C TYR C 107 17.05 11.39 -14.24
N LEU C 108 15.96 12.13 -14.40
CA LEU C 108 15.15 12.08 -15.60
C LEU C 108 15.67 13.02 -16.68
N ASP C 109 16.42 14.06 -16.31
CA ASP C 109 17.01 15.00 -17.26
C ASP C 109 18.47 14.58 -17.47
N ASN C 110 18.69 13.73 -18.48
CA ASN C 110 20.01 13.18 -18.74
C ASN C 110 20.68 13.77 -19.98
N LEU C 111 19.90 14.32 -20.91
CA LEU C 111 20.48 14.93 -22.10
C LEU C 111 21.39 16.08 -21.71
N LYS C 112 22.54 16.17 -22.38
CA LYS C 112 23.50 17.23 -22.07
C LYS C 112 22.86 18.61 -22.16
N GLN C 113 22.05 18.84 -23.19
CA GLN C 113 21.36 20.11 -23.32
C GLN C 113 20.39 20.35 -22.16
N GLU C 114 19.79 19.28 -21.63
CA GLU C 114 18.93 19.41 -20.47
C GLU C 114 19.70 19.82 -19.23
N ILE C 115 20.96 19.39 -19.10
CA ILE C 115 21.73 19.72 -17.89
C ILE C 115 22.20 21.17 -17.93
N ASP C 116 22.61 21.66 -19.09
CA ASP C 116 23.10 23.03 -19.19
C ASP C 116 21.95 24.03 -19.08
N ARG C 117 20.79 23.68 -19.64
CA ARG C 117 19.68 24.63 -19.70
C ARG C 117 18.85 24.65 -18.43
N GLY C 118 18.86 23.57 -17.65
CA GLY C 118 18.07 23.51 -16.44
C GLY C 118 16.59 23.37 -16.69
N LEU C 119 16.21 22.58 -17.69
CA LEU C 119 14.80 22.31 -17.96
C LEU C 119 14.70 21.02 -18.77
N SER C 120 13.65 20.26 -18.50
CA SER C 120 13.32 19.11 -19.34
C SER C 120 13.06 19.54 -20.77
N ILE C 121 13.65 18.80 -21.71
CA ILE C 121 13.48 19.07 -23.13
C ILE C 121 12.71 17.96 -23.83
N LYS C 122 12.98 16.70 -23.47
CA LYS C 122 12.30 15.57 -24.07
C LYS C 122 11.69 14.67 -23.00
N LEU C 123 10.59 14.03 -23.36
CA LEU C 123 9.86 13.16 -22.44
C LEU C 123 10.74 12.00 -21.98
N ASN C 124 10.82 11.83 -20.66
CA ASN C 124 11.53 10.71 -20.06
C ASN C 124 10.59 10.04 -19.06
N GLY C 125 11.03 8.94 -18.46
CA GLY C 125 10.14 8.23 -17.57
C GLY C 125 10.89 7.20 -16.73
N SER C 126 10.11 6.46 -15.96
CA SER C 126 10.65 5.45 -15.05
C SER C 126 9.53 4.53 -14.56
N THR C 127 9.72 3.22 -14.75
CA THR C 127 8.74 2.22 -14.31
C THR C 127 9.09 1.78 -12.90
N LEU C 128 8.15 1.98 -11.98
CA LEU C 128 8.40 1.77 -10.56
C LEU C 128 7.29 0.91 -9.95
N LEU C 129 7.67 0.07 -9.00
CA LEU C 129 6.71 -0.67 -8.19
C LEU C 129 6.36 0.17 -6.98
N CYS C 130 5.07 0.54 -6.86
CA CYS C 130 4.63 1.41 -5.79
C CYS C 130 3.45 0.78 -5.05
N THR C 131 3.33 1.14 -3.78
CA THR C 131 2.35 0.55 -2.88
C THR C 131 1.52 1.66 -2.24
N ASP C 132 0.21 1.48 -2.21
CA ASP C 132 -0.69 2.48 -1.66
C ASP C 132 -0.78 2.32 -0.14
N LEU C 133 -1.60 3.18 0.48
CA LEU C 133 -1.80 3.11 1.93
C LEU C 133 -2.57 1.86 2.35
N GLU C 134 -3.15 1.13 1.40
CA GLU C 134 -3.83 -0.13 1.69
C GLU C 134 -2.95 -1.34 1.40
N SER C 135 -1.64 -1.13 1.28
CA SER C 135 -0.62 -2.18 1.15
C SER C 135 -0.71 -2.95 -0.16
N LYS C 136 -1.60 -2.56 -1.07
CA LYS C 136 -1.68 -3.21 -2.38
C LYS C 136 -0.74 -2.52 -3.35
N SER C 137 0.05 -3.31 -4.07
CA SER C 137 1.10 -2.79 -4.93
C SER C 137 0.67 -2.81 -6.39
N ARG C 138 1.15 -1.80 -7.13
CA ARG C 138 0.92 -1.71 -8.57
C ARG C 138 2.23 -1.36 -9.24
N MET C 139 2.40 -1.83 -10.47
CA MET C 139 3.45 -1.34 -11.35
C MET C 139 2.91 -0.10 -12.06
N ILE C 140 3.52 1.05 -11.79
CA ILE C 140 3.00 2.32 -12.27
C ILE C 140 4.08 3.01 -13.10
N ASN C 141 3.75 3.28 -14.36
CA ASN C 141 4.71 3.79 -15.34
C ASN C 141 4.65 5.30 -15.37
N PHE C 142 5.66 5.94 -14.79
CA PHE C 142 5.72 7.39 -14.72
C PHE C 142 6.36 7.95 -15.99
N LEU C 143 5.79 9.04 -16.49
CA LEU C 143 6.35 9.77 -17.63
C LEU C 143 6.49 11.24 -17.25
N ASP C 144 7.72 11.74 -17.25
CA ASP C 144 8.02 13.11 -16.84
C ASP C 144 8.04 13.99 -18.07
N ALA C 145 7.07 14.89 -18.18
CA ALA C 145 6.95 15.75 -19.36
C ALA C 145 7.58 17.11 -19.11
N PRO C 146 8.11 17.74 -20.14
CA PRO C 146 8.68 19.08 -19.98
C PRO C 146 7.60 20.10 -19.69
N GLY C 147 7.97 21.12 -18.92
CA GLY C 147 7.03 22.15 -18.54
C GLY C 147 7.02 23.37 -19.44
N HIS C 148 8.10 23.56 -20.20
CA HIS C 148 8.15 24.69 -21.11
C HIS C 148 7.07 24.58 -22.18
N VAL C 149 6.49 25.73 -22.52
CA VAL C 149 5.42 25.77 -23.53
C VAL C 149 5.92 25.22 -24.85
N ASN C 150 7.19 25.48 -25.18
CA ASN C 150 7.71 25.07 -26.48
C ASN C 150 7.63 23.56 -26.68
N PHE C 151 7.80 22.79 -25.61
CA PHE C 151 7.75 21.33 -25.68
C PHE C 151 6.35 20.78 -25.41
N MET C 152 5.30 21.51 -25.80
CA MET C 152 3.94 21.02 -25.65
C MET C 152 3.72 19.73 -26.44
N ASP C 153 4.43 19.58 -27.57
CA ASP C 153 4.34 18.34 -28.33
C ASP C 153 4.75 17.14 -27.49
N GLU C 154 5.59 17.36 -26.47
CA GLU C 154 6.01 16.28 -25.61
C GLU C 154 4.89 15.85 -24.65
N THR C 155 4.30 16.82 -23.96
CA THR C 155 3.19 16.50 -23.06
C THR C 155 2.00 15.93 -23.80
N ALA C 156 1.84 16.30 -25.08
CA ALA C 156 0.80 15.70 -25.90
C ALA C 156 1.05 14.19 -26.07
N VAL C 157 2.32 13.80 -26.18
CA VAL C 157 2.65 12.38 -26.15
C VAL C 157 2.35 11.79 -24.78
N ALA C 158 2.64 12.55 -23.72
CA ALA C 158 2.35 12.08 -22.37
C ALA C 158 0.86 11.85 -22.17
N LEU C 159 0.04 12.82 -22.58
CA LEU C 159 -1.41 12.65 -22.48
C LEU C 159 -1.89 11.45 -23.30
N ALA C 160 -1.30 11.24 -24.49
CA ALA C 160 -1.66 10.09 -25.30
C ALA C 160 -1.29 8.77 -24.62
N ALA C 161 -0.34 8.79 -23.69
CA ALA C 161 0.14 7.56 -23.05
C ALA C 161 -0.43 7.33 -21.66
N SER C 162 -0.81 8.39 -20.96
CA SER C 162 -1.13 8.30 -19.54
C SER C 162 -2.59 7.88 -19.30
N ASP C 163 -2.80 7.20 -18.18
CA ASP C 163 -4.15 6.91 -17.69
C ASP C 163 -4.60 7.98 -16.70
N LEU C 164 -3.67 8.43 -15.86
CA LEU C 164 -3.88 9.52 -14.92
C LEU C 164 -2.72 10.48 -15.08
N VAL C 165 -2.98 11.78 -14.95
CA VAL C 165 -1.93 12.78 -15.07
C VAL C 165 -1.78 13.52 -13.75
N LEU C 166 -0.53 13.70 -13.33
CA LEU C 166 -0.21 14.47 -12.14
C LEU C 166 0.14 15.89 -12.58
N ILE C 167 -0.75 16.83 -12.29
CA ILE C 167 -0.53 18.23 -12.65
C ILE C 167 0.17 18.89 -11.47
N VAL C 168 1.43 19.24 -11.65
CA VAL C 168 2.22 19.90 -10.62
C VAL C 168 2.16 21.41 -10.88
N ILE C 169 1.80 22.17 -9.86
CA ILE C 169 1.68 23.61 -9.97
C ILE C 169 2.45 24.28 -8.85
N ASP C 170 3.02 25.43 -9.16
CA ASP C 170 3.77 26.21 -8.17
C ASP C 170 2.77 27.03 -7.36
N VAL C 171 2.78 26.82 -6.04
CA VAL C 171 1.85 27.53 -5.15
C VAL C 171 1.84 29.02 -5.46
N VAL C 172 3.02 29.61 -5.62
CA VAL C 172 3.15 31.05 -5.75
C VAL C 172 2.44 31.53 -7.02
N GLU C 173 2.82 30.97 -8.17
CA GLU C 173 2.15 31.35 -9.41
C GLU C 173 0.70 30.88 -9.42
N GLY C 174 0.41 29.73 -8.81
CA GLY C 174 -0.95 29.26 -8.73
C GLY C 174 -1.49 28.71 -10.04
N VAL C 175 -2.78 28.93 -10.27
CA VAL C 175 -3.47 28.41 -11.45
C VAL C 175 -3.31 29.47 -12.54
N THR C 176 -2.18 29.39 -13.25
CA THR C 176 -1.90 30.31 -14.34
C THR C 176 -2.53 29.82 -15.64
N PHE C 177 -2.34 30.58 -16.72
CA PHE C 177 -2.91 30.19 -18.00
C PHE C 177 -2.31 28.89 -18.52
N VAL C 178 -1.05 28.64 -18.20
CA VAL C 178 -0.39 27.43 -18.69
C VAL C 178 -1.04 26.19 -18.08
N VAL C 179 -1.29 26.20 -16.77
CA VAL C 179 -1.99 25.08 -16.15
C VAL C 179 -3.45 25.07 -16.56
N GLU C 180 -4.04 26.25 -16.82
CA GLU C 180 -5.42 26.32 -17.28
C GLU C 180 -5.62 25.51 -18.56
N GLN C 181 -4.69 25.65 -19.51
CA GLN C 181 -4.78 24.87 -20.74
C GLN C 181 -4.41 23.41 -20.51
N LEU C 182 -3.63 23.11 -19.47
CA LEU C 182 -3.33 21.71 -19.15
C LEU C 182 -4.55 21.01 -18.56
N ILE C 183 -5.30 21.70 -17.70
CA ILE C 183 -6.54 21.14 -17.17
C ILE C 183 -7.52 20.88 -18.31
N LYS C 184 -7.77 21.89 -19.15
CA LYS C 184 -8.68 21.72 -20.28
C LYS C 184 -8.23 20.58 -21.19
N GLN C 185 -6.93 20.49 -21.47
CA GLN C 185 -6.44 19.48 -22.40
C GLN C 185 -6.52 18.07 -21.81
N SER C 186 -6.39 17.95 -20.49
CA SER C 186 -6.56 16.66 -19.84
C SER C 186 -8.02 16.20 -19.94
N ILE C 187 -8.94 17.08 -19.53
CA ILE C 187 -10.37 16.83 -19.73
C ILE C 187 -10.67 16.55 -21.20
N LYS C 188 -9.97 17.25 -22.10
CA LYS C 188 -10.19 17.04 -23.53
C LYS C 188 -9.80 15.63 -23.94
N ASN C 189 -8.67 15.12 -23.43
CA ASN C 189 -8.36 13.71 -23.52
C ASN C 189 -9.18 12.96 -22.46
N ASN C 190 -8.90 11.67 -22.27
CA ASN C 190 -9.65 10.92 -21.28
C ASN C 190 -8.71 10.39 -20.21
N VAL C 191 -8.05 11.29 -19.49
CA VAL C 191 -7.07 10.94 -18.48
C VAL C 191 -7.56 11.46 -17.13
N ALA C 192 -7.47 10.61 -16.11
CA ALA C 192 -7.76 11.06 -14.76
C ALA C 192 -6.73 12.08 -14.32
N MET C 193 -7.08 12.84 -13.28
CA MET C 193 -6.21 13.93 -12.84
C MET C 193 -6.12 13.94 -11.32
N CYS C 194 -4.90 14.14 -10.84
CA CYS C 194 -4.65 14.58 -9.47
C CYS C 194 -3.75 15.82 -9.55
N PHE C 195 -3.94 16.72 -8.59
CA PHE C 195 -3.14 17.93 -8.51
C PHE C 195 -2.21 17.82 -7.32
N VAL C 196 -0.91 17.95 -7.57
CA VAL C 196 0.08 18.13 -6.52
C VAL C 196 0.55 19.58 -6.60
N ILE C 197 0.43 20.27 -5.47
CA ILE C 197 0.59 21.72 -5.42
C ILE C 197 1.92 21.97 -4.71
N ASN C 198 2.97 22.17 -5.50
CA ASN C 198 4.34 22.00 -5.08
C ASN C 198 4.94 23.31 -4.59
N LYS C 199 6.17 23.23 -4.07
CA LYS C 199 6.93 24.38 -3.59
C LYS C 199 6.23 25.03 -2.40
N LEU C 200 5.66 24.21 -1.52
CA LEU C 200 5.01 24.72 -0.32
C LEU C 200 5.97 25.45 0.60
N ASP C 201 7.29 25.20 0.47
CA ASP C 201 8.27 25.91 1.27
C ASP C 201 8.28 27.40 0.96
N ARG C 202 7.85 27.78 -0.25
CA ARG C 202 7.85 29.18 -0.64
C ARG C 202 6.98 30.01 0.29
N LEU C 203 5.84 29.46 0.71
CA LEU C 203 4.94 30.19 1.59
C LEU C 203 5.57 30.47 2.94
N ILE C 204 6.25 29.48 3.52
CA ILE C 204 6.79 29.63 4.86
C ILE C 204 8.03 30.52 4.87
N LEU C 205 8.92 30.34 3.89
CA LEU C 205 10.23 30.98 3.91
C LEU C 205 10.33 32.19 3.00
N ASP C 206 9.90 32.07 1.74
CA ASP C 206 9.97 33.21 0.82
C ASP C 206 8.91 34.25 1.17
N LEU C 207 7.63 33.88 1.06
CA LEU C 207 6.54 34.83 1.24
C LEU C 207 6.32 35.19 2.71
N LYS C 208 6.81 34.37 3.64
CA LYS C 208 6.66 34.62 5.07
C LYS C 208 5.19 34.75 5.47
N LEU C 209 4.32 33.98 4.80
CA LEU C 209 2.90 34.04 5.11
C LEU C 209 2.63 33.41 6.47
N PRO C 210 1.69 33.95 7.24
CA PRO C 210 1.23 33.26 8.44
C PRO C 210 0.37 32.07 8.05
N PRO C 211 0.22 31.08 8.94
CA PRO C 211 -0.49 29.84 8.56
C PRO C 211 -1.89 30.06 7.99
N MET C 212 -2.65 31.00 8.55
CA MET C 212 -3.99 31.25 8.06
C MET C 212 -3.98 31.75 6.62
N ASP C 213 -3.11 32.72 6.32
CA ASP C 213 -3.02 33.23 4.96
C ASP C 213 -2.52 32.18 3.98
N ALA C 214 -1.64 31.27 4.44
CA ALA C 214 -1.22 30.17 3.60
C ALA C 214 -2.41 29.29 3.22
N TYR C 215 -3.20 28.89 4.21
CA TYR C 215 -4.40 28.10 3.94
C TYR C 215 -5.36 28.86 3.02
N LEU C 216 -5.51 30.17 3.26
CA LEU C 216 -6.35 30.99 2.39
C LEU C 216 -5.85 30.93 0.95
N LYS C 217 -4.53 31.02 0.76
CA LYS C 217 -3.95 30.88 -0.56
C LYS C 217 -4.22 29.49 -1.13
N LEU C 218 -3.94 28.45 -0.35
CA LEU C 218 -4.20 27.08 -0.79
C LEU C 218 -5.67 26.88 -1.14
N ASN C 219 -6.57 27.58 -0.45
CA ASN C 219 -8.00 27.43 -0.73
C ASN C 219 -8.36 28.12 -2.04
N HIS C 220 -7.76 29.29 -2.31
CA HIS C 220 -8.01 29.97 -3.57
C HIS C 220 -7.50 29.17 -4.76
N ILE C 221 -6.30 28.57 -4.63
CA ILE C 221 -5.75 27.75 -5.71
C ILE C 221 -6.71 26.61 -6.05
N ILE C 222 -7.13 25.86 -5.04
CA ILE C 222 -8.06 24.75 -5.24
C ILE C 222 -9.39 25.26 -5.78
N ALA C 223 -9.84 26.42 -5.29
CA ALA C 223 -11.05 27.04 -5.83
C ALA C 223 -10.95 27.22 -7.34
N ASN C 224 -9.84 27.80 -7.81
CA ASN C 224 -9.67 28.04 -9.24
C ASN C 224 -9.58 26.73 -10.02
N ILE C 225 -8.96 25.70 -9.42
CA ILE C 225 -8.83 24.41 -10.09
C ILE C 225 -10.19 23.89 -10.51
N ASN C 226 -11.17 23.94 -9.60
CA ASN C 226 -12.48 23.34 -9.87
C ASN C 226 -13.24 24.11 -10.94
N SER C 227 -12.99 25.40 -11.09
CA SER C 227 -13.69 26.21 -12.09
C SER C 227 -13.47 25.69 -13.51
N PHE C 228 -12.40 24.94 -13.75
CA PHE C 228 -12.12 24.40 -15.07
C PHE C 228 -12.37 22.90 -15.18
N THR C 229 -12.50 22.19 -14.06
CA THR C 229 -12.66 20.74 -14.07
C THR C 229 -14.10 20.29 -14.27
N LYS C 230 -14.99 21.19 -14.70
CA LYS C 230 -16.37 20.87 -15.06
C LYS C 230 -17.06 20.20 -13.87
N GLY C 231 -17.58 18.98 -13.99
CA GLY C 231 -18.29 18.37 -12.89
C GLY C 231 -17.36 17.89 -11.78
N ASN C 232 -16.26 17.25 -12.15
CA ASN C 232 -15.38 16.62 -11.17
C ASN C 232 -14.89 17.64 -10.15
N VAL C 233 -15.04 17.30 -8.88
CA VAL C 233 -14.67 18.17 -7.77
C VAL C 233 -13.35 17.66 -7.19
N PHE C 234 -12.36 18.54 -7.14
CA PHE C 234 -11.04 18.22 -6.59
C PHE C 234 -10.90 18.87 -5.22
N SER C 235 -10.45 18.09 -4.24
CA SER C 235 -10.37 18.55 -2.86
C SER C 235 -9.38 17.67 -2.12
N PRO C 236 -8.72 18.19 -1.09
CA PRO C 236 -7.83 17.33 -0.30
C PRO C 236 -8.55 16.16 0.34
N ILE C 237 -9.79 16.35 0.80
CA ILE C 237 -10.54 15.28 1.46
C ILE C 237 -11.04 14.22 0.50
N ASP C 238 -10.92 14.45 -0.81
CA ASP C 238 -11.30 13.46 -1.81
C ASP C 238 -10.10 12.68 -2.35
N ASN C 239 -8.94 12.83 -1.73
CA ASN C 239 -7.70 12.23 -2.22
C ASN C 239 -7.42 12.64 -3.66
N ASN C 240 -7.88 13.83 -4.04
CA ASN C 240 -7.60 14.39 -5.35
C ASN C 240 -6.36 15.26 -5.38
N ILE C 241 -5.95 15.80 -4.23
CA ILE C 241 -4.98 16.88 -4.19
C ILE C 241 -3.84 16.50 -3.24
N ILE C 242 -2.62 16.65 -3.73
CA ILE C 242 -1.41 16.27 -3.00
C ILE C 242 -0.62 17.55 -2.69
N PHE C 243 -0.10 17.63 -1.48
CA PHE C 243 0.80 18.71 -1.10
C PHE C 243 2.24 18.23 -1.20
N ALA C 244 3.16 19.16 -1.46
CA ALA C 244 4.54 18.77 -1.72
C ALA C 244 5.46 19.97 -1.60
N SER C 245 6.74 19.67 -1.35
CA SER C 245 7.87 20.59 -1.41
C SER C 245 9.05 19.75 -1.88
N THR C 246 9.02 19.39 -3.17
CA THR C 246 9.96 18.41 -3.73
C THR C 246 11.42 18.77 -3.46
N LYS C 247 11.74 20.06 -3.35
CA LYS C 247 13.10 20.46 -3.02
C LYS C 247 13.50 19.94 -1.64
N LEU C 248 12.59 20.06 -0.66
CA LEU C 248 12.85 19.61 0.69
C LEU C 248 12.41 18.15 0.91
N GLY C 249 12.08 17.44 -0.15
CA GLY C 249 12.00 15.99 -0.08
C GLY C 249 10.73 15.39 0.46
N PHE C 250 9.61 16.11 0.45
CA PHE C 250 8.39 15.55 0.99
C PHE C 250 7.20 15.87 0.10
N THR C 251 6.31 14.89 -0.04
CA THR C 251 4.98 15.05 -0.63
C THR C 251 4.01 14.28 0.23
N PHE C 252 2.93 14.91 0.65
CA PHE C 252 1.99 14.26 1.55
C PHE C 252 0.56 14.52 1.11
N THR C 253 -0.36 13.76 1.70
CA THR C 253 -1.80 13.96 1.59
C THR C 253 -2.40 13.89 2.98
N ILE C 254 -3.61 14.46 3.12
CA ILE C 254 -4.28 14.47 4.41
C ILE C 254 -4.45 13.05 4.93
N LYS C 255 -4.90 12.14 4.06
CA LYS C 255 -5.04 10.74 4.44
C LYS C 255 -3.72 10.17 4.95
N GLU C 256 -2.64 10.39 4.21
CA GLU C 256 -1.33 9.90 4.64
C GLU C 256 -0.94 10.49 5.99
N PHE C 257 -1.18 11.79 6.18
CA PHE C 257 -0.82 12.44 7.44
C PHE C 257 -1.54 11.77 8.61
N VAL C 258 -2.86 11.59 8.49
CA VAL C 258 -3.63 10.95 9.55
C VAL C 258 -3.15 9.52 9.77
N SER C 259 -2.83 8.82 8.68
CA SER C 259 -2.35 7.45 8.80
C SER C 259 -1.07 7.34 9.61
N TYR C 260 -0.27 8.39 9.64
CA TYR C 260 1.04 8.33 10.29
C TYR C 260 0.98 8.70 11.78
N TYR C 261 0.34 9.83 12.11
CA TYR C 261 0.48 10.38 13.44
C TYR C 261 -0.83 10.68 14.14
N TYR C 262 -1.98 10.36 13.54
CA TYR C 262 -3.27 10.56 14.19
C TYR C 262 -4.11 9.30 14.30
N ALA C 263 -3.88 8.29 13.46
CA ALA C 263 -4.76 7.13 13.45
C ALA C 263 -4.72 6.38 14.77
N HIS C 264 -3.53 6.21 15.35
CA HIS C 264 -3.36 5.50 16.61
C HIS C 264 -3.56 6.40 17.83
N SER C 265 -4.11 7.61 17.65
CA SER C 265 -4.36 8.51 18.77
C SER C 265 -5.85 8.71 19.04
N ILE C 266 -6.71 8.10 18.23
CA ILE C 266 -8.17 8.18 18.38
C ILE C 266 -8.76 6.83 18.00
N PRO C 267 -10.00 6.55 18.45
CA PRO C 267 -10.59 5.23 18.16
C PRO C 267 -10.68 4.93 16.68
N SER C 268 -10.34 3.67 16.33
CA SER C 268 -10.19 3.26 14.94
C SER C 268 -11.40 3.57 14.08
N SER C 269 -12.60 3.56 14.66
CA SER C 269 -13.77 3.89 13.85
C SER C 269 -13.85 5.40 13.60
N LYS C 270 -13.54 6.20 14.62
CA LYS C 270 -13.64 7.64 14.47
C LYS C 270 -12.49 8.26 13.69
N ILE C 271 -11.40 7.52 13.44
CA ILE C 271 -10.26 8.12 12.75
C ILE C 271 -10.61 8.41 11.29
N ASP C 272 -11.27 7.46 10.62
CA ASP C 272 -11.57 7.61 9.20
C ASP C 272 -12.59 8.70 8.97
N ASP C 273 -13.64 8.74 9.80
CA ASP C 273 -14.64 9.80 9.71
C ASP C 273 -14.03 11.15 10.05
N PHE C 274 -12.95 11.15 10.83
CA PHE C 274 -12.34 12.40 11.29
C PHE C 274 -11.62 13.12 10.15
N THR C 275 -10.94 12.37 9.27
CA THR C 275 -10.20 12.97 8.16
C THR C 275 -11.07 13.90 7.32
N THR C 276 -12.29 13.46 6.99
CA THR C 276 -13.19 14.24 6.15
C THR C 276 -13.45 15.64 6.71
N ARG C 277 -13.13 15.88 7.98
CA ARG C 277 -13.30 17.19 8.60
C ARG C 277 -12.02 18.01 8.62
N LEU C 278 -10.97 17.56 7.92
CA LEU C 278 -9.69 18.27 7.93
C LEU C 278 -9.56 19.28 6.80
N TRP C 279 -10.66 19.62 6.12
CA TRP C 279 -10.65 20.66 5.10
C TRP C 279 -11.96 21.42 5.15
N GLY C 280 -11.91 22.68 4.73
CA GLY C 280 -13.08 23.52 4.68
C GLY C 280 -13.29 24.30 5.97
N SER C 281 -14.46 24.96 6.04
CA SER C 281 -14.84 25.74 7.21
C SER C 281 -15.34 24.79 8.29
N VAL C 282 -14.39 24.11 8.93
CA VAL C 282 -14.67 23.16 10.00
C VAL C 282 -13.69 23.44 11.14
N TYR C 283 -14.22 23.66 12.34
CA TYR C 283 -13.44 24.04 13.50
C TYR C 283 -13.58 23.00 14.60
N TYR C 284 -12.51 22.83 15.39
CA TYR C 284 -12.44 21.82 16.43
C TYR C 284 -12.06 22.45 17.77
N HIS C 285 -12.72 22.00 18.83
CA HIS C 285 -12.37 22.39 20.19
C HIS C 285 -12.89 21.35 21.18
N LYS C 286 -12.01 20.83 22.01
CA LYS C 286 -12.35 19.95 23.13
C LYS C 286 -13.24 18.78 22.71
N GLY C 287 -12.99 18.25 21.51
CA GLY C 287 -13.54 16.97 21.11
C GLY C 287 -14.70 17.00 20.13
N ASN C 288 -15.29 18.16 19.84
CA ASN C 288 -16.38 18.24 18.89
C ASN C 288 -16.02 19.19 17.75
N PHE C 289 -16.77 19.09 16.66
CA PHE C 289 -16.52 19.85 15.44
C PHE C 289 -17.78 20.62 15.06
N ARG C 290 -17.67 21.94 14.94
CA ARG C 290 -18.79 22.76 14.51
C ARG C 290 -18.34 23.74 13.41
N THR C 291 -19.27 24.03 12.51
CA THR C 291 -18.95 24.75 11.28
C THR C 291 -18.55 26.20 11.52
N LYS C 292 -19.25 26.89 12.42
CA LYS C 292 -18.93 28.29 12.64
C LYS C 292 -17.83 28.43 13.68
N PRO C 293 -17.13 29.58 13.71
CA PRO C 293 -16.00 29.70 14.62
C PRO C 293 -16.44 29.69 16.06
N PHE C 294 -15.64 29.04 16.91
CA PHE C 294 -15.83 29.19 18.34
C PHE C 294 -15.55 30.64 18.69
N GLU C 295 -16.45 31.23 19.48
CA GLU C 295 -16.46 32.69 19.62
C GLU C 295 -15.13 33.19 20.15
N ASN C 296 -14.60 32.51 21.17
CA ASN C 296 -13.54 33.05 21.98
C ASN C 296 -12.24 32.27 21.90
N VAL C 297 -12.18 31.22 21.10
CA VAL C 297 -10.95 30.52 20.82
C VAL C 297 -10.48 31.01 19.46
N GLU C 298 -9.19 30.83 19.18
CA GLU C 298 -8.67 31.27 17.88
C GLU C 298 -9.35 30.50 16.76
N LYS C 299 -9.94 31.24 15.82
CA LYS C 299 -10.81 30.68 14.80
C LYS C 299 -9.99 30.14 13.63
N TYR C 300 -9.26 29.06 13.91
CA TYR C 300 -8.41 28.42 12.93
C TYR C 300 -9.08 27.14 12.45
N PRO C 301 -9.36 26.99 11.15
CA PRO C 301 -9.89 25.72 10.63
C PRO C 301 -9.06 24.49 11.00
N THR C 302 -9.60 23.32 10.68
CA THR C 302 -8.91 22.07 11.04
C THR C 302 -7.59 21.94 10.30
N PHE C 303 -7.57 22.25 9.01
CA PHE C 303 -6.35 22.10 8.22
C PHE C 303 -5.21 22.93 8.80
N VAL C 304 -5.46 24.19 9.12
CA VAL C 304 -4.40 25.02 9.69
C VAL C 304 -4.07 24.56 11.10
N GLU C 305 -5.06 24.04 11.83
CA GLU C 305 -4.81 23.65 13.22
C GLU C 305 -4.14 22.30 13.33
N PHE C 306 -4.52 21.34 12.48
CA PHE C 306 -4.01 19.98 12.57
C PHE C 306 -2.90 19.67 11.59
N ILE C 307 -2.71 20.47 10.53
CA ILE C 307 -1.75 20.13 9.49
C ILE C 307 -0.73 21.24 9.28
N LEU C 308 -1.21 22.43 8.93
CA LEU C 308 -0.31 23.52 8.51
C LEU C 308 0.63 23.92 9.63
N ILE C 309 0.09 24.23 10.81
CA ILE C 309 0.91 24.71 11.92
C ILE C 309 1.86 23.61 12.37
N PRO C 310 1.49 22.32 12.33
CA PRO C 310 2.52 21.28 12.44
C PRO C 310 3.62 21.41 11.40
N LEU C 311 3.25 21.59 10.12
CA LEU C 311 4.25 21.84 9.08
C LEU C 311 5.01 23.12 9.36
N TYR C 312 4.28 24.23 9.53
CA TYR C 312 4.90 25.52 9.80
C TYR C 312 5.90 25.46 10.94
N LYS C 313 5.63 24.65 11.95
CA LYS C 313 6.49 24.63 13.13
C LYS C 313 7.47 23.46 13.15
N ILE C 314 7.38 22.51 12.21
CA ILE C 314 8.53 21.64 11.98
C ILE C 314 9.50 22.29 11.01
N PHE C 315 9.03 23.21 10.17
CA PHE C 315 9.92 24.08 9.41
C PHE C 315 10.67 25.01 10.36
N SER C 316 9.93 25.81 11.13
CA SER C 316 10.53 26.83 11.97
C SER C 316 11.44 26.24 13.04
N TYR C 317 11.00 25.16 13.70
CA TYR C 317 11.78 24.63 14.82
C TYR C 317 13.06 23.98 14.34
N ALA C 318 13.03 23.36 13.17
CA ALA C 318 14.26 22.79 12.62
C ALA C 318 15.30 23.86 12.37
N LEU C 319 14.87 25.01 11.84
CA LEU C 319 15.79 26.10 11.54
C LEU C 319 16.24 26.86 12.79
N SER C 320 15.42 26.91 13.83
CA SER C 320 15.63 27.88 14.89
C SER C 320 15.66 27.32 16.32
N MET C 321 15.45 26.02 16.50
CA MET C 321 15.38 25.45 17.83
C MET C 321 16.60 24.57 18.09
N GLU C 322 17.01 24.51 19.35
CA GLU C 322 18.15 23.70 19.74
C GLU C 322 17.89 22.23 19.42
N LYS C 323 18.94 21.53 18.98
CA LYS C 323 18.78 20.16 18.52
C LYS C 323 18.32 19.23 19.64
N ASP C 324 18.71 19.51 20.88
CA ASP C 324 18.26 18.70 22.01
C ASP C 324 16.76 18.78 22.17
N LYS C 325 16.23 20.00 22.35
CA LYS C 325 14.79 20.18 22.44
C LYS C 325 14.09 19.65 21.19
N LEU C 326 14.72 19.82 20.03
CA LEU C 326 14.12 19.36 18.78
C LEU C 326 14.05 17.84 18.71
N LYS C 327 15.19 17.18 18.98
CA LYS C 327 15.24 15.72 18.88
C LYS C 327 14.21 15.06 19.79
N ASN C 328 13.89 15.68 20.93
CA ASN C 328 12.87 15.15 21.83
C ASN C 328 11.48 15.27 21.22
N LEU C 329 11.14 16.45 20.68
CA LEU C 329 9.84 16.64 20.07
C LEU C 329 9.63 15.70 18.89
N LEU C 330 10.65 15.55 18.04
CA LEU C 330 10.54 14.70 16.87
C LEU C 330 10.33 13.23 17.26
N ARG C 331 10.95 12.79 18.35
CA ARG C 331 10.77 11.40 18.77
C ARG C 331 9.45 11.18 19.52
N SER C 332 9.01 12.18 20.29
CA SER C 332 7.79 12.00 21.07
C SER C 332 6.54 12.15 20.22
N ASN C 333 6.54 13.08 19.27
CA ASN C 333 5.36 13.36 18.46
C ASN C 333 5.37 12.66 17.11
N PHE C 334 6.55 12.45 16.51
CA PHE C 334 6.65 11.87 15.18
C PHE C 334 7.34 10.51 15.18
N ARG C 335 7.69 9.98 16.35
CA ARG C 335 8.40 8.71 16.46
C ARG C 335 9.67 8.71 15.60
N VAL C 336 10.38 9.84 15.60
CA VAL C 336 11.53 10.03 14.73
C VAL C 336 12.76 10.27 15.61
N ASN C 337 13.75 9.38 15.49
CA ASN C 337 15.03 9.51 16.18
C ASN C 337 16.08 10.04 15.22
N LEU C 338 16.84 11.04 15.66
CA LEU C 338 17.83 11.71 14.82
C LEU C 338 19.21 11.11 15.07
N SER C 339 19.85 10.66 13.98
CA SER C 339 21.20 10.14 14.06
C SER C 339 22.18 11.24 14.46
N GLN C 340 23.38 10.82 14.88
CA GLN C 340 24.36 11.78 15.39
C GLN C 340 24.85 12.72 14.28
N GLU C 341 25.09 12.19 13.08
CA GLU C 341 25.51 13.06 11.97
C GLU C 341 24.47 14.14 11.69
N ALA C 342 23.19 13.83 11.90
CA ALA C 342 22.13 14.78 11.57
C ALA C 342 22.25 16.06 12.38
N LEU C 343 22.69 15.95 13.63
CA LEU C 343 22.82 17.13 14.48
C LEU C 343 23.88 18.10 13.95
N GLN C 344 24.76 17.65 13.06
CA GLN C 344 25.78 18.47 12.44
C GLN C 344 25.33 19.09 11.12
N TYR C 345 24.22 18.62 10.56
CA TYR C 345 23.82 19.01 9.21
C TYR C 345 23.67 20.53 9.08
N ASP C 346 23.99 21.04 7.90
CA ASP C 346 23.68 22.41 7.57
C ASP C 346 22.16 22.61 7.60
N PRO C 347 21.68 23.84 7.83
CA PRO C 347 20.24 24.06 8.00
C PRO C 347 19.36 23.45 6.90
N GLN C 348 19.57 23.85 5.65
CA GLN C 348 18.75 23.32 4.57
C GLN C 348 18.87 21.80 4.42
N PRO C 349 20.06 21.19 4.42
CA PRO C 349 20.11 19.72 4.41
C PRO C 349 19.44 19.09 5.61
N PHE C 350 19.61 19.71 6.79
CA PHE C 350 18.89 19.26 7.97
C PHE C 350 17.38 19.30 7.74
N LEU C 351 16.89 20.39 7.15
CA LEU C 351 15.45 20.55 6.92
C LEU C 351 14.92 19.47 5.97
N LYS C 352 15.59 19.28 4.83
CA LYS C 352 15.17 18.21 3.93
C LYS C 352 15.30 16.85 4.58
N HIS C 353 16.18 16.72 5.56
CA HIS C 353 16.37 15.45 6.25
C HIS C 353 15.20 15.17 7.20
N VAL C 354 14.93 16.09 8.12
CA VAL C 354 13.88 15.87 9.11
C VAL C 354 12.52 15.70 8.44
N LEU C 355 12.24 16.52 7.41
CA LEU C 355 10.98 16.39 6.69
C LEU C 355 10.89 15.04 5.99
N GLN C 356 12.01 14.54 5.46
CA GLN C 356 12.01 13.24 4.82
C GLN C 356 11.78 12.11 5.83
N LEU C 357 12.25 12.29 7.07
CA LEU C 357 12.00 11.30 8.10
C LEU C 357 10.53 11.24 8.48
N ILE C 358 9.82 12.37 8.38
CA ILE C 358 8.44 12.43 8.83
C ILE C 358 7.48 11.87 7.79
N PHE C 359 7.67 12.21 6.52
CA PHE C 359 6.63 11.98 5.51
C PHE C 359 6.82 10.70 4.71
N ARG C 360 7.97 10.04 4.82
CA ARG C 360 8.15 8.63 4.46
C ARG C 360 7.57 8.22 3.10
N GLN C 361 8.35 8.38 2.03
CA GLN C 361 8.19 7.65 0.77
C GLN C 361 6.86 7.93 0.06
N GLN C 362 6.28 9.11 0.26
CA GLN C 362 5.24 9.66 -0.61
C GLN C 362 4.04 8.73 -0.78
N THR C 363 3.83 7.76 0.12
CA THR C 363 2.83 6.73 -0.13
C THR C 363 1.42 7.31 -0.25
N GLY C 364 1.14 8.43 0.41
CA GLY C 364 -0.13 9.10 0.20
C GLY C 364 -0.32 9.55 -1.24
N LEU C 365 0.76 9.87 -1.94
CA LEU C 365 0.68 10.26 -3.34
C LEU C 365 0.25 9.09 -4.22
N VAL C 366 0.94 7.94 -4.09
CA VAL C 366 0.56 6.77 -4.89
C VAL C 366 -0.82 6.28 -4.48
N ASP C 367 -1.23 6.54 -3.24
CA ASP C 367 -2.61 6.24 -2.84
C ASP C 367 -3.59 7.05 -3.67
N ALA C 368 -3.33 8.35 -3.83
CA ALA C 368 -4.19 9.19 -4.66
C ALA C 368 -4.27 8.67 -6.09
N ILE C 369 -3.15 8.15 -6.62
CA ILE C 369 -3.15 7.60 -7.96
C ILE C 369 -4.05 6.37 -8.02
N THR C 370 -3.89 5.44 -7.08
CA THR C 370 -4.73 4.25 -7.02
C THR C 370 -6.17 4.64 -6.69
N ARG C 371 -6.37 5.73 -5.97
CA ARG C 371 -7.72 6.19 -5.65
C ARG C 371 -8.52 6.52 -6.90
N CYS C 372 -7.89 7.17 -7.88
CA CYS C 372 -8.61 7.62 -9.05
C CYS C 372 -8.56 6.59 -10.17
N TYR C 373 -8.39 7.07 -11.40
CA TYR C 373 -8.36 6.27 -12.62
C TYR C 373 -9.65 5.47 -12.80
N GLN C 374 -9.80 4.33 -12.09
CA GLN C 374 -10.95 3.46 -12.26
C GLN C 374 -11.16 3.13 -13.73
N PRO C 375 -10.52 2.08 -14.25
CA PRO C 375 -10.38 1.94 -15.70
C PRO C 375 -11.67 1.86 -16.50
N PHE C 376 -12.77 1.34 -15.94
CA PHE C 376 -13.95 1.05 -16.76
C PHE C 376 -14.40 2.25 -17.60
N GLU C 377 -14.68 3.38 -16.95
CA GLU C 377 -15.23 4.51 -17.68
C GLU C 377 -14.21 5.12 -18.63
N LEU C 378 -12.95 5.26 -18.19
CA LEU C 378 -11.98 6.05 -18.93
C LEU C 378 -11.33 5.24 -20.04
N PHE C 379 -10.90 4.00 -19.74
CA PHE C 379 -10.13 3.22 -20.69
C PHE C 379 -10.90 3.03 -21.99
N ASP C 380 -12.16 2.60 -21.90
CA ASP C 380 -12.98 2.45 -23.11
C ASP C 380 -13.14 3.78 -23.84
N ASN C 381 -13.31 4.87 -23.08
CA ASN C 381 -13.45 6.19 -23.71
C ASN C 381 -12.12 6.66 -24.29
N LYS C 382 -11.03 6.53 -23.53
CA LYS C 382 -9.73 6.99 -24.02
C LYS C 382 -9.32 6.27 -25.30
N THR C 383 -9.41 4.94 -25.30
CA THR C 383 -9.05 4.16 -26.48
C THR C 383 -9.91 4.55 -27.66
N ALA C 384 -11.19 4.86 -27.42
CA ALA C 384 -12.08 5.28 -28.50
C ALA C 384 -11.63 6.63 -29.08
N HIS C 385 -11.14 7.54 -28.22
CA HIS C 385 -10.71 8.84 -28.70
C HIS C 385 -9.36 8.76 -29.40
N LEU C 386 -8.43 7.98 -28.85
CA LEU C 386 -7.12 7.84 -29.48
C LEU C 386 -7.19 7.05 -30.78
N SER C 387 -8.29 6.34 -31.03
CA SER C 387 -8.50 5.63 -32.27
C SER C 387 -9.92 5.87 -32.74
N ILE C 388 -10.68 4.80 -32.97
CA ILE C 388 -12.10 4.94 -33.31
C ILE C 388 -12.93 4.10 -32.35
N PRO C 389 -14.17 4.50 -32.05
CA PRO C 389 -15.03 3.64 -31.25
C PRO C 389 -15.38 2.36 -32.00
N GLY C 390 -15.39 1.25 -31.27
CA GLY C 390 -15.67 -0.03 -31.88
C GLY C 390 -15.55 -1.14 -30.86
N LYS C 391 -15.70 -2.37 -31.35
CA LYS C 391 -15.62 -3.52 -30.48
C LYS C 391 -14.18 -3.75 -30.04
N SER C 392 -14.02 -4.31 -28.85
CA SER C 392 -12.70 -4.64 -28.32
C SER C 392 -11.96 -5.58 -29.28
N THR C 393 -10.65 -5.40 -29.34
CA THR C 393 -9.84 -6.23 -30.22
C THR C 393 -9.77 -7.66 -29.67
N PRO C 394 -9.64 -8.66 -30.55
CA PRO C 394 -9.52 -10.04 -30.07
C PRO C 394 -8.34 -10.20 -29.13
N GLU C 395 -8.54 -10.98 -28.07
CA GLU C 395 -7.53 -11.12 -27.03
C GLU C 395 -6.27 -11.81 -27.55
N GLY C 396 -6.36 -12.52 -28.67
CA GLY C 396 -5.17 -13.09 -29.28
C GLY C 396 -4.41 -12.12 -30.16
N THR C 397 -5.12 -11.20 -30.81
CA THR C 397 -4.47 -10.25 -31.69
C THR C 397 -3.71 -9.21 -30.87
N LEU C 398 -2.48 -8.93 -31.27
CA LEU C 398 -1.64 -7.95 -30.61
C LEU C 398 -1.92 -6.57 -31.17
N TRP C 399 -1.96 -5.57 -30.29
CA TRP C 399 -2.31 -4.21 -30.67
C TRP C 399 -1.60 -3.25 -29.74
N ALA C 400 -0.88 -2.28 -30.32
CA ALA C 400 -0.06 -1.39 -29.52
C ALA C 400 -0.01 -0.02 -30.16
N HIS C 401 0.27 0.99 -29.33
CA HIS C 401 0.38 2.39 -29.74
C HIS C 401 1.84 2.81 -29.64
N VAL C 402 2.53 2.86 -30.78
CA VAL C 402 3.89 3.38 -30.81
C VAL C 402 3.82 4.91 -30.92
N LEU C 403 4.16 5.59 -29.83
CA LEU C 403 3.84 6.99 -29.62
C LEU C 403 4.90 7.95 -30.15
N LYS C 404 6.18 7.61 -29.97
CA LYS C 404 7.24 8.58 -30.15
C LYS C 404 8.52 7.87 -30.55
N THR C 405 9.37 8.60 -31.29
CA THR C 405 10.72 8.14 -31.62
C THR C 405 11.72 8.86 -30.72
N VAL C 406 12.57 8.09 -30.05
CA VAL C 406 13.58 8.63 -29.15
C VAL C 406 14.86 7.82 -29.34
N ASP C 407 16.00 8.47 -29.14
CA ASP C 407 17.30 7.86 -29.35
C ASP C 407 17.99 7.60 -28.01
N TYR C 408 18.37 6.35 -27.77
CA TYR C 408 19.12 5.97 -26.59
C TYR C 408 20.35 5.20 -27.03
N GLY C 409 21.49 5.53 -26.43
CA GLY C 409 22.75 4.96 -26.88
C GLY C 409 22.98 5.12 -28.37
N GLY C 410 22.61 6.27 -28.92
CA GLY C 410 22.67 6.49 -30.36
C GLY C 410 21.54 5.90 -31.17
N ALA C 411 21.22 4.63 -30.94
CA ALA C 411 20.22 3.94 -31.73
C ALA C 411 18.82 4.49 -31.47
N GLU C 412 17.94 4.29 -32.44
CA GLU C 412 16.56 4.77 -32.35
C GLU C 412 15.71 3.79 -31.55
N TRP C 413 14.85 4.33 -30.70
CA TRP C 413 13.89 3.57 -29.92
C TRP C 413 12.47 4.05 -30.22
N SER C 414 11.49 3.39 -29.60
CA SER C 414 10.10 3.73 -29.83
C SER C 414 9.32 3.53 -28.52
N LEU C 415 8.66 4.59 -28.06
CA LEU C 415 7.81 4.52 -26.88
C LEU C 415 6.47 3.90 -27.28
N VAL C 416 6.19 2.70 -26.77
CA VAL C 416 5.04 1.91 -27.20
C VAL C 416 4.24 1.48 -25.98
N ARG C 417 2.93 1.66 -26.03
CA ARG C 417 2.02 1.18 -25.00
C ARG C 417 1.12 0.10 -25.59
N ILE C 418 1.04 -1.04 -24.91
CA ILE C 418 0.31 -2.20 -25.39
C ILE C 418 -1.15 -2.12 -24.96
N TYR C 419 -2.06 -2.48 -25.87
CA TYR C 419 -3.48 -2.54 -25.57
C TYR C 419 -4.06 -3.94 -25.62
N SER C 420 -3.47 -4.84 -26.39
CA SER C 420 -3.95 -6.21 -26.49
C SER C 420 -2.80 -7.10 -26.93
N GLY C 421 -2.95 -8.40 -26.69
CA GLY C 421 -1.95 -9.37 -27.09
C GLY C 421 -0.70 -9.28 -26.23
N LEU C 422 0.29 -10.10 -26.59
CA LEU C 422 1.56 -10.15 -25.88
C LEU C 422 2.70 -9.98 -26.88
N LEU C 423 3.58 -9.03 -26.60
CA LEU C 423 4.73 -8.74 -27.46
C LEU C 423 5.93 -9.54 -26.97
N LYS C 424 6.41 -10.45 -27.81
CA LYS C 424 7.61 -11.22 -27.56
C LYS C 424 8.80 -10.56 -28.24
N ARG C 425 9.97 -10.68 -27.62
CA ARG C 425 11.18 -10.21 -28.29
C ARG C 425 11.41 -11.04 -29.55
N GLY C 426 11.66 -10.36 -30.65
CA GLY C 426 11.79 -11.03 -31.93
C GLY C 426 10.48 -11.40 -32.58
N ASP C 427 9.35 -11.18 -31.91
CA ASP C 427 8.05 -11.41 -32.51
C ASP C 427 7.80 -10.35 -33.56
N THR C 428 7.91 -10.73 -34.83
CA THR C 428 7.73 -9.77 -35.92
C THR C 428 6.33 -9.19 -35.92
N VAL C 429 6.25 -7.86 -36.02
CA VAL C 429 5.01 -7.11 -35.90
C VAL C 429 4.94 -6.07 -37.00
N ARG C 430 3.73 -5.68 -37.36
CA ARG C 430 3.49 -4.77 -38.46
C ARG C 430 3.19 -3.36 -37.95
N ILE C 431 4.00 -2.40 -38.39
CA ILE C 431 3.91 -1.01 -37.96
C ILE C 431 3.36 -0.20 -39.12
N LEU C 432 2.37 0.65 -38.84
CA LEU C 432 1.72 1.48 -39.86
C LEU C 432 1.68 2.92 -39.37
N ASP C 433 2.44 3.78 -40.04
CA ASP C 433 2.48 5.21 -39.71
C ASP C 433 1.07 5.78 -39.57
N THR C 434 0.87 6.58 -38.51
CA THR C 434 -0.45 7.14 -38.22
C THR C 434 -0.95 8.08 -39.30
N SER C 435 -0.11 8.45 -40.27
CA SER C 435 -0.60 9.20 -41.42
C SER C 435 -1.55 8.35 -42.25
N GLN C 436 -1.18 7.11 -42.51
CA GLN C 436 -2.00 6.19 -43.29
C GLN C 436 -3.24 5.71 -42.55
N SER C 437 -3.36 6.01 -41.25
CA SER C 437 -4.49 5.51 -40.47
C SER C 437 -5.82 5.95 -41.06
N GLU C 438 -5.92 7.21 -41.49
CA GLU C 438 -7.16 7.67 -42.13
C GLU C 438 -7.43 6.94 -43.42
N SER C 439 -6.40 6.73 -44.25
CA SER C 439 -6.58 6.09 -45.53
C SER C 439 -6.91 4.60 -45.37
N ARG C 440 -6.19 3.91 -44.47
CA ARG C 440 -6.39 2.48 -44.32
C ARG C 440 -7.75 2.15 -43.71
N GLN C 441 -8.31 3.06 -42.92
CA GLN C 441 -9.60 2.79 -42.28
C GLN C 441 -10.73 2.86 -43.29
N LYS C 442 -10.69 3.84 -44.19
CA LYS C 442 -11.70 3.91 -45.25
C LYS C 442 -11.55 2.73 -46.20
N ARG C 443 -10.32 2.37 -46.54
CA ARG C 443 -10.08 1.15 -47.32
C ARG C 443 -10.56 -0.08 -46.56
N GLN C 444 -10.53 -0.05 -45.23
CA GLN C 444 -11.01 -1.18 -44.44
C GLN C 444 -12.51 -1.36 -44.60
N LEU C 445 -13.28 -0.26 -44.47
CA LEU C 445 -14.73 -0.36 -44.68
C LEU C 445 -15.05 -0.68 -46.13
N HIS C 446 -14.23 -0.19 -47.06
CA HIS C 446 -14.42 -0.55 -48.47
C HIS C 446 -14.26 -2.05 -48.68
N ASP C 447 -13.25 -2.65 -48.04
CA ASP C 447 -13.05 -4.10 -48.16
C ASP C 447 -14.12 -4.89 -47.42
N ILE C 448 -14.85 -4.26 -46.50
CA ILE C 448 -15.95 -4.93 -45.80
C ILE C 448 -17.25 -4.76 -46.57
N SER C 449 -17.48 -3.60 -47.16
CA SER C 449 -18.67 -3.33 -47.94
C SER C 449 -18.66 -4.12 -49.24
N ASP C 462 -3.34 -8.42 -48.27
CA ASP C 462 -2.35 -8.48 -47.21
C ASP C 462 -1.78 -7.11 -46.88
N GLU C 463 -1.42 -6.93 -45.62
CA GLU C 463 -0.84 -5.68 -45.15
C GLU C 463 0.57 -5.52 -45.71
N THR C 464 0.93 -4.26 -46.03
CA THR C 464 2.17 -3.94 -46.73
C THR C 464 3.41 -3.61 -45.89
N PRO C 465 3.30 -3.03 -44.66
CA PRO C 465 4.53 -2.78 -43.88
C PRO C 465 4.76 -3.71 -42.69
N SER C 466 6.02 -4.06 -42.44
CA SER C 466 6.39 -4.90 -41.30
C SER C 466 7.87 -4.71 -40.97
N CYS C 467 8.23 -5.09 -39.74
CA CYS C 467 9.61 -5.04 -39.28
C CYS C 467 9.78 -6.02 -38.12
N GLU C 468 10.98 -6.06 -37.55
CA GLU C 468 11.33 -7.00 -36.49
C GLU C 468 11.68 -6.25 -35.21
N VAL C 469 11.09 -6.68 -34.09
CA VAL C 469 11.41 -6.10 -32.79
C VAL C 469 12.68 -6.74 -32.26
N GLU C 470 13.71 -5.92 -32.05
CA GLU C 470 14.98 -6.41 -31.57
C GLU C 470 15.09 -6.38 -30.04
N GLU C 471 14.74 -5.26 -29.43
CA GLU C 471 14.96 -5.06 -28.00
C GLU C 471 13.68 -4.56 -27.33
N ILE C 472 13.52 -4.95 -26.07
CA ILE C 472 12.40 -4.52 -25.23
C ILE C 472 12.98 -3.97 -23.93
N GLY C 473 12.63 -2.74 -23.59
CA GLY C 473 13.18 -2.10 -22.41
C GLY C 473 12.12 -1.41 -21.59
N LEU C 474 12.39 -1.32 -20.29
CA LEU C 474 11.64 -0.47 -19.38
C LEU C 474 12.40 0.83 -19.16
N LEU C 475 11.66 1.90 -18.92
CA LEU C 475 12.30 3.18 -18.62
C LEU C 475 12.75 3.20 -17.17
N GLY C 476 13.95 3.73 -16.94
CA GLY C 476 14.46 3.90 -15.60
C GLY C 476 15.06 5.27 -15.39
N GLY C 477 14.91 6.15 -16.39
CA GLY C 477 15.48 7.46 -16.33
C GLY C 477 16.91 7.49 -16.85
N ARG C 478 17.86 7.12 -15.99
CA ARG C 478 19.25 7.05 -16.38
C ARG C 478 19.63 5.72 -17.03
N TYR C 479 18.76 4.71 -16.91
CA TYR C 479 19.02 3.40 -17.50
C TYR C 479 17.75 2.90 -18.18
N VAL C 480 17.89 1.81 -18.92
CA VAL C 480 16.76 1.04 -19.43
C VAL C 480 16.97 -0.41 -19.02
N TYR C 481 15.95 -1.00 -18.41
CA TYR C 481 16.06 -2.36 -17.91
C TYR C 481 15.60 -3.33 -19.00
N PRO C 482 16.45 -4.26 -19.44
CA PRO C 482 16.05 -5.17 -20.51
C PRO C 482 14.96 -6.12 -20.05
N VAL C 483 13.97 -6.33 -20.92
CA VAL C 483 12.80 -7.14 -20.62
C VAL C 483 12.49 -8.01 -21.83
N HIS C 484 11.97 -9.21 -21.57
CA HIS C 484 11.72 -10.15 -22.65
C HIS C 484 10.38 -9.92 -23.34
N GLU C 485 9.36 -9.46 -22.60
CA GLU C 485 8.02 -9.40 -23.14
C GLU C 485 7.27 -8.18 -22.59
N ALA C 486 6.29 -7.71 -23.36
CA ALA C 486 5.43 -6.62 -22.97
C ALA C 486 3.99 -7.13 -22.85
N HIS C 487 3.38 -6.87 -21.70
CA HIS C 487 2.01 -7.31 -21.43
C HIS C 487 1.02 -6.19 -21.77
N LYS C 488 -0.26 -6.56 -21.85
CA LYS C 488 -1.31 -5.56 -22.08
C LYS C 488 -1.27 -4.50 -20.99
N GLY C 489 -1.17 -3.25 -21.40
CA GLY C 489 -1.12 -2.13 -20.47
C GLY C 489 0.28 -1.65 -20.14
N GLN C 490 1.30 -2.36 -20.59
CA GLN C 490 2.67 -1.90 -20.44
C GLN C 490 2.97 -0.80 -21.45
N ILE C 491 3.79 0.17 -21.04
CA ILE C 491 4.43 1.10 -21.95
C ILE C 491 5.93 0.88 -21.84
N VAL C 492 6.59 0.67 -22.99
CA VAL C 492 7.96 0.20 -23.04
C VAL C 492 8.69 0.89 -24.18
N LEU C 493 10.00 0.64 -24.25
CA LEU C 493 10.83 1.10 -25.35
C LEU C 493 11.14 -0.08 -26.28
N ILE C 494 11.05 0.16 -27.59
CA ILE C 494 11.21 -0.88 -28.59
C ILE C 494 12.29 -0.48 -29.59
N LYS C 495 13.04 -1.48 -30.06
CA LYS C 495 14.09 -1.29 -31.04
C LYS C 495 13.75 -2.00 -32.34
N GLY C 496 14.10 -1.39 -33.47
CA GLY C 496 13.88 -1.96 -34.78
C GLY C 496 12.68 -1.40 -35.52
N ILE C 497 11.68 -0.85 -34.82
CA ILE C 497 10.43 -0.48 -35.48
C ILE C 497 10.41 0.98 -35.90
N SER C 498 11.42 1.76 -35.53
CA SER C 498 11.47 3.19 -35.82
C SER C 498 11.82 3.50 -37.27
N SER C 499 11.81 2.51 -38.16
CA SER C 499 12.15 2.73 -39.56
C SER C 499 10.94 2.54 -40.48
N ALA C 500 9.74 2.44 -39.93
CA ALA C 500 8.52 2.25 -40.71
C ALA C 500 7.49 3.34 -40.44
N TYR C 501 7.86 4.35 -39.67
CA TYR C 501 7.01 5.50 -39.41
C TYR C 501 7.89 6.71 -39.16
N ILE C 502 7.29 7.89 -39.27
CA ILE C 502 8.05 9.13 -39.09
C ILE C 502 7.80 9.69 -37.69
N LYS C 503 6.55 10.03 -37.38
CA LYS C 503 6.23 10.69 -36.12
C LYS C 503 5.50 9.81 -35.12
N SER C 504 4.56 8.99 -35.59
CA SER C 504 3.86 8.04 -34.74
C SER C 504 3.16 7.02 -35.63
N ALA C 505 2.88 5.86 -35.08
CA ALA C 505 2.28 4.78 -35.86
C ALA C 505 1.36 3.95 -34.98
N THR C 506 0.78 2.91 -35.57
CA THR C 506 -0.04 1.94 -34.85
C THR C 506 0.54 0.54 -35.08
N LEU C 507 0.97 -0.10 -34.00
CA LEU C 507 1.55 -1.44 -34.05
C LEU C 507 0.47 -2.48 -33.86
N TYR C 508 0.64 -3.62 -34.54
CA TYR C 508 -0.25 -4.76 -34.37
C TYR C 508 0.39 -6.01 -34.96
N SER C 509 -0.20 -7.16 -34.63
CA SER C 509 0.16 -8.44 -35.21
C SER C 509 -1.08 -9.04 -35.86
N VAL C 510 -0.89 -9.63 -37.05
CA VAL C 510 -2.03 -10.07 -37.86
C VAL C 510 -2.85 -11.11 -37.13
N LYS C 511 -2.20 -12.15 -36.60
CA LYS C 511 -2.88 -13.29 -35.98
C LYS C 511 -3.78 -13.94 -37.03
N SER C 512 -5.10 -13.88 -36.84
CA SER C 512 -6.02 -14.53 -37.77
C SER C 512 -6.30 -13.64 -38.98
N LYS C 513 -6.82 -14.25 -40.05
CA LYS C 513 -7.21 -13.50 -41.23
C LYS C 513 -8.51 -12.73 -41.01
N GLU C 514 -9.43 -13.28 -40.22
CA GLU C 514 -10.72 -12.64 -40.05
C GLU C 514 -10.67 -11.55 -38.99
N ASP C 515 -9.76 -11.65 -38.03
CA ASP C 515 -9.51 -10.55 -37.12
C ASP C 515 -8.86 -9.36 -37.82
N MET C 516 -8.24 -9.60 -38.98
CA MET C 516 -7.60 -8.51 -39.72
C MET C 516 -8.63 -7.52 -40.27
N LYS C 517 -9.89 -7.92 -40.37
CA LYS C 517 -10.97 -7.01 -40.72
C LYS C 517 -11.54 -6.27 -39.51
N GLN C 518 -11.06 -6.60 -38.30
CA GLN C 518 -11.62 -6.06 -37.07
C GLN C 518 -10.81 -4.94 -36.46
N LEU C 519 -9.49 -4.98 -36.59
CA LEU C 519 -8.62 -4.10 -35.82
C LEU C 519 -8.79 -2.64 -36.26
N LYS C 520 -8.38 -1.73 -35.38
CA LYS C 520 -8.50 -0.30 -35.61
C LYS C 520 -7.12 0.34 -35.58
N PHE C 521 -7.02 1.51 -36.23
CA PHE C 521 -5.77 2.22 -36.37
C PHE C 521 -5.79 3.49 -35.53
N PHE C 522 -4.66 3.78 -34.89
CA PHE C 522 -4.55 4.93 -34.00
C PHE C 522 -4.54 6.24 -34.79
N LYS C 523 -5.37 7.18 -34.35
CA LYS C 523 -5.36 8.52 -34.95
C LYS C 523 -4.06 9.23 -34.61
N PRO C 524 -3.50 9.99 -35.56
CA PRO C 524 -2.26 10.73 -35.26
C PRO C 524 -2.49 11.76 -34.16
N LEU C 525 -1.47 11.94 -33.32
CA LEU C 525 -1.59 12.75 -32.12
C LEU C 525 -1.93 14.20 -32.46
N ASP C 526 -2.53 14.89 -31.49
CA ASP C 526 -2.89 16.30 -31.61
C ASP C 526 -1.92 17.06 -30.72
N TYR C 527 -0.76 17.41 -31.29
CA TYR C 527 0.19 18.25 -30.57
C TYR C 527 -0.43 19.61 -30.33
N ILE C 528 -0.48 20.02 -29.05
CA ILE C 528 -1.40 21.06 -28.62
C ILE C 528 -1.17 22.37 -29.36
N THR C 529 0.09 22.69 -29.66
CA THR C 529 0.44 23.96 -30.29
C THR C 529 0.83 23.74 -31.75
N GLU C 530 0.54 24.74 -32.58
CA GLU C 530 0.94 24.72 -33.98
C GLU C 530 2.32 25.35 -34.15
N ALA C 531 3.09 24.81 -35.08
CA ALA C 531 4.44 25.30 -35.35
C ALA C 531 4.34 26.54 -36.22
N VAL C 532 4.75 27.68 -35.67
CA VAL C 532 4.61 28.96 -36.37
C VAL C 532 5.94 29.68 -36.53
N PHE C 533 6.98 29.30 -35.79
CA PHE C 533 8.31 29.89 -35.91
C PHE C 533 9.02 29.27 -37.11
N LYS C 534 9.33 30.09 -38.12
CA LYS C 534 9.87 29.60 -39.40
C LYS C 534 11.32 30.00 -39.55
N ILE C 535 12.19 29.00 -39.76
CA ILE C 535 13.61 29.19 -40.05
C ILE C 535 13.91 28.42 -41.34
N VAL C 536 14.59 29.08 -42.28
CA VAL C 536 15.04 28.47 -43.52
C VAL C 536 16.55 28.30 -43.43
N LEU C 537 17.05 27.16 -43.86
CA LEU C 537 18.48 26.90 -43.73
C LEU C 537 19.00 26.10 -44.92
N GLN C 538 20.30 26.26 -45.19
CA GLN C 538 21.03 25.56 -46.23
C GLN C 538 22.42 25.24 -45.71
N PRO C 539 23.03 24.15 -46.18
CA PRO C 539 24.40 23.85 -45.79
C PRO C 539 25.39 24.84 -46.39
N LEU C 540 26.54 24.97 -45.73
CA LEU C 540 27.58 25.87 -46.23
C LEU C 540 28.09 25.40 -47.58
N LEU C 541 28.43 24.12 -47.68
CA LEU C 541 28.86 23.49 -48.92
C LEU C 541 27.77 22.62 -49.50
N PRO C 542 27.39 22.81 -50.77
CA PRO C 542 26.30 22.01 -51.34
C PRO C 542 26.58 20.52 -51.35
N ARG C 543 27.84 20.12 -51.28
CA ARG C 543 28.18 18.70 -51.28
C ARG C 543 27.70 18.01 -50.00
N GLU C 544 27.70 18.71 -48.87
CA GLU C 544 27.29 18.13 -47.60
C GLU C 544 25.80 18.24 -47.34
N LEU C 545 25.02 18.69 -48.32
CA LEU C 545 23.58 18.76 -48.16
C LEU C 545 22.91 17.41 -47.90
N PRO C 546 23.31 16.30 -48.55
CA PRO C 546 22.68 15.01 -48.20
C PRO C 546 22.80 14.62 -46.73
N LYS C 547 23.93 14.94 -46.09
CA LYS C 547 24.03 14.68 -44.65
C LYS C 547 22.99 15.47 -43.87
N LEU C 548 22.76 16.72 -44.27
CA LEU C 548 21.72 17.52 -43.64
C LEU C 548 20.34 16.92 -43.90
N LEU C 549 20.13 16.36 -45.09
CA LEU C 549 18.83 15.76 -45.41
C LEU C 549 18.54 14.57 -44.50
N ASP C 550 19.54 13.71 -44.30
CA ASP C 550 19.36 12.57 -43.39
C ASP C 550 19.19 13.04 -41.95
N ALA C 551 19.88 14.13 -41.57
CA ALA C 551 19.71 14.67 -40.23
C ALA C 551 18.37 15.37 -40.08
N LEU C 552 17.86 16.00 -41.15
CA LEU C 552 16.54 16.62 -41.08
C LEU C 552 15.46 15.56 -40.90
N ASN C 553 15.62 14.40 -41.54
CA ASN C 553 14.69 13.30 -41.31
C ASN C 553 14.76 12.81 -39.87
N LYS C 554 15.97 12.79 -39.29
CA LYS C 554 16.11 12.38 -37.90
C LYS C 554 15.44 13.38 -36.96
N ILE C 555 15.56 14.68 -37.26
CA ILE C 555 14.92 15.69 -36.43
C ILE C 555 13.41 15.64 -36.58
N SER C 556 12.93 15.38 -37.79
CA SER C 556 11.49 15.24 -38.00
C SER C 556 10.91 14.08 -37.20
N LYS C 557 11.72 13.06 -36.93
CA LYS C 557 11.27 11.95 -36.09
C LYS C 557 11.38 12.28 -34.61
N TYR C 558 12.48 12.93 -34.22
CA TYR C 558 12.77 13.14 -32.80
C TYR C 558 11.95 14.26 -32.20
N TYR C 559 11.67 15.31 -32.99
CA TYR C 559 10.86 16.44 -32.53
C TYR C 559 9.49 16.34 -33.17
N PRO C 560 8.48 15.79 -32.48
CA PRO C 560 7.16 15.64 -33.10
C PRO C 560 6.50 16.97 -33.43
N GLY C 561 6.78 18.03 -32.67
CA GLY C 561 6.21 19.32 -32.97
C GLY C 561 6.79 19.96 -34.22
N VAL C 562 8.04 19.64 -34.56
CA VAL C 562 8.68 20.27 -35.71
C VAL C 562 8.01 19.80 -37.00
N ILE C 563 7.88 20.71 -37.95
CA ILE C 563 7.41 20.41 -39.29
C ILE C 563 8.49 20.85 -40.27
N ILE C 564 9.05 19.90 -41.00
CA ILE C 564 10.14 20.15 -41.94
C ILE C 564 9.61 19.87 -43.35
N LYS C 565 9.71 20.86 -44.23
CA LYS C 565 9.29 20.69 -45.61
C LYS C 565 10.27 21.42 -46.51
N VAL C 566 10.29 21.03 -47.79
CA VAL C 566 11.17 21.62 -48.79
C VAL C 566 10.34 22.43 -49.78
N GLU C 567 10.73 23.69 -49.97
CA GLU C 567 10.09 24.60 -50.91
C GLU C 567 10.57 24.34 -52.34
N GLU C 568 9.73 24.76 -53.30
CA GLU C 568 10.05 24.54 -54.71
C GLU C 568 11.40 25.12 -55.10
N SER C 569 11.86 26.15 -54.40
CA SER C 569 13.17 26.73 -54.69
C SER C 569 14.28 25.72 -54.44
N GLY C 570 14.11 24.87 -53.44
CA GLY C 570 15.13 23.95 -52.99
C GLY C 570 15.54 24.15 -51.54
N GLU C 571 15.07 25.21 -50.90
CA GLU C 571 15.46 25.48 -49.52
C GLU C 571 14.66 24.57 -48.60
N HIS C 572 15.16 24.41 -47.38
CA HIS C 572 14.48 23.64 -46.35
C HIS C 572 14.02 24.59 -45.25
N VAL C 573 12.79 24.45 -44.81
CA VAL C 573 12.23 25.32 -43.79
C VAL C 573 12.03 24.50 -42.53
N ILE C 574 12.24 25.12 -41.37
CA ILE C 574 12.03 24.46 -40.09
C ILE C 574 10.93 25.22 -39.36
N LEU C 575 9.86 24.51 -39.00
CA LEU C 575 8.74 25.11 -38.29
C LEU C 575 8.71 24.56 -36.87
N GLY C 576 8.99 25.44 -35.91
CA GLY C 576 8.90 25.11 -34.50
C GLY C 576 7.96 26.09 -33.80
N ASN C 577 7.84 25.89 -32.50
CA ASN C 577 7.00 26.73 -31.64
C ASN C 577 7.87 27.31 -30.53
N GLY C 578 8.49 28.44 -30.82
CA GLY C 578 9.27 29.19 -29.85
C GLY C 578 10.75 29.21 -30.19
N GLU C 579 11.47 30.14 -29.56
CA GLU C 579 12.91 30.26 -29.75
C GLU C 579 13.63 29.05 -29.16
N LEU C 580 13.32 28.69 -27.92
CA LEU C 580 13.98 27.58 -27.25
C LEU C 580 13.83 26.30 -28.06
N TYR C 581 12.64 26.07 -28.61
CA TYR C 581 12.40 24.91 -29.45
C TYR C 581 13.38 24.88 -30.62
N MET C 582 13.54 26.01 -31.30
CA MET C 582 14.47 26.08 -32.43
C MET C 582 15.91 25.92 -31.98
N ASP C 583 16.33 26.71 -30.99
CA ASP C 583 17.71 26.65 -30.51
C ASP C 583 18.10 25.25 -30.05
N CYS C 584 17.14 24.46 -29.57
CA CYS C 584 17.45 23.10 -29.13
C CYS C 584 17.68 22.16 -30.30
N LEU C 585 16.83 22.23 -31.33
CA LEU C 585 16.98 21.33 -32.46
C LEU C 585 18.21 21.66 -33.30
N LEU C 586 18.58 22.93 -33.39
CA LEU C 586 19.75 23.32 -34.17
C LEU C 586 21.03 22.73 -33.58
N TYR C 587 21.21 22.87 -32.26
CA TYR C 587 22.35 22.22 -31.60
C TYR C 587 22.39 20.74 -31.92
N ASP C 588 21.26 20.04 -31.76
CA ASP C 588 21.18 18.65 -32.16
C ASP C 588 21.53 18.48 -33.64
N LEU C 589 21.02 19.37 -34.48
CA LEU C 589 21.34 19.30 -35.91
C LEU C 589 22.82 19.56 -36.16
N ARG C 590 23.41 20.49 -35.41
CA ARG C 590 24.78 20.91 -35.67
C ARG C 590 25.80 20.05 -34.94
N ALA C 591 25.56 19.71 -33.68
CA ALA C 591 26.54 19.03 -32.84
C ALA C 591 26.31 17.53 -32.73
N SER C 592 25.36 16.97 -33.48
CA SER C 592 25.08 15.55 -33.32
C SER C 592 24.70 14.86 -34.63
N TYR C 593 23.56 15.26 -35.20
CA TYR C 593 22.98 14.49 -36.30
C TYR C 593 23.59 14.83 -37.66
N ALA C 594 24.08 16.05 -37.85
CA ALA C 594 24.68 16.41 -39.14
C ALA C 594 26.14 16.77 -39.03
N LYS C 595 26.54 17.55 -38.02
CA LYS C 595 27.94 17.94 -37.81
C LYS C 595 28.52 18.66 -39.03
N ILE C 596 27.84 19.75 -39.40
CA ILE C 596 28.23 20.57 -40.55
C ILE C 596 28.13 22.04 -40.16
N GLU C 597 28.79 22.90 -40.93
CA GLU C 597 28.51 24.32 -40.86
C GLU C 597 27.15 24.57 -41.48
N ILE C 598 26.28 25.27 -40.77
CA ILE C 598 24.92 25.50 -41.23
C ILE C 598 24.70 27.01 -41.30
N LYS C 599 23.96 27.42 -42.32
CA LYS C 599 23.59 28.83 -42.51
C LYS C 599 22.08 28.94 -42.47
N ILE C 600 21.58 29.82 -41.61
CA ILE C 600 20.15 29.94 -41.34
C ILE C 600 19.76 31.41 -41.45
N SER C 601 18.45 31.65 -41.50
CA SER C 601 17.91 32.98 -41.64
C SER C 601 17.55 33.54 -40.26
N ASP C 602 17.05 34.77 -40.26
CA ASP C 602 16.43 35.32 -39.07
C ASP C 602 15.07 34.66 -38.85
N PRO C 603 14.53 34.76 -37.63
CA PRO C 603 13.21 34.18 -37.37
C PRO C 603 12.16 34.69 -38.34
N LEU C 604 11.30 33.78 -38.78
CA LEU C 604 10.25 34.08 -39.74
C LEU C 604 8.95 33.49 -39.26
N THR C 605 7.95 33.43 -40.15
CA THR C 605 6.65 32.91 -39.79
C THR C 605 6.04 32.21 -41.00
N VAL C 606 5.02 31.40 -40.74
CA VAL C 606 4.14 30.92 -41.80
C VAL C 606 2.98 31.92 -41.92
N PHE C 607 2.77 32.42 -43.12
CA PHE C 607 1.69 33.37 -43.36
C PHE C 607 0.44 32.62 -43.80
N SER C 608 -0.70 33.32 -43.72
CA SER C 608 -1.94 32.84 -44.27
C SER C 608 -2.54 33.95 -45.13
N GLU C 609 -3.00 33.59 -46.31
CA GLU C 609 -3.56 34.55 -47.24
C GLU C 609 -5.04 34.28 -47.43
N SER C 610 -5.82 35.36 -47.46
CA SER C 610 -7.27 35.25 -47.53
C SER C 610 -7.82 36.54 -48.13
N CYS C 611 -9.14 36.61 -48.21
CA CYS C 611 -9.85 37.76 -48.75
C CYS C 611 -10.66 38.44 -47.65
N SER C 612 -11.02 39.70 -47.90
CA SER C 612 -11.84 40.45 -46.95
C SER C 612 -13.11 41.00 -47.57
N ASN C 613 -13.49 40.54 -48.76
CA ASN C 613 -14.71 41.00 -49.40
C ASN C 613 -15.20 39.95 -50.39
N GLU C 614 -16.39 40.20 -50.95
CA GLU C 614 -17.04 39.22 -51.82
C GLU C 614 -16.54 39.29 -53.26
N SER C 615 -16.11 40.47 -53.71
CA SER C 615 -15.57 40.73 -55.05
C SER C 615 -16.64 40.88 -56.13
N PHE C 616 -16.19 41.14 -57.34
CA PHE C 616 -17.06 41.27 -58.51
C PHE C 616 -17.24 39.95 -59.23
N ALA C 617 -16.34 38.99 -59.01
CA ALA C 617 -16.36 37.66 -59.62
C ALA C 617 -16.17 37.68 -61.13
N SER C 618 -15.49 36.68 -61.67
CA SER C 618 -15.26 36.62 -63.10
C SER C 618 -15.13 35.15 -63.52
N ILE C 619 -14.77 34.94 -64.79
CA ILE C 619 -14.61 33.60 -65.35
C ILE C 619 -13.26 33.58 -66.04
N PRO C 620 -12.32 32.69 -65.67
CA PRO C 620 -11.09 32.57 -66.46
C PRO C 620 -11.35 32.11 -67.90
N GLY C 635 -11.65 24.91 -75.41
CA GLY C 635 -11.73 24.12 -74.18
C GLY C 635 -12.87 24.55 -73.28
N LEU C 636 -12.66 24.44 -71.96
CA LEU C 636 -13.65 24.83 -70.97
C LEU C 636 -12.99 25.69 -69.90
N SER C 637 -13.84 26.40 -69.16
CA SER C 637 -13.40 27.20 -68.02
C SER C 637 -14.53 27.23 -66.99
N ILE C 638 -14.15 27.48 -65.74
CA ILE C 638 -15.07 27.43 -64.60
C ILE C 638 -14.91 28.70 -63.77
N SER C 639 -15.94 29.01 -63.00
CA SER C 639 -16.01 30.26 -62.25
C SER C 639 -16.28 30.00 -60.79
N VAL C 640 -15.45 30.59 -59.92
CA VAL C 640 -15.70 30.58 -58.48
C VAL C 640 -15.42 31.97 -57.94
N ALA C 641 -16.19 32.35 -56.93
CA ALA C 641 -15.98 33.60 -56.21
C ALA C 641 -15.70 33.29 -54.75
N ALA C 642 -14.87 34.11 -54.13
CA ALA C 642 -14.43 33.90 -52.76
C ALA C 642 -14.88 35.05 -51.88
N GLU C 643 -15.32 34.71 -50.67
CA GLU C 643 -15.75 35.67 -49.67
C GLU C 643 -15.23 35.24 -48.32
N PRO C 644 -15.05 36.17 -47.37
CA PRO C 644 -14.59 35.79 -46.04
C PRO C 644 -15.60 34.89 -45.34
N MET C 645 -15.09 33.83 -44.72
CA MET C 645 -15.95 33.01 -43.88
C MET C 645 -16.39 33.80 -42.66
N ASP C 646 -17.54 33.42 -42.10
CA ASP C 646 -18.03 34.09 -40.90
C ASP C 646 -17.08 33.86 -39.74
N SER C 647 -16.89 34.91 -38.93
CA SER C 647 -15.88 34.89 -37.88
C SER C 647 -16.14 33.78 -36.86
N LYS C 648 -17.39 33.63 -36.41
CA LYS C 648 -17.70 32.58 -35.44
C LYS C 648 -17.40 31.21 -36.00
N MET C 649 -17.67 31.01 -37.29
CA MET C 649 -17.42 29.72 -37.92
C MET C 649 -15.93 29.42 -38.00
N ILE C 650 -15.10 30.43 -38.19
CA ILE C 650 -13.65 30.23 -38.21
C ILE C 650 -13.15 29.72 -36.87
N GLN C 651 -13.65 30.30 -35.78
CA GLN C 651 -13.23 29.86 -34.45
C GLN C 651 -13.54 28.40 -34.22
N ASP C 652 -14.79 28.00 -34.48
CA ASP C 652 -15.21 26.61 -34.26
C ASP C 652 -14.37 25.64 -35.08
N LEU C 653 -14.07 26.00 -36.34
CA LEU C 653 -13.26 25.11 -37.18
C LEU C 653 -11.83 24.98 -36.67
N SER C 654 -11.31 26.02 -36.00
CA SER C 654 -9.99 25.90 -35.39
C SER C 654 -9.99 24.90 -34.25
N ARG C 655 -11.13 24.72 -33.59
CA ARG C 655 -11.27 23.74 -32.50
C ARG C 655 -11.82 22.40 -32.97
N ASN C 656 -12.01 22.22 -34.27
CA ASN C 656 -12.47 20.94 -34.85
C ASN C 656 -13.85 20.54 -34.33
N THR C 657 -14.66 21.52 -33.93
CA THR C 657 -16.01 21.26 -33.44
C THR C 657 -16.97 22.24 -34.10
N LEU C 658 -18.17 21.75 -34.42
CA LEU C 658 -19.16 22.52 -35.15
C LEU C 658 -20.45 22.62 -34.35
N GLY C 659 -20.93 23.84 -34.13
CA GLY C 659 -22.14 24.02 -33.35
C GLY C 659 -21.89 24.41 -31.91
N LYS C 660 -22.98 24.31 -31.14
CA LYS C 660 -23.02 24.76 -29.75
C LYS C 660 -24.03 23.95 -28.95
N ASN C 663 -23.55 19.40 -28.48
CA ASN C 663 -23.97 19.06 -29.84
C ASN C 663 -22.98 19.55 -30.88
N CYS C 664 -21.99 18.71 -31.18
CA CYS C 664 -20.93 19.06 -32.12
C CYS C 664 -20.64 17.86 -33.00
N LEU C 665 -20.05 18.13 -34.15
CA LEU C 665 -19.74 17.10 -35.14
C LEU C 665 -18.25 17.15 -35.47
N ASP C 666 -17.61 15.99 -35.40
CA ASP C 666 -16.20 15.88 -35.73
C ASP C 666 -15.95 16.18 -37.21
N ILE C 667 -14.89 16.94 -37.49
CA ILE C 667 -14.62 17.38 -38.85
C ILE C 667 -14.41 16.19 -39.79
N ASP C 668 -13.84 15.11 -39.27
CA ASP C 668 -13.57 13.93 -40.11
C ASP C 668 -14.87 13.33 -40.64
N GLY C 669 -15.91 13.32 -39.82
CA GLY C 669 -17.17 12.73 -40.25
C GLY C 669 -18.24 13.74 -40.60
N ILE C 670 -17.84 14.99 -40.85
CA ILE C 670 -18.80 16.02 -41.23
C ILE C 670 -19.33 15.74 -42.63
N MET C 671 -18.46 15.30 -43.53
CA MET C 671 -18.87 15.01 -44.90
C MET C 671 -19.79 13.80 -44.98
N ASP C 672 -19.66 12.85 -44.05
CA ASP C 672 -20.42 11.61 -44.16
C ASP C 672 -21.89 11.79 -43.77
N ASN C 673 -22.22 12.78 -42.93
CA ASN C 673 -23.59 12.99 -42.45
C ASN C 673 -24.08 14.36 -42.89
N PRO C 674 -24.58 14.48 -44.12
CA PRO C 674 -25.01 15.79 -44.63
C PRO C 674 -26.33 16.29 -44.07
N ARG C 675 -27.30 15.39 -43.86
CA ARG C 675 -28.63 15.82 -43.43
C ARG C 675 -28.59 16.54 -42.10
N LYS C 676 -27.94 15.94 -41.10
CA LYS C 676 -27.83 16.60 -39.81
C LYS C 676 -26.98 17.86 -39.91
N LEU C 677 -25.97 17.83 -40.78
CA LEU C 677 -25.10 19.00 -41.00
C LEU C 677 -25.89 20.20 -41.49
N SER C 678 -26.74 19.99 -42.50
CA SER C 678 -27.50 21.10 -43.08
C SER C 678 -28.35 21.80 -42.02
N LYS C 679 -28.96 21.02 -41.13
CA LYS C 679 -29.76 21.63 -40.06
C LYS C 679 -28.88 22.45 -39.12
N ILE C 680 -27.71 21.91 -38.75
CA ILE C 680 -26.82 22.63 -37.84
C ILE C 680 -26.32 23.93 -38.47
N LEU C 681 -26.07 23.89 -39.78
CA LEU C 681 -25.59 25.10 -40.46
C LEU C 681 -26.64 26.20 -40.44
N ARG C 682 -27.91 25.83 -40.65
CA ARG C 682 -28.98 26.83 -40.66
C ARG C 682 -29.30 27.32 -39.25
N THR C 683 -29.22 26.43 -38.26
CA THR C 683 -29.66 26.78 -36.91
C THR C 683 -28.60 27.54 -36.14
N GLU C 684 -27.36 27.03 -36.14
CA GLU C 684 -26.34 27.61 -35.28
C GLU C 684 -25.70 28.85 -35.89
N TYR C 685 -25.53 28.87 -37.21
CA TYR C 685 -24.82 29.95 -37.88
C TYR C 685 -25.69 30.84 -38.75
N GLY C 686 -26.92 30.43 -39.05
CA GLY C 686 -27.82 31.28 -39.81
C GLY C 686 -27.68 31.19 -41.32
N TRP C 687 -27.18 30.07 -41.84
CA TRP C 687 -27.11 29.90 -43.28
C TRP C 687 -28.50 29.80 -43.87
N ASP C 688 -28.64 30.27 -45.12
CA ASP C 688 -29.93 30.17 -45.78
C ASP C 688 -30.23 28.71 -46.13
N SER C 689 -31.49 28.46 -46.50
CA SER C 689 -31.95 27.09 -46.70
C SER C 689 -31.26 26.43 -47.88
N LEU C 690 -31.22 27.10 -49.02
CA LEU C 690 -30.70 26.48 -50.24
C LEU C 690 -29.21 26.16 -50.12
N ALA C 691 -28.46 27.06 -49.47
CA ALA C 691 -27.02 26.87 -49.37
C ALA C 691 -26.66 25.69 -48.47
N SER C 692 -27.45 25.47 -47.41
CA SER C 692 -27.13 24.45 -46.42
C SER C 692 -27.01 23.07 -47.06
N ARG C 693 -27.95 22.72 -47.95
CA ARG C 693 -27.85 21.44 -48.63
C ARG C 693 -26.68 21.43 -49.61
N ASN C 694 -26.31 22.59 -50.13
CA ASN C 694 -25.32 22.68 -51.19
C ASN C 694 -23.88 22.63 -50.69
N VAL C 695 -23.67 22.60 -49.37
CA VAL C 695 -22.32 22.53 -48.83
C VAL C 695 -21.66 21.21 -49.22
N TRP C 696 -20.40 21.27 -49.61
CA TRP C 696 -19.69 20.08 -50.09
C TRP C 696 -18.58 19.61 -49.17
N SER C 697 -17.66 20.48 -48.75
CA SER C 697 -16.51 20.02 -48.00
C SER C 697 -15.90 21.16 -47.18
N PHE C 698 -15.06 20.77 -46.22
CA PHE C 698 -14.33 21.68 -45.36
C PHE C 698 -12.84 21.30 -45.38
N TYR C 699 -11.97 22.31 -45.34
CA TYR C 699 -10.53 22.05 -45.36
C TYR C 699 -9.78 23.24 -44.79
N ASN C 700 -9.12 23.03 -43.64
CA ASN C 700 -8.21 24.01 -43.03
C ASN C 700 -8.87 25.37 -42.85
N GLY C 701 -10.04 25.35 -42.21
CA GLY C 701 -10.75 26.59 -41.92
C GLY C 701 -11.44 27.21 -43.11
N ASN C 702 -11.56 26.49 -44.22
CA ASN C 702 -12.21 26.98 -45.42
C ASN C 702 -13.25 25.97 -45.87
N VAL C 703 -14.35 26.48 -46.44
CA VAL C 703 -15.45 25.65 -46.90
C VAL C 703 -15.62 25.89 -48.40
N LEU C 704 -15.97 24.84 -49.13
CA LEU C 704 -16.27 24.92 -50.56
C LEU C 704 -17.74 24.59 -50.75
N ILE C 705 -18.56 25.61 -50.94
CA ILE C 705 -19.97 25.43 -51.18
C ILE C 705 -20.23 25.45 -52.68
N ASN C 706 -21.36 24.87 -53.08
CA ASN C 706 -21.73 24.75 -54.49
C ASN C 706 -22.91 25.67 -54.75
N ASP C 707 -22.64 26.82 -55.39
CA ASP C 707 -23.68 27.80 -55.69
C ASP C 707 -23.96 27.87 -57.19
N THR C 708 -23.92 26.73 -57.87
CA THR C 708 -24.33 26.65 -59.26
C THR C 708 -25.84 26.42 -59.34
N LEU C 709 -26.40 26.76 -60.50
CA LEU C 709 -27.84 26.67 -60.70
C LEU C 709 -28.23 25.29 -61.21
N PRO C 710 -29.36 24.75 -60.74
CA PRO C 710 -29.72 23.37 -61.08
C PRO C 710 -30.19 23.18 -62.52
N ASP C 711 -30.52 24.25 -63.24
CA ASP C 711 -30.97 24.16 -64.62
C ASP C 711 -29.96 24.74 -65.59
N GLU C 712 -28.69 24.57 -65.28
CA GLU C 712 -27.57 24.82 -66.19
C GLU C 712 -26.62 23.64 -66.28
N ILE C 713 -26.37 22.96 -65.16
CA ILE C 713 -25.57 21.74 -65.12
C ILE C 713 -26.34 20.71 -64.33
N SER C 714 -26.56 19.54 -64.92
CA SER C 714 -27.34 18.50 -64.27
C SER C 714 -26.63 18.04 -63.00
N PRO C 715 -27.33 17.96 -61.86
CA PRO C 715 -26.70 17.42 -60.65
C PRO C 715 -26.12 16.03 -60.86
N GLU C 716 -26.66 15.26 -61.80
CA GLU C 716 -26.05 13.99 -62.16
C GLU C 716 -24.70 14.19 -62.81
N LEU C 717 -24.62 15.09 -63.79
CA LEU C 717 -23.34 15.37 -64.44
C LEU C 717 -22.34 15.97 -63.46
N LEU C 718 -22.81 16.83 -62.56
CA LEU C 718 -21.92 17.47 -61.61
C LEU C 718 -21.45 16.51 -60.52
N SER C 719 -22.26 15.49 -60.20
CA SER C 719 -21.91 14.59 -59.10
C SER C 719 -20.61 13.84 -59.37
N LYS C 720 -20.44 13.30 -60.58
CA LYS C 720 -19.24 12.56 -60.89
C LYS C 720 -18.00 13.45 -60.90
N TYR C 721 -18.15 14.71 -61.28
CA TYR C 721 -17.04 15.65 -61.32
C TYR C 721 -16.79 16.36 -60.00
N LYS C 722 -17.64 16.13 -58.99
CA LYS C 722 -17.51 16.86 -57.74
C LYS C 722 -16.22 16.50 -57.01
N GLU C 723 -15.85 15.21 -57.04
CA GLU C 723 -14.65 14.77 -56.32
C GLU C 723 -13.39 15.42 -56.89
N GLN C 724 -13.34 15.59 -58.22
CA GLN C 724 -12.19 16.26 -58.82
C GLN C 724 -12.21 17.76 -58.54
N ILE C 725 -13.38 18.37 -58.49
CA ILE C 725 -13.49 19.79 -58.12
C ILE C 725 -12.92 20.00 -56.72
N ILE C 726 -13.19 19.08 -55.80
CA ILE C 726 -12.64 19.17 -54.45
C ILE C 726 -11.12 19.10 -54.48
N GLN C 727 -10.57 18.21 -55.32
CA GLN C 727 -9.12 18.02 -55.35
C GLN C 727 -8.40 19.29 -55.75
N GLY C 728 -8.99 20.08 -56.66
CA GLY C 728 -8.41 21.37 -56.99
C GLY C 728 -8.55 22.37 -55.87
N PHE C 729 -9.71 22.37 -55.20
CA PHE C 729 -9.90 23.21 -54.02
C PHE C 729 -8.86 22.89 -52.95
N TYR C 730 -8.49 21.61 -52.81
CA TYR C 730 -7.47 21.25 -51.83
C TYR C 730 -6.10 21.76 -52.25
N TRP C 731 -5.76 21.61 -53.53
CA TRP C 731 -4.46 22.07 -54.00
C TRP C 731 -4.33 23.58 -53.93
N ALA C 732 -5.41 24.30 -54.26
CA ALA C 732 -5.37 25.76 -54.20
C ALA C 732 -5.24 26.26 -52.78
N VAL C 733 -5.98 25.67 -51.85
CA VAL C 733 -5.96 26.13 -50.47
C VAL C 733 -4.62 25.84 -49.80
N LYS C 734 -3.92 24.79 -50.25
CA LYS C 734 -2.62 24.48 -49.66
C LYS C 734 -1.60 25.57 -49.98
N GLU C 735 -1.58 26.04 -51.22
CA GLU C 735 -0.65 27.08 -51.67
C GLU C 735 -1.48 28.14 -52.39
N GLY C 736 -1.79 29.22 -51.69
CA GLY C 736 -2.62 30.27 -52.26
C GLY C 736 -1.92 31.03 -53.36
N PRO C 737 -2.67 31.89 -54.05
CA PRO C 737 -2.10 32.67 -55.16
C PRO C 737 -1.24 33.85 -54.74
N LEU C 738 -1.53 34.42 -53.56
CA LEU C 738 -0.89 35.68 -53.17
C LEU C 738 0.61 35.50 -52.92
N ALA C 739 1.02 34.37 -52.35
CA ALA C 739 2.44 34.12 -52.09
C ALA C 739 2.73 32.65 -51.84
N GLU C 740 1.90 31.77 -52.41
CA GLU C 740 2.09 30.32 -52.27
C GLU C 740 2.07 29.90 -50.80
N GLU C 741 1.25 30.59 -50.02
CA GLU C 741 1.01 30.28 -48.61
C GLU C 741 -0.40 29.74 -48.42
N PRO C 742 -0.63 28.98 -47.35
CA PRO C 742 -1.96 28.38 -47.14
C PRO C 742 -3.06 29.41 -46.99
N ILE C 743 -4.24 29.06 -47.51
CA ILE C 743 -5.42 29.92 -47.45
C ILE C 743 -6.21 29.59 -46.18
N TYR C 744 -6.72 30.61 -45.51
CA TYR C 744 -7.38 30.44 -44.23
C TYR C 744 -8.63 31.32 -44.14
N GLY C 745 -9.73 30.73 -43.67
CA GLY C 745 -10.92 31.51 -43.38
C GLY C 745 -11.62 32.10 -44.58
N VAL C 746 -11.79 31.32 -45.65
CA VAL C 746 -12.41 31.80 -46.88
C VAL C 746 -13.56 30.87 -47.24
N GLN C 747 -14.66 31.47 -47.70
CA GLN C 747 -15.85 30.74 -48.14
C GLN C 747 -15.90 30.82 -49.66
N TYR C 748 -15.54 29.74 -50.33
CA TYR C 748 -15.45 29.71 -51.78
C TYR C 748 -16.80 29.30 -52.36
N LYS C 749 -17.45 30.23 -53.06
CA LYS C 749 -18.69 29.95 -53.78
C LYS C 749 -18.35 29.50 -55.21
N LEU C 750 -18.80 28.31 -55.57
CA LEU C 750 -18.67 27.81 -56.94
C LEU C 750 -19.84 28.37 -57.74
N LEU C 751 -19.58 29.36 -58.59
CA LEU C 751 -20.66 30.07 -59.28
C LEU C 751 -21.24 29.25 -60.42
N SER C 752 -20.40 28.88 -61.39
CA SER C 752 -20.87 28.10 -62.53
C SER C 752 -19.68 27.44 -63.19
N ILE C 753 -19.97 26.40 -63.97
CA ILE C 753 -18.96 25.63 -64.70
C ILE C 753 -19.47 25.33 -66.10
N SER C 754 -18.55 24.90 -66.95
CA SER C 754 -18.85 24.52 -68.33
C SER C 754 -18.95 23.01 -68.43
N VAL C 755 -19.89 22.53 -69.24
CA VAL C 755 -20.11 21.09 -69.41
C VAL C 755 -19.87 20.66 -70.85
N PRO C 756 -18.63 20.69 -71.35
CA PRO C 756 -18.39 20.22 -72.72
C PRO C 756 -18.38 18.70 -72.79
N SER C 757 -19.19 18.15 -73.69
CA SER C 757 -19.16 16.72 -73.97
C SER C 757 -18.04 16.43 -74.96
N ASP C 758 -18.16 15.33 -75.70
CA ASP C 758 -17.30 14.97 -76.84
C ASP C 758 -15.81 14.88 -76.48
N VAL C 759 -15.51 14.58 -75.21
CA VAL C 759 -14.15 14.33 -74.75
C VAL C 759 -14.19 13.09 -73.86
N ASN C 760 -13.01 12.55 -73.56
CA ASN C 760 -12.90 11.40 -72.68
C ASN C 760 -13.01 11.83 -71.23
N ILE C 761 -13.68 11.00 -70.43
CA ILE C 761 -14.10 11.42 -69.09
C ILE C 761 -12.95 11.42 -68.09
N ASP C 762 -12.05 10.44 -68.16
CA ASP C 762 -11.04 10.32 -67.10
C ASP C 762 -9.98 11.41 -67.20
N VAL C 763 -9.63 11.85 -68.40
CA VAL C 763 -8.68 12.95 -68.52
C VAL C 763 -9.37 14.30 -68.33
N MET C 764 -10.63 14.43 -68.77
CA MET C 764 -11.40 15.63 -68.48
C MET C 764 -11.43 15.89 -66.98
N LYS C 765 -11.67 14.84 -66.19
CA LYS C 765 -11.60 14.99 -64.74
C LYS C 765 -10.18 15.35 -64.30
N SER C 766 -9.17 14.93 -65.06
CA SER C 766 -7.80 15.33 -64.75
C SER C 766 -7.57 16.79 -65.12
N GLN C 767 -8.32 17.33 -66.07
CA GLN C 767 -8.20 18.73 -66.46
C GLN C 767 -8.91 19.65 -65.48
N ILE C 768 -9.97 19.16 -64.83
CA ILE C 768 -10.76 20.00 -63.92
C ILE C 768 -9.91 20.43 -62.74
N ILE C 769 -9.06 19.54 -62.23
CA ILE C 769 -8.29 19.85 -61.03
C ILE C 769 -7.32 21.02 -61.22
N PRO C 770 -6.43 21.03 -62.22
CA PRO C 770 -5.50 22.16 -62.33
C PRO C 770 -6.18 23.51 -62.54
N LEU C 771 -7.24 23.54 -63.36
CA LEU C 771 -7.93 24.81 -63.59
C LEU C 771 -8.66 25.27 -62.34
N MET C 772 -9.23 24.35 -61.58
CA MET C 772 -9.89 24.72 -60.33
C MET C 772 -8.92 25.40 -59.38
N LYS C 773 -7.64 25.02 -59.41
CA LYS C 773 -6.63 25.76 -58.66
C LYS C 773 -6.61 27.21 -59.11
N LYS C 774 -6.46 27.44 -60.41
CA LYS C 774 -6.47 28.80 -60.95
C LYS C 774 -7.79 29.50 -60.69
N ALA C 775 -8.90 28.75 -60.69
CA ALA C 775 -10.20 29.35 -60.42
C ALA C 775 -10.23 29.98 -59.03
N CYS C 776 -9.70 29.28 -58.03
CA CYS C 776 -9.60 29.87 -56.70
C CYS C 776 -8.64 31.05 -56.69
N TYR C 777 -7.63 31.02 -57.56
CA TYR C 777 -6.64 32.11 -57.59
C TYR C 777 -7.28 33.42 -58.01
N VAL C 778 -8.15 33.40 -59.02
CA VAL C 778 -8.84 34.61 -59.42
C VAL C 778 -9.93 34.97 -58.40
N GLY C 779 -10.61 33.96 -57.85
CA GLY C 779 -11.68 34.23 -56.91
C GLY C 779 -11.21 34.95 -55.66
N LEU C 780 -10.05 34.56 -55.14
CA LEU C 780 -9.50 35.24 -53.98
C LEU C 780 -8.85 36.57 -54.35
N LEU C 781 -8.30 36.68 -55.56
CA LEU C 781 -7.66 37.91 -56.00
C LEU C 781 -8.67 38.97 -56.45
N THR C 782 -9.80 38.54 -57.02
CA THR C 782 -10.84 39.50 -57.39
C THR C 782 -11.44 40.18 -56.17
N ALA C 783 -11.30 39.59 -54.99
CA ALA C 783 -11.80 40.21 -53.76
C ALA C 783 -10.84 41.28 -53.28
N ILE C 784 -10.76 41.45 -51.97
CA ILE C 784 -9.72 42.28 -51.39
C ILE C 784 -8.76 41.31 -50.69
N PRO C 785 -7.81 40.73 -51.42
CA PRO C 785 -6.93 39.74 -50.80
C PRO C 785 -6.09 40.38 -49.71
N ILE C 786 -5.98 39.69 -48.58
CA ILE C 786 -5.26 40.19 -47.42
C ILE C 786 -4.22 39.15 -47.02
N LEU C 787 -3.29 39.58 -46.18
CA LEU C 787 -2.26 38.71 -45.63
C LEU C 787 -2.49 38.58 -44.13
N LEU C 788 -2.49 37.35 -43.63
CA LEU C 788 -2.75 37.06 -42.23
C LEU C 788 -1.48 36.51 -41.59
N GLU C 789 -1.15 37.01 -40.40
CA GLU C 789 0.00 36.55 -39.65
C GLU C 789 -0.44 35.93 -38.33
N PRO C 790 0.24 34.89 -37.86
CA PRO C 790 -0.09 34.31 -36.56
C PRO C 790 0.25 35.27 -35.43
N ILE C 791 -0.44 35.08 -34.32
CA ILE C 791 -0.24 35.90 -33.13
C ILE C 791 0.12 34.97 -31.97
N TYR C 792 1.32 35.16 -31.42
CA TYR C 792 1.68 34.52 -30.16
C TYR C 792 0.93 35.14 -29.00
N GLU C 793 0.47 34.30 -28.09
CA GLU C 793 -0.01 34.76 -26.79
C GLU C 793 1.14 34.67 -25.79
N VAL C 794 1.15 35.58 -24.83
CA VAL C 794 2.26 35.70 -23.88
C VAL C 794 1.71 35.72 -22.47
N ASP C 795 2.31 34.92 -21.58
CA ASP C 795 1.93 34.82 -20.18
C ASP C 795 3.07 35.37 -19.34
N ILE C 796 2.94 36.61 -18.88
CA ILE C 796 3.97 37.28 -18.11
C ILE C 796 3.60 37.25 -16.63
N THR C 797 4.48 36.71 -15.81
CA THR C 797 4.43 36.86 -14.36
C THR C 797 5.57 37.79 -13.95
N VAL C 798 5.23 38.96 -13.42
CA VAL C 798 6.21 39.99 -13.11
C VAL C 798 5.78 40.74 -11.86
N HIS C 799 6.76 41.17 -11.07
CA HIS C 799 6.52 41.97 -9.88
C HIS C 799 5.66 43.20 -10.20
N ALA C 800 4.94 43.68 -9.19
CA ALA C 800 3.94 44.72 -9.40
C ALA C 800 4.54 46.04 -9.87
N PRO C 801 5.51 46.64 -9.19
CA PRO C 801 6.02 47.96 -9.64
C PRO C 801 6.73 47.90 -10.98
N LEU C 802 7.03 46.73 -11.51
CA LEU C 802 7.71 46.59 -12.79
C LEU C 802 6.75 46.49 -13.97
N LEU C 803 5.46 46.71 -13.77
CA LEU C 803 4.55 46.70 -14.91
C LEU C 803 4.80 47.85 -15.89
N PRO C 804 5.14 49.08 -15.46
CA PRO C 804 5.44 50.13 -16.45
C PRO C 804 6.42 49.72 -17.54
N ILE C 805 7.57 49.15 -17.17
CA ILE C 805 8.56 48.77 -18.17
C ILE C 805 8.02 47.66 -19.08
N VAL C 806 7.09 46.83 -18.58
CA VAL C 806 6.45 45.83 -19.43
C VAL C 806 5.63 46.52 -20.52
N GLU C 807 4.87 47.55 -20.14
CA GLU C 807 4.02 48.25 -21.10
C GLU C 807 4.85 48.93 -22.17
N GLU C 808 5.96 49.56 -21.77
CA GLU C 808 6.84 50.20 -22.75
C GLU C 808 7.48 49.15 -23.66
N LEU C 809 8.02 48.07 -23.08
CA LEU C 809 8.53 46.96 -23.87
C LEU C 809 7.48 46.42 -24.82
N MET C 810 6.21 46.45 -24.42
CA MET C 810 5.13 46.03 -25.31
C MET C 810 4.97 47.02 -26.45
N LYS C 811 5.13 48.31 -26.16
CA LYS C 811 4.97 49.33 -27.19
C LYS C 811 6.06 49.23 -28.26
N LYS C 812 7.29 48.93 -27.85
CA LYS C 812 8.40 48.83 -28.80
C LYS C 812 8.15 47.74 -29.84
N ARG C 813 7.48 46.66 -29.44
CA ARG C 813 7.10 45.63 -30.41
C ARG C 813 5.82 46.05 -31.13
N ARG C 814 5.81 45.88 -32.45
CA ARG C 814 4.68 46.30 -33.26
C ARG C 814 3.49 45.37 -33.02
N GLY C 815 2.29 45.96 -33.08
CA GLY C 815 1.05 45.20 -32.97
C GLY C 815 0.93 44.36 -31.70
N SER C 816 1.48 44.84 -30.59
CA SER C 816 1.48 44.11 -29.34
C SER C 816 0.83 44.96 -28.26
N ARG C 817 -0.21 44.42 -27.63
CA ARG C 817 -0.96 45.14 -26.60
C ARG C 817 -1.19 44.23 -25.41
N ILE C 818 -1.38 44.84 -24.24
CA ILE C 818 -1.64 44.11 -23.01
C ILE C 818 -3.15 43.98 -22.82
N TYR C 819 -3.60 42.76 -22.56
CA TYR C 819 -5.02 42.51 -22.39
C TYR C 819 -5.36 42.34 -20.91
N LYS C 820 -5.73 41.13 -20.51
CA LYS C 820 -6.05 40.88 -19.11
C LYS C 820 -4.81 41.01 -18.25
N THR C 821 -5.00 41.57 -17.04
CA THR C 821 -3.95 41.71 -16.05
C THR C 821 -4.50 41.16 -14.74
N ILE C 822 -4.05 39.97 -14.35
CA ILE C 822 -4.57 39.28 -13.18
C ILE C 822 -3.63 39.49 -12.02
N LYS C 823 -4.19 39.83 -10.87
CA LYS C 823 -3.44 39.98 -9.63
C LYS C 823 -3.29 38.62 -8.97
N VAL C 824 -2.05 38.18 -8.78
CA VAL C 824 -1.80 36.89 -8.14
C VAL C 824 -2.00 37.05 -6.64
N ALA C 825 -2.86 36.23 -6.07
CA ALA C 825 -3.23 36.37 -4.66
C ALA C 825 -2.08 35.96 -3.75
N GLY C 826 -1.80 36.78 -2.74
CA GLY C 826 -0.82 36.45 -1.73
C GLY C 826 0.62 36.68 -2.11
N THR C 827 0.90 37.28 -3.26
CA THR C 827 2.26 37.56 -3.70
C THR C 827 2.29 38.97 -4.27
N PRO C 828 3.48 39.60 -4.31
CA PRO C 828 3.56 40.94 -4.92
C PRO C 828 3.56 40.93 -6.44
N LEU C 829 3.77 39.79 -7.08
CA LEU C 829 3.85 39.70 -8.53
C LEU C 829 2.47 39.43 -9.14
N LEU C 830 2.23 40.00 -10.32
CA LEU C 830 1.01 39.78 -11.07
C LEU C 830 1.25 38.90 -12.29
N GLU C 831 0.18 38.30 -12.77
CA GLU C 831 0.19 37.52 -14.00
C GLU C 831 -0.60 38.28 -15.05
N VAL C 832 0.07 38.68 -16.13
CA VAL C 832 -0.54 39.48 -17.18
C VAL C 832 -0.46 38.73 -18.51
N ARG C 833 -1.59 38.63 -19.19
CA ARG C 833 -1.70 37.97 -20.49
C ARG C 833 -1.77 39.01 -21.60
N GLY C 834 -1.07 38.74 -22.70
CA GLY C 834 -0.99 39.66 -23.81
C GLY C 834 -0.82 38.92 -25.12
N GLN C 835 -0.79 39.68 -26.21
CA GLN C 835 -0.54 39.12 -27.53
C GLN C 835 0.61 39.88 -28.19
N VAL C 836 1.48 39.15 -28.87
CA VAL C 836 2.57 39.74 -29.65
C VAL C 836 2.60 39.03 -30.99
N PRO C 837 2.75 39.75 -32.10
CA PRO C 837 2.89 39.08 -33.41
C PRO C 837 4.14 38.22 -33.43
N VAL C 838 4.01 37.05 -34.04
CA VAL C 838 5.11 36.08 -33.99
C VAL C 838 6.33 36.61 -34.72
N ILE C 839 6.12 37.30 -35.84
CA ILE C 839 7.25 37.82 -36.59
C ILE C 839 7.97 38.89 -35.78
N GLU C 840 7.26 39.57 -34.87
CA GLU C 840 7.85 40.57 -34.00
C GLU C 840 8.19 40.01 -32.62
N SER C 841 8.11 38.68 -32.46
CA SER C 841 8.35 38.05 -31.16
C SER C 841 9.82 37.73 -30.91
N ALA C 842 10.68 37.90 -31.91
CA ALA C 842 12.08 37.54 -31.78
C ALA C 842 12.74 38.32 -30.65
N GLY C 843 13.42 37.59 -29.76
CA GLY C 843 14.11 38.22 -28.65
C GLY C 843 13.25 38.96 -27.66
N PHE C 844 11.93 38.72 -27.67
CA PHE C 844 11.07 39.40 -26.70
C PHE C 844 11.22 38.79 -25.32
N GLU C 845 11.30 37.46 -25.24
CA GLU C 845 11.54 36.80 -23.96
C GLU C 845 12.81 37.31 -23.30
N THR C 846 13.87 37.52 -24.08
CA THR C 846 15.15 37.96 -23.53
C THR C 846 15.13 39.45 -23.17
N ASP C 847 14.37 40.26 -23.90
CA ASP C 847 14.18 41.66 -23.51
C ASP C 847 13.57 41.75 -22.12
N LEU C 848 12.45 41.05 -21.90
CA LEU C 848 11.71 41.20 -20.65
C LEU C 848 12.53 40.71 -19.46
N ARG C 849 13.30 39.63 -19.64
CA ARG C 849 14.11 39.11 -18.54
C ARG C 849 15.18 40.10 -18.12
N LEU C 850 15.89 40.69 -19.09
CA LEU C 850 16.97 41.62 -18.77
C LEU C 850 16.43 42.94 -18.28
N SER C 851 15.34 43.44 -18.90
CA SER C 851 14.73 44.69 -18.45
C SER C 851 14.26 44.60 -17.00
N THR C 852 13.90 43.40 -16.55
CA THR C 852 13.36 43.21 -15.21
C THR C 852 14.35 42.56 -14.25
N ASN C 853 15.58 42.28 -14.71
CA ASN C 853 16.61 41.66 -13.88
C ASN C 853 16.17 40.31 -13.33
N GLY C 854 15.32 39.60 -14.07
CA GLY C 854 14.81 38.32 -13.64
C GLY C 854 13.49 38.37 -12.90
N LEU C 855 13.12 39.53 -12.36
CA LEU C 855 11.83 39.70 -11.70
C LEU C 855 10.65 39.64 -12.68
N GLY C 856 10.93 39.54 -13.98
CA GLY C 856 9.89 39.28 -14.96
C GLY C 856 10.18 38.02 -15.75
N MET C 857 9.16 37.44 -16.36
CA MET C 857 9.30 36.22 -17.12
C MET C 857 8.05 36.05 -17.98
N CYS C 858 8.25 35.55 -19.20
CA CYS C 858 7.14 35.31 -20.11
C CYS C 858 7.41 34.06 -20.93
N GLN C 859 6.34 33.50 -21.46
CA GLN C 859 6.42 32.41 -22.42
C GLN C 859 5.41 32.66 -23.53
N LEU C 860 5.76 32.27 -24.75
CA LEU C 860 4.94 32.54 -25.92
C LEU C 860 4.43 31.22 -26.48
N TYR C 861 3.12 31.10 -26.62
CA TYR C 861 2.48 29.88 -27.10
C TYR C 861 1.57 30.20 -28.27
N PHE C 862 1.15 29.13 -28.96
CA PHE C 862 0.24 29.21 -30.09
C PHE C 862 -0.61 27.94 -30.10
N TRP C 863 -1.44 27.76 -29.07
CA TRP C 863 -2.44 26.70 -29.08
C TRP C 863 -3.85 27.22 -29.35
N HIS C 864 -4.00 28.53 -29.50
CA HIS C 864 -5.32 29.13 -29.75
C HIS C 864 -5.56 29.45 -31.22
N LYS C 865 -4.52 29.51 -32.03
CA LYS C 865 -4.62 29.81 -33.46
C LYS C 865 -5.26 31.17 -33.68
N ILE C 866 -4.49 32.23 -33.46
CA ILE C 866 -4.94 33.60 -33.68
C ILE C 866 -4.30 34.12 -34.95
N TRP C 867 -5.13 34.55 -35.90
CA TRP C 867 -4.65 35.10 -37.17
C TRP C 867 -5.23 36.51 -37.35
N ARG C 868 -4.35 37.51 -37.32
CA ARG C 868 -4.73 38.89 -37.60
C ARG C 868 -4.39 39.25 -39.04
N LYS C 869 -4.98 40.34 -39.50
CA LYS C 869 -4.64 40.87 -40.82
C LYS C 869 -3.31 41.63 -40.73
N VAL C 870 -2.41 41.36 -41.65
CA VAL C 870 -1.16 42.13 -41.72
C VAL C 870 -1.47 43.55 -42.20
N PRO C 871 -1.03 44.58 -41.49
CA PRO C 871 -1.43 45.95 -41.84
C PRO C 871 -1.01 46.37 -43.24
N GLY C 872 -1.80 47.25 -43.83
CA GLY C 872 -1.52 47.78 -45.15
C GLY C 872 -2.14 46.96 -46.26
N ASP C 873 -2.16 47.56 -47.45
CA ASP C 873 -2.64 46.86 -48.64
C ASP C 873 -1.56 45.88 -49.11
N VAL C 874 -2.01 44.79 -49.71
CA VAL C 874 -1.11 43.74 -50.16
C VAL C 874 -0.88 43.75 -51.66
N LEU C 875 -1.82 44.28 -52.45
CA LEU C 875 -1.62 44.50 -53.87
C LEU C 875 -1.00 45.84 -54.20
N ASP C 876 -0.87 46.74 -53.22
CA ASP C 876 -0.38 48.09 -53.46
C ASP C 876 1.10 48.04 -53.83
N LYS C 877 1.38 48.20 -55.13
CA LYS C 877 2.75 48.03 -55.63
C LYS C 877 3.67 49.15 -55.14
N ASP C 878 3.15 50.38 -55.05
CA ASP C 878 3.96 51.53 -54.66
C ASP C 878 4.05 51.61 -53.13
N ALA C 879 4.77 50.64 -52.57
CA ALA C 879 4.93 50.51 -51.12
C ALA C 879 6.39 50.76 -50.77
N PHE C 880 6.63 51.83 -50.00
CA PHE C 880 7.98 52.21 -49.61
C PHE C 880 8.54 51.15 -48.66
N ILE C 881 9.52 50.39 -49.15
CA ILE C 881 10.20 49.37 -48.37
C ILE C 881 11.68 49.72 -48.29
N PRO C 882 12.14 50.26 -47.16
CA PRO C 882 13.57 50.57 -47.01
C PRO C 882 14.42 49.33 -47.27
N LYS C 883 15.59 49.56 -47.88
CA LYS C 883 16.48 48.46 -48.21
C LYS C 883 17.38 48.04 -47.05
N LEU C 884 17.44 48.85 -45.99
CA LEU C 884 18.34 48.58 -44.87
C LEU C 884 17.66 48.62 -43.51
N LYS C 885 16.42 49.10 -43.42
CA LYS C 885 15.71 49.29 -42.17
C LYS C 885 14.32 48.67 -42.26
N PRO C 886 13.69 48.37 -41.12
CA PRO C 886 12.41 47.65 -41.17
C PRO C 886 11.31 48.51 -41.79
N ALA C 887 10.44 47.85 -42.56
CA ALA C 887 9.42 48.55 -43.31
C ALA C 887 8.40 49.23 -42.39
N PRO C 888 7.86 50.36 -42.82
CA PRO C 888 6.79 50.99 -42.04
C PRO C 888 5.48 50.21 -42.14
N ILE C 889 4.64 50.40 -41.13
CA ILE C 889 3.43 49.59 -40.94
C ILE C 889 2.66 49.42 -42.24
N ASN C 890 2.35 50.53 -42.92
CA ASN C 890 1.49 50.47 -44.10
C ASN C 890 2.10 49.65 -45.23
N SER C 891 3.37 49.27 -45.14
CA SER C 891 4.02 48.48 -46.17
C SER C 891 4.23 47.04 -45.75
N LEU C 892 3.81 46.66 -44.53
CA LEU C 892 4.11 45.33 -44.01
C LEU C 892 3.49 44.24 -44.86
N SER C 893 2.23 44.42 -45.29
CA SER C 893 1.60 43.43 -46.15
C SER C 893 2.39 43.25 -47.44
N ARG C 894 2.68 44.36 -48.13
CA ARG C 894 3.42 44.27 -49.39
C ARG C 894 4.84 43.75 -49.16
N ASP C 895 5.51 44.25 -48.12
CA ASP C 895 6.86 43.80 -47.82
C ASP C 895 6.88 42.30 -47.60
N PHE C 896 5.99 41.78 -46.76
CA PHE C 896 6.05 40.38 -46.37
C PHE C 896 5.83 39.45 -47.56
N VAL C 897 4.97 39.85 -48.50
CA VAL C 897 4.67 39.01 -49.66
C VAL C 897 5.80 39.04 -50.69
N MET C 898 6.37 40.21 -50.96
CA MET C 898 7.45 40.29 -51.95
C MET C 898 8.66 39.47 -51.51
N LYS C 899 9.08 39.64 -50.26
CA LYS C 899 10.21 38.87 -49.75
C LYS C 899 9.90 37.38 -49.72
N THR C 900 8.67 37.01 -49.32
CA THR C 900 8.29 35.60 -49.31
C THR C 900 8.34 34.98 -50.70
N ARG C 901 7.90 35.72 -51.72
CA ARG C 901 7.95 35.17 -53.08
C ARG C 901 9.38 35.00 -53.56
N ARG C 902 10.26 35.94 -53.21
CA ARG C 902 11.64 35.87 -53.66
C ARG C 902 12.33 34.61 -53.19
N ARG C 903 11.97 34.11 -52.01
CA ARG C 903 12.49 32.84 -51.51
C ARG C 903 12.08 31.70 -52.44
N ASP C 915 6.97 43.74 -59.05
CA ASP C 915 6.27 42.83 -59.95
C ASP C 915 5.82 41.57 -59.22
N GLY C 916 5.08 41.76 -58.12
CA GLY C 916 4.60 40.65 -57.33
C GLY C 916 3.40 39.98 -57.96
N PRO C 917 2.93 38.93 -57.30
CA PRO C 917 1.81 38.15 -57.85
C PRO C 917 0.54 38.99 -57.93
N THR C 918 -0.11 38.92 -59.09
CA THR C 918 -1.28 39.72 -59.38
C THR C 918 -2.20 38.90 -60.29
N LEU C 919 -3.37 39.47 -60.57
CA LEU C 919 -4.39 38.79 -61.36
C LEU C 919 -4.04 38.68 -62.84
N GLU C 920 -3.04 39.44 -63.31
CA GLU C 920 -2.74 39.48 -64.74
C GLU C 920 -2.36 38.12 -65.30
N LYS C 921 -1.59 37.33 -64.55
CA LYS C 921 -1.07 36.07 -65.05
C LYS C 921 -2.16 35.04 -65.33
N TYR C 922 -3.32 35.16 -64.66
CA TYR C 922 -4.32 34.11 -64.69
C TYR C 922 -5.51 34.39 -65.61
N ILE C 923 -5.72 35.64 -66.03
CA ILE C 923 -6.87 36.00 -66.84
C ILE C 923 -6.43 36.40 -68.24
N SER C 924 -7.22 35.99 -69.24
CA SER C 924 -6.97 36.35 -70.63
C SER C 924 -6.88 37.87 -70.78
N ALA C 925 -6.03 38.29 -71.73
CA ALA C 925 -5.74 39.71 -71.90
C ALA C 925 -6.97 40.54 -72.23
N GLU C 926 -7.94 39.98 -72.96
CA GLU C 926 -9.11 40.76 -73.35
C GLU C 926 -9.98 41.13 -72.17
N LEU C 927 -10.34 40.14 -71.34
CA LEU C 927 -11.20 40.41 -70.20
C LEU C 927 -10.52 41.32 -69.19
N TYR C 928 -9.21 41.16 -69.02
CA TYR C 928 -8.45 42.05 -68.12
C TYR C 928 -8.57 43.51 -68.57
N ALA C 929 -8.75 43.73 -69.87
CA ALA C 929 -8.90 45.10 -70.37
C ALA C 929 -10.23 45.71 -69.93
N GLN C 930 -11.32 44.94 -70.01
CA GLN C 930 -12.61 45.46 -69.55
C GLN C 930 -12.58 45.81 -68.07
N LEU C 931 -11.76 45.10 -67.28
CA LEU C 931 -11.62 45.45 -65.89
C LEU C 931 -10.88 46.77 -65.74
N ARG C 932 -9.89 47.02 -66.61
CA ARG C 932 -9.26 48.34 -66.65
C ARG C 932 -10.28 49.40 -67.07
N GLU C 933 -11.19 49.02 -67.98
CA GLU C 933 -12.24 49.93 -68.40
C GLU C 933 -13.29 50.08 -67.29
N ASN C 934 -13.62 49.00 -66.60
CA ASN C 934 -14.56 49.12 -65.49
C ASN C 934 -13.94 49.78 -64.26
N GLY C 935 -12.69 50.24 -64.35
CA GLY C 935 -12.02 50.88 -63.23
C GLY C 935 -11.72 50.00 -62.04
N LEU C 936 -12.12 48.73 -62.08
CA LEU C 936 -11.97 47.87 -60.92
C LEU C 936 -10.53 47.43 -60.72
N VAL C 937 -9.72 47.43 -61.78
CA VAL C 937 -8.30 47.10 -61.70
C VAL C 937 -7.53 48.22 -62.39
N PRO C 938 -6.60 48.89 -61.69
CA PRO C 938 -5.82 50.00 -62.26
C PRO C 938 -4.91 49.58 -63.42
N ASN D 63 21.39 34.06 -50.06
CA ASN D 63 20.22 34.81 -49.63
C ASN D 63 20.49 36.31 -49.63
N SER D 64 19.95 37.01 -50.62
CA SER D 64 20.23 38.43 -50.78
C SER D 64 19.39 39.25 -49.79
N ILE D 65 19.71 40.54 -49.72
CA ILE D 65 18.89 41.49 -48.95
C ILE D 65 17.49 41.57 -49.51
N ASP D 66 17.30 41.18 -50.77
CA ASP D 66 15.96 41.18 -51.36
C ASP D 66 15.06 40.09 -50.80
N ARG D 67 15.63 39.08 -50.13
CA ARG D 67 14.84 37.95 -49.63
C ARG D 67 14.49 38.06 -48.17
N VAL D 68 15.35 38.67 -47.35
CA VAL D 68 15.19 38.62 -45.90
C VAL D 68 14.17 39.66 -45.46
N ILE D 69 13.38 39.32 -44.46
CA ILE D 69 12.41 40.22 -43.86
C ILE D 69 13.05 40.77 -42.59
N PHE D 70 13.35 42.07 -42.57
CA PHE D 70 13.95 42.72 -41.42
C PHE D 70 12.85 43.36 -40.60
N ARG D 71 12.74 42.98 -39.33
CA ARG D 71 11.64 43.45 -38.49
C ARG D 71 12.14 43.87 -37.12
N VAL D 72 13.07 43.12 -36.56
CA VAL D 72 13.63 43.43 -35.24
C VAL D 72 15.14 43.20 -35.28
N PRO D 73 15.95 44.06 -34.66
CA PRO D 73 17.40 43.82 -34.62
C PRO D 73 17.74 42.74 -33.60
N ILE D 74 18.57 41.79 -34.03
CA ILE D 74 19.01 40.71 -33.14
C ILE D 74 20.13 41.22 -32.25
N ARG D 75 19.75 41.73 -31.07
CA ARG D 75 20.70 42.23 -30.08
C ARG D 75 21.78 41.21 -29.71
N SER D 76 22.89 41.70 -29.15
CA SER D 76 23.96 40.80 -28.73
C SER D 76 23.52 39.91 -27.58
N GLU D 77 22.58 40.37 -26.76
CA GLU D 77 22.10 39.54 -25.66
C GLU D 77 21.28 38.37 -26.16
N TYR D 78 20.64 38.51 -27.33
CA TYR D 78 19.94 37.38 -27.93
C TYR D 78 20.90 36.32 -28.45
N LYS D 79 22.19 36.64 -28.56
CA LYS D 79 23.18 35.70 -29.03
C LYS D 79 23.83 34.91 -27.89
N VAL D 80 23.94 35.52 -26.70
CA VAL D 80 24.38 34.78 -25.52
C VAL D 80 23.28 33.94 -24.91
N ALA D 81 22.02 34.17 -25.29
CA ALA D 81 20.89 33.41 -24.77
C ALA D 81 20.53 32.24 -25.69
N PHE D 82 20.41 32.50 -26.99
CA PHE D 82 20.08 31.48 -27.99
C PHE D 82 21.20 31.45 -29.03
N PRO D 83 22.33 30.82 -28.71
CA PRO D 83 23.49 30.83 -29.63
C PRO D 83 23.21 30.23 -30.99
N HIS D 84 22.75 28.98 -31.02
CA HIS D 84 22.63 28.27 -32.29
C HIS D 84 21.53 28.85 -33.17
N LEU D 85 20.49 29.44 -32.56
CA LEU D 85 19.41 30.00 -33.36
C LEU D 85 19.74 31.38 -33.90
N TYR D 86 20.47 32.19 -33.13
CA TYR D 86 20.71 33.57 -33.52
C TYR D 86 22.10 33.78 -34.09
N ASN D 87 22.55 32.80 -34.90
CA ASN D 87 23.68 32.95 -35.82
C ASN D 87 24.95 33.43 -35.12
N SER D 88 25.20 32.92 -33.91
CA SER D 88 26.50 33.19 -33.31
C SER D 88 27.59 32.59 -34.18
N ARG D 89 27.38 31.35 -34.65
CA ARG D 89 28.05 30.53 -35.66
C ARG D 89 29.15 29.61 -35.11
N PRO D 90 30.01 30.03 -34.18
CA PRO D 90 30.90 29.04 -33.55
C PRO D 90 30.11 27.93 -32.88
N ARG D 91 30.53 26.69 -33.13
CA ARG D 91 29.92 25.55 -32.44
C ARG D 91 30.18 25.61 -30.94
N SER D 92 31.32 26.16 -30.54
CA SER D 92 31.76 26.18 -29.14
C SER D 92 31.32 27.48 -28.47
N VAL D 93 30.01 27.57 -28.24
CA VAL D 93 29.41 28.65 -27.46
C VAL D 93 28.57 28.02 -26.36
N ARG D 94 28.66 28.58 -25.16
CA ARG D 94 27.98 27.99 -24.01
C ARG D 94 26.48 28.05 -24.17
N ILE D 95 25.84 26.91 -23.93
CA ILE D 95 24.39 26.85 -23.83
C ILE D 95 24.04 27.31 -22.42
N PRO D 96 23.26 28.38 -22.26
CA PRO D 96 23.11 28.99 -20.94
C PRO D 96 21.91 28.46 -20.18
N TRP D 97 21.96 28.67 -18.86
CA TRP D 97 20.81 28.43 -18.01
C TRP D 97 19.63 29.24 -18.54
N TYR D 98 18.54 28.55 -18.88
CA TYR D 98 17.40 29.21 -19.53
C TYR D 98 16.86 30.34 -18.67
N ASN D 99 16.30 30.03 -17.50
CA ASN D 99 15.91 31.05 -16.54
C ASN D 99 15.64 30.36 -15.20
N ASN D 100 15.24 31.17 -14.22
CA ASN D 100 14.79 30.69 -12.92
C ASN D 100 13.43 31.30 -12.61
N PRO D 101 12.55 30.56 -11.93
CA PRO D 101 11.25 31.12 -11.54
C PRO D 101 11.43 32.42 -10.76
N VAL D 102 10.59 33.40 -11.10
CA VAL D 102 10.65 34.72 -10.46
C VAL D 102 10.51 34.58 -8.94
N SER D 103 11.55 34.95 -8.22
CA SER D 103 11.57 34.82 -6.77
C SER D 103 10.93 36.04 -6.11
N CYS D 104 10.18 35.79 -5.04
CA CYS D 104 9.49 36.84 -4.28
C CYS D 104 9.76 36.59 -2.79
N ILE D 105 10.88 37.12 -2.29
CA ILE D 105 11.30 36.96 -0.91
C ILE D 105 11.05 38.26 -0.15
N ILE D 106 10.31 38.15 0.97
CA ILE D 106 9.96 39.30 1.80
C ILE D 106 10.98 39.35 2.93
N GLN D 107 11.70 40.47 3.04
CA GLN D 107 12.74 40.67 4.03
C GLN D 107 12.28 41.58 5.15
N ASN D 108 12.27 41.05 6.37
CA ASN D 108 11.92 41.83 7.56
C ASN D 108 13.11 42.66 8.05
N LEU D 117 6.02 36.35 11.57
CA LEU D 117 5.41 36.27 10.24
C LEU D 117 4.27 37.27 10.16
N PHE D 118 4.09 37.88 8.99
CA PHE D 118 3.03 38.85 8.82
C PHE D 118 2.66 38.94 7.34
N PHE D 119 1.41 39.30 7.08
CA PHE D 119 0.98 39.59 5.71
C PHE D 119 1.60 40.91 5.30
N ASP D 120 2.53 40.87 4.35
CA ASP D 120 3.24 42.08 3.96
C ASP D 120 2.36 42.93 3.04
N PRO D 121 2.25 44.23 3.28
CA PRO D 121 1.37 45.06 2.45
C PRO D 121 1.76 45.10 0.98
N SER D 122 2.98 44.68 0.62
CA SER D 122 3.36 44.67 -0.79
C SER D 122 2.62 43.60 -1.58
N LEU D 123 2.18 42.53 -0.93
CA LEU D 123 1.57 41.40 -1.63
C LEU D 123 0.05 41.53 -1.64
N ASN D 124 -0.57 41.14 -2.76
CA ASN D 124 -2.01 41.18 -3.01
C ASN D 124 -2.82 40.43 -1.97
N PRO D 125 -4.10 40.76 -1.81
CA PRO D 125 -4.95 40.04 -0.85
C PRO D 125 -5.43 38.71 -1.42
N ILE D 126 -5.93 37.88 -0.52
CA ILE D 126 -6.47 36.55 -0.85
C ILE D 126 -7.99 36.63 -0.79
N PRO D 127 -8.70 36.16 -1.83
CA PRO D 127 -10.13 36.49 -1.99
C PRO D 127 -11.03 36.29 -0.78
N HIS D 128 -11.14 35.05 -0.29
CA HIS D 128 -12.12 34.74 0.76
C HIS D 128 -11.53 35.02 2.13
N PHE D 129 -12.28 35.76 2.94
CA PHE D 129 -11.97 35.98 4.35
C PHE D 129 -10.52 36.34 4.63
N ASP D 146 -22.57 16.53 16.19
CA ASP D 146 -23.06 15.19 16.50
C ASP D 146 -21.91 14.19 16.58
N PHE D 147 -20.83 14.49 15.85
CA PHE D 147 -19.67 13.62 15.76
C PHE D 147 -18.57 14.18 16.66
N THR D 148 -17.98 13.32 17.49
CA THR D 148 -17.06 13.76 18.51
C THR D 148 -15.88 12.80 18.63
N LEU D 149 -14.78 13.34 19.13
CA LEU D 149 -13.55 12.64 19.46
C LEU D 149 -13.24 12.88 20.93
N PRO D 150 -12.34 12.07 21.54
CA PRO D 150 -11.92 12.32 22.93
C PRO D 150 -11.69 13.78 23.26
N GLU D 151 -12.07 14.17 24.49
CA GLU D 151 -11.99 15.57 24.91
C GLU D 151 -10.55 16.06 25.05
N ASP D 152 -9.59 15.14 25.23
CA ASP D 152 -8.19 15.52 25.38
C ASP D 152 -7.43 15.51 24.07
N PHE D 153 -8.06 15.07 22.97
CA PHE D 153 -7.39 15.02 21.68
C PHE D 153 -6.85 16.39 21.30
N ALA D 154 -5.65 16.42 20.74
CA ALA D 154 -4.95 17.67 20.49
C ALA D 154 -4.15 17.55 19.20
N PRO D 155 -3.84 18.67 18.55
CA PRO D 155 -3.01 18.62 17.34
C PRO D 155 -1.62 18.06 17.61
N LEU D 156 -0.88 17.85 16.52
CA LEU D 156 0.34 17.06 16.56
C LEU D 156 1.39 17.70 17.47
N LEU D 157 1.49 19.02 17.45
CA LEU D 157 2.51 19.72 18.22
C LEU D 157 1.88 20.80 19.09
N ALA D 158 0.72 20.51 19.67
CA ALA D 158 0.03 21.46 20.54
C ALA D 158 0.82 21.78 21.81
N GLU D 159 1.74 20.91 22.21
CA GLU D 159 2.50 21.15 23.43
C GLU D 159 3.31 22.43 23.35
N GLU D 160 3.89 22.71 22.18
CA GLU D 160 4.70 23.90 21.97
C GLU D 160 3.80 25.08 21.59
N GLU D 161 3.83 26.13 22.41
CA GLU D 161 2.85 27.21 22.28
C GLU D 161 3.21 28.17 21.14
N GLU D 162 4.47 28.59 21.07
CA GLU D 162 4.87 29.66 20.16
C GLU D 162 5.44 29.07 18.87
N LEU D 163 4.81 29.40 17.76
CA LEU D 163 5.35 29.02 16.45
C LEU D 163 6.70 29.68 16.19
N ILE D 164 6.89 30.89 16.70
CA ILE D 164 8.03 31.72 16.35
C ILE D 164 8.95 31.86 17.55
N LEU D 165 10.16 31.35 17.42
CA LEU D 165 11.23 31.53 18.39
C LEU D 165 11.88 32.90 18.20
N PRO D 166 12.68 33.36 19.17
CA PRO D 166 13.31 34.68 19.01
C PRO D 166 14.24 34.78 17.81
N ASN D 167 14.87 33.68 17.40
CA ASN D 167 15.85 33.72 16.32
C ASN D 167 15.32 33.12 15.02
N THR D 168 14.00 32.99 14.88
CA THR D 168 13.43 32.47 13.64
C THR D 168 13.67 33.44 12.48
N LYS D 169 13.47 34.73 12.71
CA LYS D 169 13.63 35.71 11.65
C LYS D 169 15.03 35.63 11.05
N ASP D 170 16.05 35.55 11.92
CA ASP D 170 17.43 35.47 11.46
C ASP D 170 17.70 34.19 10.71
N ALA D 171 17.20 33.05 11.22
CA ALA D 171 17.45 31.77 10.57
C ALA D 171 16.86 31.72 9.16
N MET D 172 15.71 32.36 8.97
CA MET D 172 15.12 32.40 7.64
C MET D 172 15.92 33.30 6.72
N SER D 173 16.28 34.49 7.19
CA SER D 173 17.18 35.36 6.42
C SER D 173 18.51 34.66 6.16
N LEU D 174 19.05 33.98 7.17
CA LEU D 174 20.27 33.20 6.98
C LEU D 174 20.06 32.07 5.99
N TYR D 175 18.83 31.54 5.92
CA TYR D 175 18.53 30.44 4.99
C TYR D 175 18.70 30.88 3.54
N HIS D 176 18.41 32.14 3.23
CA HIS D 176 18.49 32.68 1.88
C HIS D 176 19.87 33.25 1.54
N SER D 177 20.86 33.08 2.41
CA SER D 177 22.19 33.64 2.19
C SER D 177 22.97 32.82 1.17
N PRO D 178 24.05 33.37 0.63
CA PRO D 178 24.85 32.64 -0.36
C PRO D 178 25.77 31.61 0.30
N PHE D 179 26.58 30.96 -0.56
CA PHE D 179 27.37 29.79 -0.17
C PHE D 179 28.11 29.91 1.16
N PRO D 180 28.81 31.00 1.46
CA PRO D 180 29.54 31.06 2.74
C PRO D 180 28.66 31.08 3.97
N PHE D 181 27.68 31.98 3.99
CA PHE D 181 26.91 32.23 5.21
C PHE D 181 25.71 31.31 5.38
N ASN D 182 25.24 30.64 4.33
CA ASN D 182 24.04 29.82 4.52
C ASN D 182 24.34 28.52 5.25
N ARG D 183 25.62 28.15 5.41
CA ARG D 183 25.98 26.88 6.02
C ARG D 183 26.44 27.11 7.46
N THR D 184 25.92 26.27 8.37
CA THR D 184 26.37 26.22 9.74
C THR D 184 26.51 24.75 10.12
N LYS D 185 27.59 24.41 10.82
CA LYS D 185 27.87 23.01 11.15
C LYS D 185 26.92 22.48 12.23
N GLY D 186 25.67 22.92 12.22
CA GLY D 186 24.69 22.53 13.20
C GLY D 186 24.47 23.54 14.30
N LYS D 187 25.40 24.48 14.46
CA LYS D 187 25.29 25.47 15.53
C LYS D 187 24.06 26.35 15.32
N MET D 188 23.54 26.88 16.43
CA MET D 188 22.36 27.72 16.35
C MET D 188 22.72 29.07 15.75
N VAL D 189 21.82 29.61 14.92
CA VAL D 189 22.06 30.90 14.32
C VAL D 189 21.98 31.99 15.38
N ARG D 190 22.76 33.05 15.19
CA ARG D 190 22.82 34.15 16.13
C ARG D 190 22.55 35.46 15.40
N ALA D 191 22.01 36.43 16.13
CA ALA D 191 21.72 37.74 15.54
C ALA D 191 22.98 38.43 15.06
N GLN D 192 24.13 38.09 15.65
CA GLN D 192 25.40 38.62 15.17
C GLN D 192 25.73 38.04 13.79
N ASP D 193 25.39 36.77 13.58
CA ASP D 193 25.73 36.09 12.34
C ASP D 193 25.08 36.77 11.14
N VAL D 194 23.83 37.23 11.30
CA VAL D 194 23.16 37.95 10.23
C VAL D 194 23.72 39.35 10.09
N ALA D 195 24.13 39.97 11.19
CA ALA D 195 24.68 41.32 11.15
C ALA D 195 25.97 41.36 10.34
N LEU D 196 26.87 40.40 10.57
CA LEU D 196 28.12 40.35 9.81
C LEU D 196 27.86 40.12 8.33
N ALA D 197 26.92 39.23 8.00
CA ALA D 197 26.62 38.99 6.59
C ALA D 197 26.09 40.26 5.95
N LYS D 198 25.06 40.87 6.54
CA LYS D 198 24.48 42.09 5.98
C LYS D 198 25.53 43.20 5.90
N LYS D 199 26.39 43.29 6.91
CA LYS D 199 27.50 44.26 6.86
C LYS D 199 28.42 43.95 5.69
N TRP D 200 28.63 42.66 5.38
CA TRP D 200 29.60 42.28 4.37
C TRP D 200 29.15 42.69 2.97
N PHE D 201 27.96 42.24 2.54
CA PHE D 201 27.59 42.50 1.16
C PHE D 201 27.17 43.94 0.90
N LEU D 202 26.77 44.71 1.92
CA LEU D 202 26.56 46.13 1.66
C LEU D 202 27.88 46.84 1.42
N GLN D 203 28.92 46.41 2.13
CA GLN D 203 30.25 46.96 1.92
C GLN D 203 30.96 46.34 0.72
N HIS D 204 30.45 45.23 0.20
CA HIS D 204 31.02 44.54 -0.97
C HIS D 204 30.05 44.35 -2.11
N PRO D 205 29.02 45.23 -2.29
CA PRO D 205 27.84 44.91 -3.14
C PRO D 205 27.82 43.54 -3.80
N ASP D 206 28.23 43.51 -5.07
CA ASP D 206 28.31 42.28 -5.86
C ASP D 206 26.95 41.62 -6.01
N GLU D 207 26.88 40.54 -6.79
CA GLU D 207 25.58 39.97 -7.08
C GLU D 207 25.01 39.28 -5.84
N GLU D 208 23.75 38.88 -5.95
CA GLU D 208 22.99 38.22 -4.88
C GLU D 208 22.97 39.16 -3.68
N TYR D 209 23.38 38.70 -2.47
CA TYR D 209 23.03 39.35 -1.20
C TYR D 209 21.51 39.21 -1.19
N PRO D 210 20.80 39.64 -0.18
CA PRO D 210 19.38 39.86 -0.44
C PRO D 210 19.17 41.11 -1.27
N VAL D 211 18.97 40.98 -2.59
CA VAL D 211 18.66 42.17 -3.37
C VAL D 211 17.30 42.65 -2.85
N LYS D 212 17.31 43.70 -2.04
CA LYS D 212 16.07 44.11 -1.42
C LYS D 212 15.13 44.57 -2.52
N VAL D 213 13.84 44.20 -2.39
CA VAL D 213 12.90 44.40 -3.48
C VAL D 213 12.83 45.87 -3.87
N LYS D 214 12.65 46.76 -2.88
CA LYS D 214 12.45 48.17 -3.17
C LYS D 214 13.70 48.79 -3.78
N VAL D 215 14.89 48.35 -3.35
CA VAL D 215 16.13 48.90 -3.89
C VAL D 215 16.22 48.59 -5.39
N SER D 216 16.02 47.33 -5.76
CA SER D 216 16.02 46.96 -7.17
C SER D 216 14.86 47.64 -7.91
N TYR D 217 13.71 47.77 -7.25
CA TYR D 217 12.57 48.43 -7.88
C TYR D 217 12.95 49.85 -8.32
N GLN D 218 13.63 50.58 -7.45
CA GLN D 218 14.07 51.93 -7.78
C GLN D 218 15.06 51.93 -8.95
N LYS D 219 15.99 50.97 -8.96
CA LYS D 219 17.03 50.95 -9.98
C LYS D 219 16.46 50.64 -11.36
N LEU D 220 15.58 49.64 -11.47
CA LEU D 220 15.12 49.20 -12.78
C LEU D 220 14.14 50.20 -13.39
N LEU D 221 13.31 50.84 -12.56
CA LEU D 221 12.36 51.80 -13.08
C LEU D 221 13.07 53.02 -13.68
N LYS D 222 14.14 53.47 -13.04
CA LYS D 222 14.91 54.58 -13.59
C LYS D 222 15.82 54.12 -14.72
N ASN D 223 16.54 53.02 -14.53
CA ASN D 223 17.47 52.54 -15.56
C ASN D 223 16.79 52.23 -16.87
N TYR D 224 15.48 51.97 -16.86
CA TYR D 224 14.78 51.72 -18.13
C TYR D 224 14.47 53.02 -18.85
N VAL D 225 14.02 54.05 -18.12
CA VAL D 225 13.72 55.33 -18.76
C VAL D 225 15.01 55.97 -19.26
N LEU D 226 16.10 55.84 -18.50
CA LEU D 226 17.36 56.44 -18.89
C LEU D 226 17.96 55.75 -20.12
N ASN D 227 17.84 54.42 -20.19
CA ASN D 227 18.39 53.67 -21.31
C ASN D 227 17.57 53.89 -22.58
#